data_5QXK
# 
_entry.id   5QXK 
# 
_audit_conform.dict_name       mmcif_pdbx.dic 
_audit_conform.dict_version    5.387 
_audit_conform.dict_location   http://mmcif.pdb.org/dictionaries/ascii/mmcif_pdbx.dic 
# 
loop_
_database_2.database_id 
_database_2.database_code 
_database_2.pdbx_database_accession 
_database_2.pdbx_DOI 
PDB   5QXK         pdb_00005qxk 10.2210/pdb5qxk/pdb 
WWPDB D_1001402441 ?            ?                   
# 
loop_
_pdbx_audit_revision_history.ordinal 
_pdbx_audit_revision_history.data_content_type 
_pdbx_audit_revision_history.major_revision 
_pdbx_audit_revision_history.minor_revision 
_pdbx_audit_revision_history.revision_date 
1 'Structure model' 1 0 2020-04-08 
2 'Structure model' 1 1 2024-03-06 
# 
_pdbx_audit_revision_details.ordinal             1 
_pdbx_audit_revision_details.revision_ordinal    1 
_pdbx_audit_revision_details.data_content_type   'Structure model' 
_pdbx_audit_revision_details.provider            repository 
_pdbx_audit_revision_details.type                'Initial release' 
_pdbx_audit_revision_details.description         ? 
_pdbx_audit_revision_details.details             ? 
# 
loop_
_pdbx_audit_revision_group.ordinal 
_pdbx_audit_revision_group.revision_ordinal 
_pdbx_audit_revision_group.data_content_type 
_pdbx_audit_revision_group.group 
1 2 'Structure model' 'Data collection'     
2 2 'Structure model' 'Database references' 
# 
loop_
_pdbx_audit_revision_category.ordinal 
_pdbx_audit_revision_category.revision_ordinal 
_pdbx_audit_revision_category.data_content_type 
_pdbx_audit_revision_category.category 
1 2 'Structure model' chem_comp_atom 
2 2 'Structure model' chem_comp_bond 
3 2 'Structure model' database_2     
# 
loop_
_pdbx_audit_revision_item.ordinal 
_pdbx_audit_revision_item.revision_ordinal 
_pdbx_audit_revision_item.data_content_type 
_pdbx_audit_revision_item.item 
1 2 'Structure model' '_database_2.pdbx_DOI'                
2 2 'Structure model' '_database_2.pdbx_database_accession' 
# 
_pdbx_database_status.entry_id                        5QXK 
_pdbx_database_status.status_code                     REL 
_pdbx_database_status.status_code_sf                  REL 
_pdbx_database_status.status_code_mr                  ? 
_pdbx_database_status.status_code_cs                  ? 
_pdbx_database_status.recvd_initial_deposition_date   2020-02-11 
_pdbx_database_status.deposit_site                    RCSB 
_pdbx_database_status.process_site                    RCSB 
_pdbx_database_status.SG_entry                        ? 
_pdbx_database_status.pdb_format_compatible           Y 
_pdbx_database_status.methods_development_category    ? 
_pdbx_database_status.status_code_nmr_data            ? 
# 
loop_
_audit_author.name 
_audit_author.pdbx_ordinal 
'Snee, M.'         1 
'Talon, R.'        2 
'Fowley, D.'       3 
'Collins, P.'      4 
'Nelson, A.'       5 
'Arrowsmith, C.H.' 6 
'Bountra, C.'      7 
'Edwards, A.'      8 
'Von-Delft, F.'    9 
# 
_citation.id                        primary 
_citation.title                     'PanDDA analysis group deposition - Bromodomain of human ATAD2 fragment screening' 
_citation.journal_abbrev            'To Be Published' 
_citation.journal_volume            ? 
_citation.page_first                ? 
_citation.page_last                 ? 
_citation.year                      ? 
_citation.journal_id_ASTM           ? 
_citation.country                   ? 
_citation.journal_id_ISSN           ? 
_citation.journal_id_CSD            0353 
_citation.book_publisher            ? 
_citation.pdbx_database_id_PubMed   ? 
_citation.pdbx_database_id_DOI      ? 
# 
loop_
_citation_author.citation_id 
_citation_author.name 
_citation_author.identifier_ORCID 
_citation_author.ordinal 
primary 'Snee, M.'         ? 1 
primary 'Talon, R.'        ? 2 
primary 'Fowley, D.'       ? 3 
primary 'Collins, P.'      ? 4 
primary 'Nelson, A.'       ? 5 
primary 'Arrowsmith, C.H.' ? 6 
primary 'Bountra, C.'      ? 7 
primary 'Edwards, A.'      ? 8 
primary 'Von-Delft, F.'    ? 9 
# 
loop_
_entity.id 
_entity.type 
_entity.src_method 
_entity.pdbx_description 
_entity.formula_weight 
_entity.pdbx_number_of_molecules 
_entity.pdbx_ec 
_entity.pdbx_mutation 
_entity.pdbx_fragment 
_entity.details 
1 polymer     man 'ATPase family AAA domain-containing protein 2'                                                                 
15512.562 1   3.6.1.3 ? ? ? 
2 non-polymer syn "(3aS,8S,9aS)-2-acetyl-10-methyl-2,3,6,8,9,9a-hexahydro-3a,8-epiminocyclohepta[1,2-c:4,5-c']dipyrrol-4(1H)-one" 
259.304   1   ?       ? ? ? 
3 non-polymer syn 'SULFATE ION'                                                                                                   
96.063    2   ?       ? ? ? 
4 non-polymer syn 1,2-ETHANEDIOL                                                                                                  
62.068    4   ?       ? ? ? 
5 water       nat water                                                                                                           
18.015    227 ?       ? ? ? 
# 
_entity_name_com.entity_id   1 
_entity_name_com.name        'AAA nuclear coregulator cancer-associated protein,ANCCA' 
# 
_entity_poly.entity_id                      1 
_entity_poly.type                           'polypeptide(L)' 
_entity_poly.nstd_linkage                   no 
_entity_poly.nstd_monomer                   no 
_entity_poly.pdbx_seq_one_letter_code       
;SMQEEDTFRELRIFLRNVTHRLAIDKRFRVFTKPVDPDEVPDYRTVIKEPMDLSSVISKIDLHKYLTVKDYLRDIDLICS
NALEYNPDRDPGDRLIRHRACALRDTAYAIIKEELDEDFEQLCEEIQESR
;
_entity_poly.pdbx_seq_one_letter_code_can   
;SMQEEDTFRELRIFLRNVTHRLAIDKRFRVFTKPVDPDEVPDYRTVIKEPMDLSSVISKIDLHKYLTVKDYLRDIDLICS
NALEYNPDRDPGDRLIRHRACALRDTAYAIIKEELDEDFEQLCEEIQESR
;
_entity_poly.pdbx_strand_id                 A 
_entity_poly.pdbx_target_identifier         ? 
# 
loop_
_pdbx_entity_nonpoly.entity_id 
_pdbx_entity_nonpoly.name 
_pdbx_entity_nonpoly.comp_id 
2 "(3aS,8S,9aS)-2-acetyl-10-methyl-2,3,6,8,9,9a-hexahydro-3a,8-epiminocyclohepta[1,2-c:4,5-c']dipyrrol-4(1H)-one" RGM 
3 'SULFATE ION'                                                                                                   SO4 
4 1,2-ETHANEDIOL                                                                                                  EDO 
5 water                                                                                                           HOH 
# 
loop_
_entity_poly_seq.entity_id 
_entity_poly_seq.num 
_entity_poly_seq.mon_id 
_entity_poly_seq.hetero 
1 1   SER n 
1 2   MET n 
1 3   GLN n 
1 4   GLU n 
1 5   GLU n 
1 6   ASP n 
1 7   THR n 
1 8   PHE n 
1 9   ARG n 
1 10  GLU n 
1 11  LEU n 
1 12  ARG n 
1 13  ILE n 
1 14  PHE n 
1 15  LEU n 
1 16  ARG n 
1 17  ASN n 
1 18  VAL n 
1 19  THR n 
1 20  HIS n 
1 21  ARG n 
1 22  LEU n 
1 23  ALA n 
1 24  ILE n 
1 25  ASP n 
1 26  LYS n 
1 27  ARG n 
1 28  PHE n 
1 29  ARG n 
1 30  VAL n 
1 31  PHE n 
1 32  THR n 
1 33  LYS n 
1 34  PRO n 
1 35  VAL n 
1 36  ASP n 
1 37  PRO n 
1 38  ASP n 
1 39  GLU n 
1 40  VAL n 
1 41  PRO n 
1 42  ASP n 
1 43  TYR n 
1 44  ARG n 
1 45  THR n 
1 46  VAL n 
1 47  ILE n 
1 48  LYS n 
1 49  GLU n 
1 50  PRO n 
1 51  MET n 
1 52  ASP n 
1 53  LEU n 
1 54  SER n 
1 55  SER n 
1 56  VAL n 
1 57  ILE n 
1 58  SER n 
1 59  LYS n 
1 60  ILE n 
1 61  ASP n 
1 62  LEU n 
1 63  HIS n 
1 64  LYS n 
1 65  TYR n 
1 66  LEU n 
1 67  THR n 
1 68  VAL n 
1 69  LYS n 
1 70  ASP n 
1 71  TYR n 
1 72  LEU n 
1 73  ARG n 
1 74  ASP n 
1 75  ILE n 
1 76  ASP n 
1 77  LEU n 
1 78  ILE n 
1 79  CYS n 
1 80  SER n 
1 81  ASN n 
1 82  ALA n 
1 83  LEU n 
1 84  GLU n 
1 85  TYR n 
1 86  ASN n 
1 87  PRO n 
1 88  ASP n 
1 89  ARG n 
1 90  ASP n 
1 91  PRO n 
1 92  GLY n 
1 93  ASP n 
1 94  ARG n 
1 95  LEU n 
1 96  ILE n 
1 97  ARG n 
1 98  HIS n 
1 99  ARG n 
1 100 ALA n 
1 101 CYS n 
1 102 ALA n 
1 103 LEU n 
1 104 ARG n 
1 105 ASP n 
1 106 THR n 
1 107 ALA n 
1 108 TYR n 
1 109 ALA n 
1 110 ILE n 
1 111 ILE n 
1 112 LYS n 
1 113 GLU n 
1 114 GLU n 
1 115 LEU n 
1 116 ASP n 
1 117 GLU n 
1 118 ASP n 
1 119 PHE n 
1 120 GLU n 
1 121 GLN n 
1 122 LEU n 
1 123 CYS n 
1 124 GLU n 
1 125 GLU n 
1 126 ILE n 
1 127 GLN n 
1 128 GLU n 
1 129 SER n 
1 130 ARG n 
# 
_entity_src_gen.entity_id                          1 
_entity_src_gen.pdbx_src_id                        1 
_entity_src_gen.pdbx_alt_source_flag               sample 
_entity_src_gen.pdbx_seq_type                      'Biological sequence' 
_entity_src_gen.pdbx_beg_seq_num                   1 
_entity_src_gen.pdbx_end_seq_num                   130 
_entity_src_gen.gene_src_common_name               Human 
_entity_src_gen.gene_src_genus                     ? 
_entity_src_gen.pdbx_gene_src_gene                 'ATAD2, L16, PRO2000' 
_entity_src_gen.gene_src_species                   ? 
_entity_src_gen.gene_src_strain                    ? 
_entity_src_gen.gene_src_tissue                    ? 
_entity_src_gen.gene_src_tissue_fraction           ? 
_entity_src_gen.gene_src_details                   ? 
_entity_src_gen.pdbx_gene_src_fragment             ? 
_entity_src_gen.pdbx_gene_src_scientific_name      'Homo sapiens' 
_entity_src_gen.pdbx_gene_src_ncbi_taxonomy_id     9606 
_entity_src_gen.pdbx_gene_src_variant              ? 
_entity_src_gen.pdbx_gene_src_cell_line            ? 
_entity_src_gen.pdbx_gene_src_atcc                 ? 
_entity_src_gen.pdbx_gene_src_organ                ? 
_entity_src_gen.pdbx_gene_src_organelle            ? 
_entity_src_gen.pdbx_gene_src_cell                 ? 
_entity_src_gen.pdbx_gene_src_cellular_location    ? 
_entity_src_gen.host_org_common_name               ? 
_entity_src_gen.pdbx_host_org_scientific_name      'Escherichia coli' 
_entity_src_gen.pdbx_host_org_ncbi_taxonomy_id     562 
_entity_src_gen.host_org_genus                     ? 
_entity_src_gen.pdbx_host_org_gene                 ? 
_entity_src_gen.pdbx_host_org_organ                ? 
_entity_src_gen.host_org_species                   ? 
_entity_src_gen.pdbx_host_org_tissue               ? 
_entity_src_gen.pdbx_host_org_tissue_fraction      ? 
_entity_src_gen.pdbx_host_org_strain               ? 
_entity_src_gen.pdbx_host_org_variant              ? 
_entity_src_gen.pdbx_host_org_cell_line            ? 
_entity_src_gen.pdbx_host_org_atcc                 ? 
_entity_src_gen.pdbx_host_org_culture_collection   ? 
_entity_src_gen.pdbx_host_org_cell                 ? 
_entity_src_gen.pdbx_host_org_organelle            ? 
_entity_src_gen.pdbx_host_org_cellular_location    ? 
_entity_src_gen.pdbx_host_org_vector_type          ? 
_entity_src_gen.pdbx_host_org_vector               ? 
_entity_src_gen.host_org_details                   ? 
_entity_src_gen.expression_system_id               ? 
_entity_src_gen.plasmid_name                       ? 
_entity_src_gen.plasmid_details                    ? 
_entity_src_gen.pdbx_description                   ? 
# 
loop_
_chem_comp.id 
_chem_comp.type 
_chem_comp.mon_nstd_flag 
_chem_comp.name 
_chem_comp.pdbx_synonyms 
_chem_comp.formula 
_chem_comp.formula_weight 
ALA 'L-peptide linking' y ALANINE ?                 'C3 H7 N O2'     89.093  
ARG 'L-peptide linking' y ARGININE ?                 'C6 H15 N4 O2 1' 175.209 
ASN 'L-peptide linking' y ASPARAGINE ?                 'C4 H8 N2 O3'    132.118 
ASP 'L-peptide linking' y 'ASPARTIC ACID' ?                 'C4 H7 N O4'     133.103 
CYS 'L-peptide linking' y CYSTEINE ?                 'C3 H7 N O2 S'   121.158 
EDO non-polymer         . 1,2-ETHANEDIOL 'ETHYLENE GLYCOL' 'C2 H6 O2'       62.068  
GLN 'L-peptide linking' y GLUTAMINE ?                 'C5 H10 N2 O3'   146.144 
GLU 'L-peptide linking' y 'GLUTAMIC ACID' ?                 'C5 H9 N O4'     147.129 
GLY 'peptide linking'   y GLYCINE ?                 'C2 H5 N O2'     75.067  
HIS 'L-peptide linking' y HISTIDINE ?                 'C6 H10 N3 O2 1' 156.162 
HOH non-polymer         . WATER ?                 'H2 O'           18.015  
ILE 'L-peptide linking' y ISOLEUCINE ?                 'C6 H13 N O2'    131.173 
LEU 'L-peptide linking' y LEUCINE ?                 'C6 H13 N O2'    131.173 
LYS 'L-peptide linking' y LYSINE ?                 'C6 H15 N2 O2 1' 147.195 
MET 'L-peptide linking' y METHIONINE ?                 'C5 H11 N O2 S'  149.211 
PHE 'L-peptide linking' y PHENYLALANINE ?                 'C9 H11 N O2'    165.189 
PRO 'L-peptide linking' y PROLINE ?                 'C5 H9 N O2'     115.130 
RGM non-polymer         . 
"(3aS,8S,9aS)-2-acetyl-10-methyl-2,3,6,8,9,9a-hexahydro-3a,8-epiminocyclohepta[1,2-c:4,5-c']dipyrrol-4(1H)-one" ?                 
'C14 H17 N3 O2'  259.304 
SER 'L-peptide linking' y SERINE ?                 'C3 H7 N O3'     105.093 
SO4 non-polymer         . 'SULFATE ION' ?                 'O4 S -2'        96.063  
THR 'L-peptide linking' y THREONINE ?                 'C4 H9 N O3'     119.119 
TYR 'L-peptide linking' y TYROSINE ?                 'C9 H11 N O3'    181.189 
VAL 'L-peptide linking' y VALINE ?                 'C5 H11 N O2'    117.146 
# 
loop_
_pdbx_poly_seq_scheme.asym_id 
_pdbx_poly_seq_scheme.entity_id 
_pdbx_poly_seq_scheme.seq_id 
_pdbx_poly_seq_scheme.mon_id 
_pdbx_poly_seq_scheme.ndb_seq_num 
_pdbx_poly_seq_scheme.pdb_seq_num 
_pdbx_poly_seq_scheme.auth_seq_num 
_pdbx_poly_seq_scheme.pdb_mon_id 
_pdbx_poly_seq_scheme.auth_mon_id 
_pdbx_poly_seq_scheme.pdb_strand_id 
_pdbx_poly_seq_scheme.pdb_ins_code 
_pdbx_poly_seq_scheme.hetero 
A 1 1   SER 1   979  979  SER SER A . n 
A 1 2   MET 2   980  980  MET MET A . n 
A 1 3   GLN 3   981  981  GLN GLN A . n 
A 1 4   GLU 4   982  982  GLU GLU A . n 
A 1 5   GLU 5   983  983  GLU GLU A . n 
A 1 6   ASP 6   984  984  ASP ASP A . n 
A 1 7   THR 7   985  985  THR THR A . n 
A 1 8   PHE 8   986  986  PHE PHE A . n 
A 1 9   ARG 9   987  987  ARG ARG A . n 
A 1 10  GLU 10  988  988  GLU GLU A . n 
A 1 11  LEU 11  989  989  LEU LEU A . n 
A 1 12  ARG 12  990  990  ARG ARG A . n 
A 1 13  ILE 13  991  991  ILE ILE A . n 
A 1 14  PHE 14  992  992  PHE PHE A . n 
A 1 15  LEU 15  993  993  LEU LEU A . n 
A 1 16  ARG 16  994  994  ARG ARG A . n 
A 1 17  ASN 17  995  995  ASN ASN A . n 
A 1 18  VAL 18  996  996  VAL VAL A . n 
A 1 19  THR 19  997  997  THR THR A . n 
A 1 20  HIS 20  998  998  HIS HIS A . n 
A 1 21  ARG 21  999  999  ARG ARG A . n 
A 1 22  LEU 22  1000 1000 LEU LEU A . n 
A 1 23  ALA 23  1001 1001 ALA ALA A . n 
A 1 24  ILE 24  1002 1002 ILE ILE A . n 
A 1 25  ASP 25  1003 1003 ASP ASP A . n 
A 1 26  LYS 26  1004 1004 LYS LYS A . n 
A 1 27  ARG 27  1005 1005 ARG ARG A . n 
A 1 28  PHE 28  1006 1006 PHE PHE A . n 
A 1 29  ARG 29  1007 1007 ARG ARG A . n 
A 1 30  VAL 30  1008 1008 VAL VAL A . n 
A 1 31  PHE 31  1009 1009 PHE PHE A . n 
A 1 32  THR 32  1010 1010 THR THR A . n 
A 1 33  LYS 33  1011 1011 LYS LYS A . n 
A 1 34  PRO 34  1012 1012 PRO PRO A . n 
A 1 35  VAL 35  1013 1013 VAL VAL A . n 
A 1 36  ASP 36  1014 1014 ASP ASP A . n 
A 1 37  PRO 37  1015 1015 PRO PRO A . n 
A 1 38  ASP 38  1016 1016 ASP ASP A . n 
A 1 39  GLU 39  1017 1017 GLU GLU A . n 
A 1 40  VAL 40  1018 1018 VAL VAL A . n 
A 1 41  PRO 41  1019 1019 PRO PRO A . n 
A 1 42  ASP 42  1020 1020 ASP ASP A . n 
A 1 43  TYR 43  1021 1021 TYR TYR A . n 
A 1 44  ARG 44  1022 1022 ARG ARG A . n 
A 1 45  THR 45  1023 1023 THR THR A . n 
A 1 46  VAL 46  1024 1024 VAL VAL A . n 
A 1 47  ILE 47  1025 1025 ILE ILE A . n 
A 1 48  LYS 48  1026 1026 LYS LYS A . n 
A 1 49  GLU 49  1027 1027 GLU GLU A . n 
A 1 50  PRO 50  1028 1028 PRO PRO A . n 
A 1 51  MET 51  1029 1029 MET MET A . n 
A 1 52  ASP 52  1030 1030 ASP ASP A . n 
A 1 53  LEU 53  1031 1031 LEU LEU A . n 
A 1 54  SER 54  1032 1032 SER SER A . n 
A 1 55  SER 55  1033 1033 SER SER A . n 
A 1 56  VAL 56  1034 1034 VAL VAL A . n 
A 1 57  ILE 57  1035 1035 ILE ILE A . n 
A 1 58  SER 58  1036 1036 SER SER A . n 
A 1 59  LYS 59  1037 1037 LYS LYS A . n 
A 1 60  ILE 60  1038 1038 ILE ILE A . n 
A 1 61  ASP 61  1039 1039 ASP ASP A . n 
A 1 62  LEU 62  1040 1040 LEU LEU A . n 
A 1 63  HIS 63  1041 1041 HIS HIS A . n 
A 1 64  LYS 64  1042 1042 LYS LYS A . n 
A 1 65  TYR 65  1043 1043 TYR TYR A . n 
A 1 66  LEU 66  1044 1044 LEU LEU A . n 
A 1 67  THR 67  1045 1045 THR THR A . n 
A 1 68  VAL 68  1046 1046 VAL VAL A . n 
A 1 69  LYS 69  1047 1047 LYS LYS A . n 
A 1 70  ASP 70  1048 1048 ASP ASP A . n 
A 1 71  TYR 71  1049 1049 TYR TYR A . n 
A 1 72  LEU 72  1050 1050 LEU LEU A . n 
A 1 73  ARG 73  1051 1051 ARG ARG A . n 
A 1 74  ASP 74  1052 1052 ASP ASP A . n 
A 1 75  ILE 75  1053 1053 ILE ILE A . n 
A 1 76  ASP 76  1054 1054 ASP ASP A . n 
A 1 77  LEU 77  1055 1055 LEU LEU A . n 
A 1 78  ILE 78  1056 1056 ILE ILE A . n 
A 1 79  CYS 79  1057 1057 CYS CYS A . n 
A 1 80  SER 80  1058 1058 SER SER A . n 
A 1 81  ASN 81  1059 1059 ASN ASN A . n 
A 1 82  ALA 82  1060 1060 ALA ALA A . n 
A 1 83  LEU 83  1061 1061 LEU LEU A . n 
A 1 84  GLU 84  1062 1062 GLU GLU A . n 
A 1 85  TYR 85  1063 1063 TYR TYR A . n 
A 1 86  ASN 86  1064 1064 ASN ASN A . n 
A 1 87  PRO 87  1065 1065 PRO PRO A . n 
A 1 88  ASP 88  1066 1066 ASP ASP A . n 
A 1 89  ARG 89  1067 1067 ARG ARG A . n 
A 1 90  ASP 90  1068 1068 ASP ASP A . n 
A 1 91  PRO 91  1069 1069 PRO PRO A . n 
A 1 92  GLY 92  1070 1070 GLY GLY A . n 
A 1 93  ASP 93  1071 1071 ASP ASP A . n 
A 1 94  ARG 94  1072 1072 ARG ARG A . n 
A 1 95  LEU 95  1073 1073 LEU LEU A . n 
A 1 96  ILE 96  1074 1074 ILE ILE A . n 
A 1 97  ARG 97  1075 1075 ARG ARG A . n 
A 1 98  HIS 98  1076 1076 HIS HIS A . n 
A 1 99  ARG 99  1077 1077 ARG ARG A . n 
A 1 100 ALA 100 1078 1078 ALA ALA A . n 
A 1 101 CYS 101 1079 1079 CYS CYS A . n 
A 1 102 ALA 102 1080 1080 ALA ALA A . n 
A 1 103 LEU 103 1081 1081 LEU LEU A . n 
A 1 104 ARG 104 1082 1082 ARG ARG A . n 
A 1 105 ASP 105 1083 1083 ASP ASP A . n 
A 1 106 THR 106 1084 1084 THR THR A . n 
A 1 107 ALA 107 1085 1085 ALA ALA A . n 
A 1 108 TYR 108 1086 1086 TYR TYR A . n 
A 1 109 ALA 109 1087 1087 ALA ALA A . n 
A 1 110 ILE 110 1088 1088 ILE ILE A . n 
A 1 111 ILE 111 1089 1089 ILE ILE A . n 
A 1 112 LYS 112 1090 1090 LYS LYS A . n 
A 1 113 GLU 113 1091 1091 GLU GLU A . n 
A 1 114 GLU 114 1092 1092 GLU GLU A . n 
A 1 115 LEU 115 1093 1093 LEU LEU A . n 
A 1 116 ASP 116 1094 1094 ASP ASP A . n 
A 1 117 GLU 117 1095 1095 GLU GLU A . n 
A 1 118 ASP 118 1096 1096 ASP ASP A . n 
A 1 119 PHE 119 1097 1097 PHE PHE A . n 
A 1 120 GLU 120 1098 1098 GLU GLU A . n 
A 1 121 GLN 121 1099 1099 GLN GLN A . n 
A 1 122 LEU 122 1100 1100 LEU LEU A . n 
A 1 123 CYS 123 1101 1101 CYS CYS A . n 
A 1 124 GLU 124 1102 1102 GLU GLU A . n 
A 1 125 GLU 125 1103 1103 GLU GLU A . n 
A 1 126 ILE 126 1104 1104 ILE ILE A . n 
A 1 127 GLN 127 1105 1105 GLN GLN A . n 
A 1 128 GLU 128 1106 1106 GLU GLU A . n 
A 1 129 SER 129 1107 1107 SER SER A . n 
A 1 130 ARG 130 1108 1108 ARG ARG A . n 
# 
loop_
_pdbx_nonpoly_scheme.asym_id 
_pdbx_nonpoly_scheme.entity_id 
_pdbx_nonpoly_scheme.mon_id 
_pdbx_nonpoly_scheme.ndb_seq_num 
_pdbx_nonpoly_scheme.pdb_seq_num 
_pdbx_nonpoly_scheme.auth_seq_num 
_pdbx_nonpoly_scheme.pdb_mon_id 
_pdbx_nonpoly_scheme.auth_mon_id 
_pdbx_nonpoly_scheme.pdb_strand_id 
_pdbx_nonpoly_scheme.pdb_ins_code 
B 2 RGM 1   1201 1201 RGM LIG A . 
C 3 SO4 1   1202 1    SO4 SO4 A . 
D 3 SO4 1   1203 2    SO4 SO4 A . 
E 4 EDO 1   1204 3    EDO EDO A . 
F 4 EDO 1   1205 5    EDO EDO A . 
G 4 EDO 1   1206 6    EDO EDO A . 
H 4 EDO 1   1207 7    EDO EDO A . 
I 5 HOH 1   1301 158  HOH HOH A . 
I 5 HOH 2   1302 256  HOH HOH A . 
I 5 HOH 3   1303 128  HOH HOH A . 
I 5 HOH 4   1304 32   HOH HOH A . 
I 5 HOH 5   1305 184  HOH HOH A . 
I 5 HOH 6   1306 134  HOH HOH A . 
I 5 HOH 7   1307 200  HOH HOH A . 
I 5 HOH 8   1308 79   HOH HOH A . 
I 5 HOH 9   1309 144  HOH HOH A . 
I 5 HOH 10  1310 118  HOH HOH A . 
I 5 HOH 11  1311 68   HOH HOH A . 
I 5 HOH 12  1312 87   HOH HOH A . 
I 5 HOH 13  1313 27   HOH HOH A . 
I 5 HOH 14  1314 161  HOH HOH A . 
I 5 HOH 15  1315 59   HOH HOH A . 
I 5 HOH 16  1316 98   HOH HOH A . 
I 5 HOH 17  1317 5    HOH HOH A . 
I 5 HOH 18  1318 155  HOH HOH A . 
I 5 HOH 19  1319 129  HOH HOH A . 
I 5 HOH 20  1320 106  HOH HOH A . 
I 5 HOH 21  1321 50   HOH HOH A . 
I 5 HOH 22  1322 221  HOH HOH A . 
I 5 HOH 23  1323 113  HOH HOH A . 
I 5 HOH 24  1324 191  HOH HOH A . 
I 5 HOH 25  1325 28   HOH HOH A . 
I 5 HOH 26  1326 171  HOH HOH A . 
I 5 HOH 27  1327 64   HOH HOH A . 
I 5 HOH 28  1328 163  HOH HOH A . 
I 5 HOH 29  1329 192  HOH HOH A . 
I 5 HOH 30  1330 111  HOH HOH A . 
I 5 HOH 31  1331 34   HOH HOH A . 
I 5 HOH 32  1332 22   HOH HOH A . 
I 5 HOH 33  1333 162  HOH HOH A . 
I 5 HOH 34  1334 16   HOH HOH A . 
I 5 HOH 35  1335 189  HOH HOH A . 
I 5 HOH 36  1336 47   HOH HOH A . 
I 5 HOH 37  1337 56   HOH HOH A . 
I 5 HOH 38  1338 33   HOH HOH A . 
I 5 HOH 39  1339 107  HOH HOH A . 
I 5 HOH 40  1340 23   HOH HOH A . 
I 5 HOH 41  1341 17   HOH HOH A . 
I 5 HOH 42  1342 19   HOH HOH A . 
I 5 HOH 43  1343 100  HOH HOH A . 
I 5 HOH 44  1344 109  HOH HOH A . 
I 5 HOH 45  1345 80   HOH HOH A . 
I 5 HOH 46  1346 61   HOH HOH A . 
I 5 HOH 47  1347 13   HOH HOH A . 
I 5 HOH 48  1348 55   HOH HOH A . 
I 5 HOH 49  1349 77   HOH HOH A . 
I 5 HOH 50  1350 42   HOH HOH A . 
I 5 HOH 51  1351 43   HOH HOH A . 
I 5 HOH 52  1352 194  HOH HOH A . 
I 5 HOH 53  1353 201  HOH HOH A . 
I 5 HOH 54  1354 206  HOH HOH A . 
I 5 HOH 55  1355 197  HOH HOH A . 
I 5 HOH 56  1356 236  HOH HOH A . 
I 5 HOH 57  1357 21   HOH HOH A . 
I 5 HOH 58  1358 165  HOH HOH A . 
I 5 HOH 59  1359 20   HOH HOH A . 
I 5 HOH 60  1360 58   HOH HOH A . 
I 5 HOH 61  1361 25   HOH HOH A . 
I 5 HOH 62  1362 142  HOH HOH A . 
I 5 HOH 63  1363 94   HOH HOH A . 
I 5 HOH 64  1364 52   HOH HOH A . 
I 5 HOH 65  1365 2    HOH HOH A . 
I 5 HOH 66  1366 131  HOH HOH A . 
I 5 HOH 67  1367 9    HOH HOH A . 
I 5 HOH 68  1368 24   HOH HOH A . 
I 5 HOH 69  1369 139  HOH HOH A . 
I 5 HOH 70  1370 7    HOH HOH A . 
I 5 HOH 71  1371 99   HOH HOH A . 
I 5 HOH 72  1372 160  HOH HOH A . 
I 5 HOH 73  1373 92   HOH HOH A . 
I 5 HOH 74  1374 46   HOH HOH A . 
I 5 HOH 75  1375 1    HOH HOH A . 
I 5 HOH 76  1376 104  HOH HOH A . 
I 5 HOH 77  1377 67   HOH HOH A . 
I 5 HOH 78  1378 141  HOH HOH A . 
I 5 HOH 79  1379 14   HOH HOH A . 
I 5 HOH 80  1380 88   HOH HOH A . 
I 5 HOH 81  1381 36   HOH HOH A . 
I 5 HOH 82  1382 31   HOH HOH A . 
I 5 HOH 83  1383 132  HOH HOH A . 
I 5 HOH 84  1384 29   HOH HOH A . 
I 5 HOH 85  1385 83   HOH HOH A . 
I 5 HOH 86  1386 172  HOH HOH A . 
I 5 HOH 87  1387 75   HOH HOH A . 
I 5 HOH 88  1388 40   HOH HOH A . 
I 5 HOH 89  1389 89   HOH HOH A . 
I 5 HOH 90  1390 85   HOH HOH A . 
I 5 HOH 91  1391 70   HOH HOH A . 
I 5 HOH 92  1392 6    HOH HOH A . 
I 5 HOH 93  1393 120  HOH HOH A . 
I 5 HOH 94  1394 48   HOH HOH A . 
I 5 HOH 95  1395 12   HOH HOH A . 
I 5 HOH 96  1396 259  HOH HOH A . 
I 5 HOH 97  1397 247  HOH HOH A . 
I 5 HOH 98  1398 30   HOH HOH A . 
I 5 HOH 99  1399 154  HOH HOH A . 
I 5 HOH 100 1400 203  HOH HOH A . 
I 5 HOH 101 1401 38   HOH HOH A . 
I 5 HOH 102 1402 175  HOH HOH A . 
I 5 HOH 103 1403 101  HOH HOH A . 
I 5 HOH 104 1404 45   HOH HOH A . 
I 5 HOH 105 1405 54   HOH HOH A . 
I 5 HOH 106 1406 147  HOH HOH A . 
I 5 HOH 107 1407 62   HOH HOH A . 
I 5 HOH 108 1408 95   HOH HOH A . 
I 5 HOH 109 1409 49   HOH HOH A . 
I 5 HOH 110 1410 15   HOH HOH A . 
I 5 HOH 111 1411 73   HOH HOH A . 
I 5 HOH 112 1412 76   HOH HOH A . 
I 5 HOH 113 1413 187  HOH HOH A . 
I 5 HOH 114 1414 102  HOH HOH A . 
I 5 HOH 115 1415 82   HOH HOH A . 
I 5 HOH 116 1416 176  HOH HOH A . 
I 5 HOH 117 1417 116  HOH HOH A . 
I 5 HOH 118 1418 190  HOH HOH A . 
I 5 HOH 119 1419 3    HOH HOH A . 
I 5 HOH 120 1420 216  HOH HOH A . 
I 5 HOH 121 1421 4    HOH HOH A . 
I 5 HOH 122 1422 53   HOH HOH A . 
I 5 HOH 123 1423 261  HOH HOH A . 
I 5 HOH 124 1424 258  HOH HOH A . 
I 5 HOH 125 1425 39   HOH HOH A . 
I 5 HOH 126 1426 90   HOH HOH A . 
I 5 HOH 127 1427 18   HOH HOH A . 
I 5 HOH 128 1428 105  HOH HOH A . 
I 5 HOH 129 1429 234  HOH HOH A . 
I 5 HOH 130 1430 11   HOH HOH A . 
I 5 HOH 131 1431 51   HOH HOH A . 
I 5 HOH 132 1432 10   HOH HOH A . 
I 5 HOH 133 1433 123  HOH HOH A . 
I 5 HOH 134 1434 209  HOH HOH A . 
I 5 HOH 135 1435 26   HOH HOH A . 
I 5 HOH 136 1436 196  HOH HOH A . 
I 5 HOH 137 1437 97   HOH HOH A . 
I 5 HOH 138 1438 215  HOH HOH A . 
I 5 HOH 139 1439 78   HOH HOH A . 
I 5 HOH 140 1440 124  HOH HOH A . 
I 5 HOH 141 1441 72   HOH HOH A . 
I 5 HOH 142 1442 254  HOH HOH A . 
I 5 HOH 143 1443 130  HOH HOH A . 
I 5 HOH 144 1444 57   HOH HOH A . 
I 5 HOH 145 1445 145  HOH HOH A . 
I 5 HOH 146 1446 207  HOH HOH A . 
I 5 HOH 147 1447 86   HOH HOH A . 
I 5 HOH 148 1448 177  HOH HOH A . 
I 5 HOH 149 1449 230  HOH HOH A . 
I 5 HOH 150 1450 179  HOH HOH A . 
I 5 HOH 151 1451 240  HOH HOH A . 
I 5 HOH 152 1452 122  HOH HOH A . 
I 5 HOH 153 1453 237  HOH HOH A . 
I 5 HOH 154 1454 180  HOH HOH A . 
I 5 HOH 155 1455 246  HOH HOH A . 
I 5 HOH 156 1456 178  HOH HOH A . 
I 5 HOH 157 1457 164  HOH HOH A . 
I 5 HOH 158 1458 243  HOH HOH A . 
I 5 HOH 159 1459 188  HOH HOH A . 
I 5 HOH 160 1460 96   HOH HOH A . 
I 5 HOH 161 1461 114  HOH HOH A . 
I 5 HOH 162 1462 93   HOH HOH A . 
I 5 HOH 163 1463 181  HOH HOH A . 
I 5 HOH 164 1464 41   HOH HOH A . 
I 5 HOH 165 1465 217  HOH HOH A . 
I 5 HOH 166 1466 186  HOH HOH A . 
I 5 HOH 167 1467 199  HOH HOH A . 
I 5 HOH 168 1468 81   HOH HOH A . 
I 5 HOH 169 1469 66   HOH HOH A . 
I 5 HOH 170 1470 110  HOH HOH A . 
I 5 HOH 171 1471 225  HOH HOH A . 
I 5 HOH 172 1472 167  HOH HOH A . 
I 5 HOH 173 1473 69   HOH HOH A . 
I 5 HOH 174 1474 202  HOH HOH A . 
I 5 HOH 175 1475 152  HOH HOH A . 
I 5 HOH 176 1476 91   HOH HOH A . 
I 5 HOH 177 1477 60   HOH HOH A . 
I 5 HOH 178 1478 135  HOH HOH A . 
I 5 HOH 179 1479 224  HOH HOH A . 
I 5 HOH 180 1480 150  HOH HOH A . 
I 5 HOH 181 1481 159  HOH HOH A . 
I 5 HOH 182 1482 220  HOH HOH A . 
I 5 HOH 183 1483 37   HOH HOH A . 
I 5 HOH 184 1484 115  HOH HOH A . 
I 5 HOH 185 1485 210  HOH HOH A . 
I 5 HOH 186 1486 250  HOH HOH A . 
I 5 HOH 187 1487 151  HOH HOH A . 
I 5 HOH 188 1488 205  HOH HOH A . 
I 5 HOH 189 1489 137  HOH HOH A . 
I 5 HOH 190 1490 103  HOH HOH A . 
I 5 HOH 191 1491 157  HOH HOH A . 
I 5 HOH 192 1492 112  HOH HOH A . 
I 5 HOH 193 1493 248  HOH HOH A . 
I 5 HOH 194 1494 143  HOH HOH A . 
I 5 HOH 195 1495 257  HOH HOH A . 
I 5 HOH 196 1496 174  HOH HOH A . 
I 5 HOH 197 1497 8    HOH HOH A . 
I 5 HOH 198 1498 127  HOH HOH A . 
I 5 HOH 199 1499 233  HOH HOH A . 
I 5 HOH 200 1500 125  HOH HOH A . 
I 5 HOH 201 1501 84   HOH HOH A . 
I 5 HOH 202 1502 146  HOH HOH A . 
I 5 HOH 203 1503 119  HOH HOH A . 
I 5 HOH 204 1504 44   HOH HOH A . 
I 5 HOH 205 1505 71   HOH HOH A . 
I 5 HOH 206 1506 260  HOH HOH A . 
I 5 HOH 207 1507 185  HOH HOH A . 
I 5 HOH 208 1508 74   HOH HOH A . 
I 5 HOH 209 1509 148  HOH HOH A . 
I 5 HOH 210 1510 149  HOH HOH A . 
I 5 HOH 211 1511 168  HOH HOH A . 
I 5 HOH 212 1512 63   HOH HOH A . 
I 5 HOH 213 1513 117  HOH HOH A . 
I 5 HOH 214 1514 251  HOH HOH A . 
I 5 HOH 215 1515 211  HOH HOH A . 
I 5 HOH 216 1516 249  HOH HOH A . 
I 5 HOH 217 1517 244  HOH HOH A . 
I 5 HOH 218 1518 35   HOH HOH A . 
I 5 HOH 219 1519 245  HOH HOH A . 
I 5 HOH 220 1520 183  HOH HOH A . 
I 5 HOH 221 1521 255  HOH HOH A . 
I 5 HOH 222 1522 219  HOH HOH A . 
I 5 HOH 223 1523 213  HOH HOH A . 
I 5 HOH 224 1524 121  HOH HOH A . 
I 5 HOH 225 1525 136  HOH HOH A . 
I 5 HOH 226 1526 214  HOH HOH A . 
I 5 HOH 227 1527 204  HOH HOH A . 
# 
loop_
_pdbx_unobs_or_zero_occ_atoms.id 
_pdbx_unobs_or_zero_occ_atoms.PDB_model_num 
_pdbx_unobs_or_zero_occ_atoms.polymer_flag 
_pdbx_unobs_or_zero_occ_atoms.occupancy_flag 
_pdbx_unobs_or_zero_occ_atoms.auth_asym_id 
_pdbx_unobs_or_zero_occ_atoms.auth_comp_id 
_pdbx_unobs_or_zero_occ_atoms.auth_seq_id 
_pdbx_unobs_or_zero_occ_atoms.PDB_ins_code 
_pdbx_unobs_or_zero_occ_atoms.auth_atom_id 
_pdbx_unobs_or_zero_occ_atoms.label_alt_id 
_pdbx_unobs_or_zero_occ_atoms.label_asym_id 
_pdbx_unobs_or_zero_occ_atoms.label_comp_id 
_pdbx_unobs_or_zero_occ_atoms.label_seq_id 
_pdbx_unobs_or_zero_occ_atoms.label_atom_id 
1 1 Y 1 A LYS 1004 ? CG ? A LYS 26 CG 
2 1 Y 1 A LYS 1004 ? CD ? A LYS 26 CD 
3 1 Y 1 A LYS 1004 ? CE ? A LYS 26 CE 
4 1 Y 1 A LYS 1004 ? NZ ? A LYS 26 NZ 
# 
loop_
_software.pdbx_ordinal 
_software.name 
_software.version 
_software.date 
_software.type 
_software.contact_author 
_software.contact_author_email 
_software.classification 
_software.location 
_software.language 
_software.citation_id 
1 REFMAC      5.8.0238 ?               program 'Garib N. Murshudov' garib@ysbl.york.ac.uk    refinement        
http://www.ccp4.ac.uk/dist/html/refmac5.html        Fortran_77 ? 
2 Aimless     0.5.23   02/02/16        program 'Phil Evans'         ?                        'data scaling'    
http://www.mrc-lmb.cam.ac.uk/harry/pre/aimless.html ?          ? 
3 PDB_EXTRACT 3.23     'SEP. 23, 2016' package PDB                  deposit@deposit.rcsb.org 'data extraction' 
http://sw-tools.pdb.org/apps/PDB_EXTRACT/           C++        ? 
4 XDS         .        ?               program ?                    ?                        'data reduction'  ? ?          ? 
5 REFMAC      .        ?               program ?                    ?                        phasing           ? ?          ? 
# 
_cell.entry_id           5QXK 
_cell.length_a           80.452 
_cell.length_b           80.452 
_cell.length_c           139.758 
_cell.angle_alpha        90.000 
_cell.angle_beta         90.000 
_cell.angle_gamma        120.000 
_cell.Z_PDB              12 
_cell.pdbx_unique_axis   ? 
# 
_symmetry.entry_id                         5QXK 
_symmetry.space_group_name_H-M             'P 65 2 2' 
_symmetry.pdbx_full_space_group_name_H-M   ? 
_symmetry.cell_setting                     ? 
_symmetry.Int_Tables_number                179 
# 
_exptl.crystals_number   1 
_exptl.entry_id          5QXK 
_exptl.method            'X-RAY DIFFRACTION' 
# 
_exptl_crystal.id                    1 
_exptl_crystal.pdbx_mosaicity        0.140 
_exptl_crystal.pdbx_mosaicity_esd    ? 
_exptl_crystal.density_Matthews      4.2 
_exptl_crystal.density_diffrn        ? 
_exptl_crystal.density_meas          ? 
_exptl_crystal.density_meas_temp     ? 
_exptl_crystal.density_percent_sol   70.7 
_exptl_crystal.size_max              ? 
_exptl_crystal.size_mid              ? 
_exptl_crystal.size_min              ? 
_exptl_crystal.size_rad              ? 
_exptl_crystal.description           ? 
# 
_exptl_crystal_grow.crystal_id      1 
_exptl_crystal_grow.method          'VAPOR DIFFUSION, SITTING DROP' 
_exptl_crystal_grow.pH              5.5 
_exptl_crystal_grow.temp            277 
_exptl_crystal_grow.pdbx_details    '1.6M Ammonium Sulfate, 0.1M bis-tris pH 5.5' 
_exptl_crystal_grow.temp_details    ? 
_exptl_crystal_grow.pdbx_pH_range   ? 
# 
_diffrn.id                     1 
_diffrn.ambient_temp           100 
_diffrn.crystal_id             1 
_diffrn.ambient_temp_details   ? 
# 
_diffrn_detector.detector               PIXEL 
_diffrn_detector.type                   'DECTRIS PILATUS 6M' 
_diffrn_detector.pdbx_collection_date   2016-04-23 
_diffrn_detector.diffrn_id              1 
_diffrn_detector.details                ? 
# 
_diffrn_radiation.diffrn_id                        1 
_diffrn_radiation.wavelength_id                    1 
_diffrn_radiation.pdbx_diffrn_protocol             'SINGLE WAVELENGTH' 
_diffrn_radiation.pdbx_monochromatic_or_laue_m_l   ? 
_diffrn_radiation.monochromator                    ? 
_diffrn_radiation.pdbx_scattering_type             x-ray 
# 
_diffrn_radiation_wavelength.id           1 
_diffrn_radiation_wavelength.wavelength   0.92819 
_diffrn_radiation_wavelength.wt           1.0 
# 
_diffrn_source.diffrn_id                   1 
_diffrn_source.source                      SYNCHROTRON 
_diffrn_source.type                        'DIAMOND BEAMLINE I04-1' 
_diffrn_source.pdbx_wavelength_list        0.92819 
_diffrn_source.pdbx_synchrotron_site       Diamond 
_diffrn_source.pdbx_synchrotron_beamline   I04-1 
_diffrn_source.pdbx_wavelength             ? 
# 
_reflns.entry_id                     5QXK 
_reflns.pdbx_diffrn_id               1 
_reflns.pdbx_ordinal                 1 
_reflns.observed_criterion_sigma_I   ? 
_reflns.observed_criterion_sigma_F   ? 
_reflns.d_resolution_low             27.950 
_reflns.d_resolution_high            1.720 
_reflns.number_obs                   28869 
_reflns.number_all                   ? 
_reflns.percent_possible_obs         99.600 
_reflns.pdbx_Rmerge_I_obs            0.102 
_reflns.pdbx_Rsym_value              ? 
_reflns.pdbx_netI_over_sigmaI        24.900 
_reflns.B_iso_Wilson_estimate        ? 
_reflns.pdbx_redundancy              18.900 
_reflns.pdbx_Rrim_I_all              0.105 
_reflns.pdbx_Rpim_I_all              0.024 
_reflns.pdbx_CC_half                 0.999 
_reflns.pdbx_netI_over_av_sigmaI     ? 
_reflns.pdbx_number_measured_all     546265 
_reflns.pdbx_scaling_rejects         2 
_reflns.pdbx_chi_squared             ? 
_reflns.Rmerge_F_all                 ? 
_reflns.Rmerge_F_obs                 ? 
_reflns.observed_criterion_F_max     ? 
_reflns.observed_criterion_F_min     ? 
_reflns.observed_criterion_I_max     ? 
_reflns.observed_criterion_I_min     ? 
_reflns.pdbx_d_res_high_opt          ? 
_reflns.pdbx_d_res_low_opt           ? 
_reflns.details                      ? 
# 
loop_
_reflns_shell.pdbx_diffrn_id 
_reflns_shell.pdbx_ordinal 
_reflns_shell.d_res_high 
_reflns_shell.d_res_low 
_reflns_shell.number_measured_obs 
_reflns_shell.number_measured_all 
_reflns_shell.number_unique_obs 
_reflns_shell.pdbx_rejects 
_reflns_shell.Rmerge_I_obs 
_reflns_shell.meanI_over_sigI_obs 
_reflns_shell.pdbx_Rsym_value 
_reflns_shell.pdbx_chi_squared 
_reflns_shell.pdbx_redundancy 
_reflns_shell.percent_possible_obs 
_reflns_shell.pdbx_netI_over_sigmaI_obs 
_reflns_shell.number_possible 
_reflns_shell.number_unique_all 
_reflns_shell.Rmerge_F_all 
_reflns_shell.Rmerge_F_obs 
_reflns_shell.Rmerge_I_all 
_reflns_shell.meanI_over_sigI_all 
_reflns_shell.percent_possible_all 
_reflns_shell.pdbx_Rrim_I_all 
_reflns_shell.pdbx_Rpim_I_all 
_reflns_shell.pdbx_CC_half 
1 1 1.720 1.770  ? 30279 ? ? 0.966 ? ? ? 15.200 ? 2.900  ? 1989 ? ? ? ? 95.100 0.999 0.248 0.835 
1 2 7.710 27.950 ? 6843  ? ? 0.027 ? ? ? 16.800 ? 75.000 ? 408  ? ? ? ? 98.100 0.028 0.007 1.000 
# 
_refine.entry_id                                 5QXK 
_refine.pdbx_refine_id                           'X-RAY DIFFRACTION' 
_refine.ls_d_res_high                            1.7200 
_refine.ls_d_res_low                             27.9100 
_refine.pdbx_ls_sigma_F                          0.000 
_refine.pdbx_data_cutoff_high_absF               ? 
_refine.pdbx_data_cutoff_low_absF                ? 
_refine.ls_percent_reflns_obs                    99.5800 
_refine.ls_number_reflns_obs                     27372 
_refine.ls_number_reflns_all                     ? 
_refine.pdbx_ls_cross_valid_method               THROUGHOUT 
_refine.ls_matrix_type                           ? 
_refine.pdbx_R_Free_selection_details            RANDOM 
_refine.details                                  
'HYDROGENS HAVE BEEN ADDED IN THE RIDING POSITIONS U VALUES      : REFINED INDIVIDUALLY' 
_refine.ls_R_factor_all                          ? 
_refine.ls_R_factor_obs                          0.1602 
_refine.ls_R_factor_R_work                       0.1590 
_refine.ls_wR_factor_R_work                      ? 
_refine.ls_R_factor_R_free                       0.1836 
_refine.ls_wR_factor_R_free                      ? 
_refine.ls_percent_reflns_R_free                 5.0000 
_refine.ls_number_reflns_R_free                  1437 
_refine.ls_number_reflns_R_work                  ? 
_refine.ls_R_factor_R_free_error                 ? 
_refine.B_iso_mean                               23.7670 
_refine.solvent_model_param_bsol                 ? 
_refine.solvent_model_param_ksol                 ? 
_refine.pdbx_isotropic_thermal_model             ? 
_refine.aniso_B[1][1]                            0.1900 
_refine.aniso_B[2][2]                            0.1900 
_refine.aniso_B[3][3]                            -0.6100 
_refine.aniso_B[1][2]                            0.0900 
_refine.aniso_B[1][3]                            0.0000 
_refine.aniso_B[2][3]                            -0.0000 
_refine.correlation_coeff_Fo_to_Fc               0.9670 
_refine.correlation_coeff_Fo_to_Fc_free          0.9590 
_refine.overall_SU_R_Cruickshank_DPI             ? 
_refine.pdbx_overall_SU_R_free_Cruickshank_DPI   ? 
_refine.pdbx_overall_SU_R_Blow_DPI               ? 
_refine.pdbx_overall_SU_R_free_Blow_DPI          ? 
_refine.overall_SU_R_free                        ? 
_refine.pdbx_overall_ESU_R                       0.0860 
_refine.pdbx_overall_ESU_R_Free                  0.0850 
_refine.overall_SU_ML                            0.0520 
_refine.overall_SU_B                             1.5930 
_refine.solvent_model_details                    MASK 
_refine.pdbx_solvent_vdw_probe_radii             1.2000 
_refine.pdbx_solvent_ion_probe_radii             0.8000 
_refine.pdbx_solvent_shrinkage_radii             0.8000 
_refine.ls_number_parameters                     ? 
_refine.ls_number_restraints                     ? 
_refine.pdbx_starting_model                      3DAI 
_refine.pdbx_method_to_determine_struct          'FOURIER SYNTHESIS' 
_refine.pdbx_stereochemistry_target_values       'MAXIMUM LIKELIHOOD' 
_refine.pdbx_stereochem_target_val_spec_case     ? 
_refine.overall_FOM_work_R_set                   ? 
_refine.B_iso_max                                87.020 
_refine.B_iso_min                                9.850 
_refine.pdbx_overall_phase_error                 ? 
_refine.occupancy_max                            ? 
_refine.occupancy_min                            ? 
_refine.pdbx_diffrn_id                           1 
_refine.pdbx_TLS_residual_ADP_flag               ? 
_refine.pdbx_ls_sigma_I                          ? 
_refine.pdbx_data_cutoff_high_rms_absF           ? 
_refine.ls_R_factor_R_free_error_details         ? 
# 
_refine_hist.cycle_id                         final 
_refine_hist.pdbx_refine_id                   'X-RAY DIFFRACTION' 
_refine_hist.d_res_high                       1.7200 
_refine_hist.d_res_low                        27.9100 
_refine_hist.pdbx_number_atoms_ligand         45 
_refine_hist.number_atoms_solvent             227 
_refine_hist.number_atoms_total               1356 
_refine_hist.pdbx_number_residues_total       130 
_refine_hist.pdbx_B_iso_mean_ligand           32.36 
_refine_hist.pdbx_B_iso_mean_solvent          37.70 
_refine_hist.pdbx_number_atoms_protein        1084 
_refine_hist.pdbx_number_atoms_nucleic_acid   0 
# 
loop_
_refine_ls_restr.pdbx_refine_id 
_refine_ls_restr.type 
_refine_ls_restr.number 
_refine_ls_restr.dev_ideal 
_refine_ls_restr.dev_ideal_target 
_refine_ls_restr.weight 
_refine_ls_restr.pdbx_restraint_function 
'X-RAY DIFFRACTION' r_bond_refined_d       2339 0.014  0.015  ? ? 
'X-RAY DIFFRACTION' r_bond_other_d         1503 0.001  0.017  ? ? 
'X-RAY DIFFRACTION' r_angle_refined_deg    2371 1.892  1.716  ? ? 
'X-RAY DIFFRACTION' r_angle_other_deg      3535 1.476  1.634  ? ? 
'X-RAY DIFFRACTION' r_dihedral_angle_1_deg 229  4.482  5.000  ? ? 
'X-RAY DIFFRACTION' r_dihedral_angle_2_deg 111  27.609 21.982 ? ? 
'X-RAY DIFFRACTION' r_dihedral_angle_3_deg 301  14.341 15.000 ? ? 
'X-RAY DIFFRACTION' r_dihedral_angle_4_deg 19   17.034 15.000 ? ? 
'X-RAY DIFFRACTION' r_chiral_restr         215  0.100  0.200  ? ? 
'X-RAY DIFFRACTION' r_gen_planes_refined   2115 0.009  0.020  ? ? 
'X-RAY DIFFRACTION' r_gen_planes_other     378  0.002  0.020  ? ? 
'X-RAY DIFFRACTION' r_mcbond_it            1046 1.580  1.907  ? ? 
'X-RAY DIFFRACTION' r_mcbond_other         1012 1.576  1.864  ? ? 
'X-RAY DIFFRACTION' r_mcangle_it           1047 2.585  2.734  ? ? 
# 
_refine_ls_shell.d_res_high                       1.7250 
_refine_ls_shell.d_res_low                        1.7690 
_refine_ls_shell.pdbx_total_number_of_bins_used   20 
_refine_ls_shell.percent_reflns_obs               95.2500 
_refine_ls_shell.number_reflns_R_work             1906 
_refine_ls_shell.R_factor_all                     ? 
_refine_ls_shell.R_factor_R_work                  0.3180 
_refine_ls_shell.R_factor_R_free                  0.2730 
_refine_ls_shell.percent_reflns_R_free            ? 
_refine_ls_shell.number_reflns_R_free             80 
_refine_ls_shell.R_factor_R_free_error            ? 
_refine_ls_shell.number_reflns_all                1986 
_refine_ls_shell.number_reflns_obs                ? 
_refine_ls_shell.pdbx_refine_id                   'X-RAY DIFFRACTION' 
# 
_struct.entry_id                  5QXK 
_struct.title                     'PanDDA analysis group deposition -- Crystal Structure of ATAD2 in complex with PC581' 
_struct.pdbx_model_details        ? 
_struct.pdbx_CASP_flag            ? 
_struct.pdbx_model_type_details   ? 
# 
_struct_keywords.entry_id        5QXK 
_struct_keywords.text            
'SGC - Diamond I04-1 fragment screening, PanDDA, XChemExplorer, HYDROLASE-HYDROLASE INHIBITOR complex' 
_struct_keywords.pdbx_keywords   'HYDROLASE/HYDROLASE INHIBITOR' 
# 
loop_
_struct_asym.id 
_struct_asym.pdbx_blank_PDB_chainid_flag 
_struct_asym.pdbx_modified 
_struct_asym.entity_id 
_struct_asym.details 
A N N 1 ? 
B N N 2 ? 
C N N 3 ? 
D N N 3 ? 
E N N 4 ? 
F N N 4 ? 
G N N 4 ? 
H N N 4 ? 
I N N 5 ? 
# 
_struct_ref.id                         1 
_struct_ref.db_name                    UNP 
_struct_ref.db_code                    ATAD2_HUMAN 
_struct_ref.pdbx_db_accession          Q6PL18 
_struct_ref.pdbx_db_isoform            ? 
_struct_ref.entity_id                  1 
_struct_ref.pdbx_seq_one_letter_code   
;QEEDTFRELRIFLRNVTHRLAIDKRFRVFTKPVDPDEVPDYVTVIKQPMDLSSVISKIDLHKYLTVKDYLRDIDLICSNA
LEYNPDRDPGDRLIRHRACALRDTAYAIIKEELDEDFEQLCEEIQESR
;
_struct_ref.pdbx_align_begin           981 
# 
_struct_ref_seq.align_id                      1 
_struct_ref_seq.ref_id                        1 
_struct_ref_seq.pdbx_PDB_id_code              5QXK 
_struct_ref_seq.pdbx_strand_id                A 
_struct_ref_seq.seq_align_beg                 3 
_struct_ref_seq.pdbx_seq_align_beg_ins_code   ? 
_struct_ref_seq.seq_align_end                 130 
_struct_ref_seq.pdbx_seq_align_end_ins_code   ? 
_struct_ref_seq.pdbx_db_accession             Q6PL18 
_struct_ref_seq.db_align_beg                  981 
_struct_ref_seq.pdbx_db_align_beg_ins_code    ? 
_struct_ref_seq.db_align_end                  1108 
_struct_ref_seq.pdbx_db_align_end_ins_code    ? 
_struct_ref_seq.pdbx_auth_seq_align_beg       981 
_struct_ref_seq.pdbx_auth_seq_align_end       1108 
# 
loop_
_struct_ref_seq_dif.align_id 
_struct_ref_seq_dif.pdbx_pdb_id_code 
_struct_ref_seq_dif.mon_id 
_struct_ref_seq_dif.pdbx_pdb_strand_id 
_struct_ref_seq_dif.seq_num 
_struct_ref_seq_dif.pdbx_pdb_ins_code 
_struct_ref_seq_dif.pdbx_seq_db_name 
_struct_ref_seq_dif.pdbx_seq_db_accession_code 
_struct_ref_seq_dif.db_mon_id 
_struct_ref_seq_dif.pdbx_seq_db_seq_num 
_struct_ref_seq_dif.details 
_struct_ref_seq_dif.pdbx_auth_seq_num 
_struct_ref_seq_dif.pdbx_ordinal 
1 5QXK SER A 1  ? UNP Q6PL18 ?   ?    'expression tag' 979  1 
1 5QXK MET A 2  ? UNP Q6PL18 ?   ?    'expression tag' 980  2 
1 5QXK ARG A 44 ? UNP Q6PL18 VAL 1022 conflict         1022 3 
1 5QXK GLU A 49 ? UNP Q6PL18 GLN 1027 conflict         1027 4 
# 
_pdbx_struct_assembly.id                   1 
_pdbx_struct_assembly.details              author_and_software_defined_assembly 
_pdbx_struct_assembly.method_details       PISA 
_pdbx_struct_assembly.oligomeric_details   monomeric 
_pdbx_struct_assembly.oligomeric_count     1 
# 
_pdbx_struct_assembly_gen.assembly_id       1 
_pdbx_struct_assembly_gen.oper_expression   1 
_pdbx_struct_assembly_gen.asym_id_list      A,B,C,D,E,F,G,H,I 
# 
_pdbx_struct_oper_list.id                   1 
_pdbx_struct_oper_list.type                 'identity operation' 
_pdbx_struct_oper_list.name                 1_555 
_pdbx_struct_oper_list.symmetry_operation   x,y,z 
_pdbx_struct_oper_list.matrix[1][1]         1.0000000000 
_pdbx_struct_oper_list.matrix[1][2]         0.0000000000 
_pdbx_struct_oper_list.matrix[1][3]         0.0000000000 
_pdbx_struct_oper_list.vector[1]            0.0000000000 
_pdbx_struct_oper_list.matrix[2][1]         0.0000000000 
_pdbx_struct_oper_list.matrix[2][2]         1.0000000000 
_pdbx_struct_oper_list.matrix[2][3]         0.0000000000 
_pdbx_struct_oper_list.vector[2]            0.0000000000 
_pdbx_struct_oper_list.matrix[3][1]         0.0000000000 
_pdbx_struct_oper_list.matrix[3][2]         0.0000000000 
_pdbx_struct_oper_list.matrix[3][3]         1.0000000000 
_pdbx_struct_oper_list.vector[3]            0.0000000000 
# 
loop_
_struct_conf.conf_type_id 
_struct_conf.id 
_struct_conf.pdbx_PDB_helix_id 
_struct_conf.beg_label_comp_id 
_struct_conf.beg_label_asym_id 
_struct_conf.beg_label_seq_id 
_struct_conf.pdbx_beg_PDB_ins_code 
_struct_conf.end_label_comp_id 
_struct_conf.end_label_asym_id 
_struct_conf.end_label_seq_id 
_struct_conf.pdbx_end_PDB_ins_code 
_struct_conf.beg_auth_comp_id 
_struct_conf.beg_auth_asym_id 
_struct_conf.beg_auth_seq_id 
_struct_conf.end_auth_comp_id 
_struct_conf.end_auth_asym_id 
_struct_conf.end_auth_seq_id 
_struct_conf.pdbx_PDB_helix_class 
_struct_conf.details 
_struct_conf.pdbx_PDB_helix_length 
HELX_P HELX_P1 AA1 SER A 1   ? ILE A 24  ? SER A 979  ILE A 1002 1 ? 24 
HELX_P HELX_P2 AA2 ASP A 25  ? THR A 32  ? ASP A 1003 THR A 1010 5 ? 8  
HELX_P HELX_P3 AA3 ASP A 42  ? ILE A 47  ? ASP A 1020 ILE A 1025 1 ? 6  
HELX_P HELX_P4 AA4 ASP A 52  ? LEU A 62  ? ASP A 1030 LEU A 1040 1 ? 11 
HELX_P HELX_P5 AA5 THR A 67  ? ASN A 86  ? THR A 1045 ASN A 1064 1 ? 20 
HELX_P HELX_P6 AA6 ASP A 90  ? LEU A 115 ? ASP A 1068 LEU A 1093 1 ? 26 
HELX_P HELX_P7 AA7 ASP A 116 ? SER A 129 ? ASP A 1094 SER A 1107 1 ? 14 
# 
_struct_conf_type.id          HELX_P 
_struct_conf_type.criteria    ? 
_struct_conf_type.reference   ? 
# 
loop_
_struct_site.id 
_struct_site.pdbx_evidence_code 
_struct_site.pdbx_auth_asym_id 
_struct_site.pdbx_auth_comp_id 
_struct_site.pdbx_auth_seq_id 
_struct_site.pdbx_auth_ins_code 
_struct_site.pdbx_num_residues 
_struct_site.details 
AC1 Software A RGM 1201 ? 8 'binding site for residue RGM A 1201' 
AC2 Software A SO4 1202 ? 7 'binding site for residue SO4 A 1202' 
AC3 Software A SO4 1203 ? 8 'binding site for residue SO4 A 1203' 
AC4 Software A EDO 1204 ? 5 'binding site for residue EDO A 1204' 
AC5 Software A EDO 1205 ? 4 'binding site for residue EDO A 1205' 
AC6 Software A EDO 1206 ? 4 'binding site for residue EDO A 1206' 
AC7 Software A EDO 1207 ? 5 'binding site for residue EDO A 1207' 
# 
loop_
_struct_site_gen.id 
_struct_site_gen.site_id 
_struct_site_gen.pdbx_num_res 
_struct_site_gen.label_comp_id 
_struct_site_gen.label_asym_id 
_struct_site_gen.label_seq_id 
_struct_site_gen.pdbx_auth_ins_code 
_struct_site_gen.auth_comp_id 
_struct_site_gen.auth_asym_id 
_struct_site_gen.auth_seq_id 
_struct_site_gen.label_atom_id 
_struct_site_gen.label_alt_id 
_struct_site_gen.symmetry 
_struct_site_gen.details 
1  AC1 8 GLU A 39  ? GLU A 1017 . ? 1_555  ? 
2  AC1 8 VAL A 40  ? VAL A 1018 . ? 1_555  ? 
3  AC1 8 ASN A 86  ? ASN A 1064 . ? 1_555  ? 
4  AC1 8 ILE A 96  ? ILE A 1074 . ? 1_555  ? 
5  AC1 8 EDO H .   ? EDO A 1207 . ? 1_555  ? 
6  AC1 8 HOH I .   ? HOH A 1317 . ? 1_555  ? 
7  AC1 8 HOH I .   ? HOH A 1318 . ? 1_555  ? 
8  AC1 8 HOH I .   ? HOH A 1424 . ? 1_555  ? 
9  AC2 7 ARG A 9   ? ARG A 987  . ? 6_654  ? 
10 AC2 7 ARG A 12  ? ARG A 990  . ? 6_654  ? 
11 AC2 7 ARG A 16  ? ARG A 994  . ? 6_654  ? 
12 AC2 7 ARG A 89  ? ARG A 1067 . ? 1_555  ? 
13 AC2 7 ARG A 94  ? ARG A 1072 . ? 1_555  ? 
14 AC2 7 HOH I .   ? HOH A 1302 . ? 1_555  ? 
15 AC2 7 HOH I .   ? HOH A 1354 . ? 1_555  ? 
16 AC3 8 LYS A 64  ? LYS A 1042 . ? 12_564 ? 
17 AC3 8 LYS A 64  ? LYS A 1042 . ? 1_555  ? 
18 AC3 8 HOH I .   ? HOH A 1331 . ? 1_555  ? 
19 AC3 8 HOH I .   ? HOH A 1331 . ? 12_564 ? 
20 AC3 8 HOH I .   ? HOH A 1362 . ? 12_564 ? 
21 AC3 8 HOH I .   ? HOH A 1362 . ? 1_555  ? 
22 AC3 8 HOH I .   ? HOH A 1383 . ? 12_564 ? 
23 AC3 8 HOH I .   ? HOH A 1383 . ? 1_555  ? 
24 AC4 5 GLU A 10  ? GLU A 988  . ? 1_555  ? 
25 AC4 5 ASP A 116 ? ASP A 1094 . ? 1_555  ? 
26 AC4 5 PHE A 119 ? PHE A 1097 . ? 1_555  ? 
27 AC4 5 HOH I .   ? HOH A 1365 . ? 1_555  ? 
28 AC4 5 HOH I .   ? HOH A 1397 . ? 1_555  ? 
29 AC5 4 GLU A 113 ? GLU A 1091 . ? 1_555  ? 
30 AC5 4 GLU A 114 ? GLU A 1092 . ? 1_555  ? 
31 AC5 4 ASP A 116 ? ASP A 1094 . ? 1_555  ? 
32 AC5 4 HOH I .   ? HOH A 1413 . ? 1_555  ? 
33 AC6 4 PRO A 50  ? PRO A 1028 . ? 12_564 ? 
34 AC6 4 SER A 58  ? SER A 1036 . ? 1_555  ? 
35 AC6 4 HOH I .   ? HOH A 1340 . ? 12_564 ? 
36 AC6 4 HOH I .   ? HOH A 1412 . ? 1_555  ? 
37 AC7 5 ASN A 86  ? ASN A 1064 . ? 1_555  ? 
38 AC7 5 GLY A 92  ? GLY A 1070 . ? 1_555  ? 
39 AC7 5 ASP A 93  ? ASP A 1071 . ? 1_555  ? 
40 AC7 5 ILE A 96  ? ILE A 1074 . ? 1_555  ? 
41 AC7 5 RGM B .   ? RGM A 1201 . ? 1_555  ? 
# 
loop_
_pdbx_validate_close_contact.id 
_pdbx_validate_close_contact.PDB_model_num 
_pdbx_validate_close_contact.auth_atom_id_1 
_pdbx_validate_close_contact.auth_asym_id_1 
_pdbx_validate_close_contact.auth_comp_id_1 
_pdbx_validate_close_contact.auth_seq_id_1 
_pdbx_validate_close_contact.PDB_ins_code_1 
_pdbx_validate_close_contact.label_alt_id_1 
_pdbx_validate_close_contact.auth_atom_id_2 
_pdbx_validate_close_contact.auth_asym_id_2 
_pdbx_validate_close_contact.auth_comp_id_2 
_pdbx_validate_close_contact.auth_seq_id_2 
_pdbx_validate_close_contact.PDB_ins_code_2 
_pdbx_validate_close_contact.label_alt_id_2 
_pdbx_validate_close_contact.dist 
1 1 OD1 A ASP 1020 ? ? O A HOH 1301 ? ? 1.77 
2 1 O   A HOH 1476 ? ? O A HOH 1498 ? ? 2.02 
3 1 O1  A SO4 1202 ? ? O A HOH 1302 ? ? 2.02 
4 1 O   A HOH 1403 ? ? O A HOH 1471 ? ? 2.12 
5 1 O   A HOH 1446 ? ? O A HOH 1488 ? ? 2.17 
6 1 O   A HOH 1373 ? ? O A HOH 1393 ? ? 2.18 
7 1 O   A HOH 1490 ? ? O A HOH 1505 ? ? 2.19 
# 
_pdbx_validate_rmsd_bond.id                        1 
_pdbx_validate_rmsd_bond.PDB_model_num             1 
_pdbx_validate_rmsd_bond.auth_atom_id_1            CD 
_pdbx_validate_rmsd_bond.auth_asym_id_1            A 
_pdbx_validate_rmsd_bond.auth_comp_id_1            GLU 
_pdbx_validate_rmsd_bond.auth_seq_id_1             1102 
_pdbx_validate_rmsd_bond.PDB_ins_code_1            ? 
_pdbx_validate_rmsd_bond.label_alt_id_1            ? 
_pdbx_validate_rmsd_bond.auth_atom_id_2            OE2 
_pdbx_validate_rmsd_bond.auth_asym_id_2            A 
_pdbx_validate_rmsd_bond.auth_comp_id_2            GLU 
_pdbx_validate_rmsd_bond.auth_seq_id_2             1102 
_pdbx_validate_rmsd_bond.PDB_ins_code_2            ? 
_pdbx_validate_rmsd_bond.label_alt_id_2            ? 
_pdbx_validate_rmsd_bond.bond_value                1.330 
_pdbx_validate_rmsd_bond.bond_target_value         1.252 
_pdbx_validate_rmsd_bond.bond_deviation            0.078 
_pdbx_validate_rmsd_bond.bond_standard_deviation   0.011 
_pdbx_validate_rmsd_bond.linker_flag               N 
# 
loop_
_pdbx_validate_rmsd_angle.id 
_pdbx_validate_rmsd_angle.PDB_model_num 
_pdbx_validate_rmsd_angle.auth_atom_id_1 
_pdbx_validate_rmsd_angle.auth_asym_id_1 
_pdbx_validate_rmsd_angle.auth_comp_id_1 
_pdbx_validate_rmsd_angle.auth_seq_id_1 
_pdbx_validate_rmsd_angle.PDB_ins_code_1 
_pdbx_validate_rmsd_angle.label_alt_id_1 
_pdbx_validate_rmsd_angle.auth_atom_id_2 
_pdbx_validate_rmsd_angle.auth_asym_id_2 
_pdbx_validate_rmsd_angle.auth_comp_id_2 
_pdbx_validate_rmsd_angle.auth_seq_id_2 
_pdbx_validate_rmsd_angle.PDB_ins_code_2 
_pdbx_validate_rmsd_angle.label_alt_id_2 
_pdbx_validate_rmsd_angle.auth_atom_id_3 
_pdbx_validate_rmsd_angle.auth_asym_id_3 
_pdbx_validate_rmsd_angle.auth_comp_id_3 
_pdbx_validate_rmsd_angle.auth_seq_id_3 
_pdbx_validate_rmsd_angle.PDB_ins_code_3 
_pdbx_validate_rmsd_angle.label_alt_id_3 
_pdbx_validate_rmsd_angle.angle_value 
_pdbx_validate_rmsd_angle.angle_target_value 
_pdbx_validate_rmsd_angle.angle_deviation 
_pdbx_validate_rmsd_angle.angle_standard_deviation 
_pdbx_validate_rmsd_angle.linker_flag 
1 1 NE A ARG 987  ? B CZ A ARG 987  ? B NH1 A ARG 987  ? B 117.23 120.30 -3.07 0.50 N 
2 1 NE A ARG 994  ? ? CZ A ARG 994  ? ? NH1 A ARG 994  ? ? 123.58 120.30 3.28  0.50 N 
3 1 NE A ARG 1067 ? ? CZ A ARG 1067 ? ? NH2 A ARG 1067 ? ? 116.03 120.30 -4.27 0.50 N 
# 
loop_
_pdbx_struct_special_symmetry.id 
_pdbx_struct_special_symmetry.PDB_model_num 
_pdbx_struct_special_symmetry.auth_asym_id 
_pdbx_struct_special_symmetry.auth_comp_id 
_pdbx_struct_special_symmetry.auth_seq_id 
_pdbx_struct_special_symmetry.PDB_ins_code 
_pdbx_struct_special_symmetry.label_asym_id 
_pdbx_struct_special_symmetry.label_comp_id 
_pdbx_struct_special_symmetry.label_seq_id 
1 1 A SO4 1203 ? D SO4 . 
2 1 A HOH 1327 ? I HOH . 
# 
_phasing.method   MR 
# 
_pdbx_entry_details.entry_id                 5QXK 
_pdbx_entry_details.has_ligand_of_interest   Y 
_pdbx_entry_details.compound_details         ? 
_pdbx_entry_details.source_details           ? 
_pdbx_entry_details.nonpolymer_details       ? 
_pdbx_entry_details.sequence_details         ? 
# 
loop_
_pdbx_distant_solvent_atoms.id 
_pdbx_distant_solvent_atoms.PDB_model_num 
_pdbx_distant_solvent_atoms.auth_atom_id 
_pdbx_distant_solvent_atoms.label_alt_id 
_pdbx_distant_solvent_atoms.auth_asym_id 
_pdbx_distant_solvent_atoms.auth_comp_id 
_pdbx_distant_solvent_atoms.auth_seq_id 
_pdbx_distant_solvent_atoms.PDB_ins_code 
_pdbx_distant_solvent_atoms.neighbor_macromolecule_distance 
_pdbx_distant_solvent_atoms.neighbor_ligand_distance 
1 1 O ? A HOH 1526 ? 5.88 . 
2 1 O ? A HOH 1527 ? 6.20 . 
# 
loop_
_chem_comp_atom.comp_id 
_chem_comp_atom.atom_id 
_chem_comp_atom.type_symbol 
_chem_comp_atom.pdbx_aromatic_flag 
_chem_comp_atom.pdbx_stereo_config 
_chem_comp_atom.pdbx_ordinal 
ALA N    N N N 1   
ALA CA   C N S 2   
ALA C    C N N 3   
ALA O    O N N 4   
ALA CB   C N N 5   
ALA OXT  O N N 6   
ALA H    H N N 7   
ALA H2   H N N 8   
ALA HA   H N N 9   
ALA HB1  H N N 10  
ALA HB2  H N N 11  
ALA HB3  H N N 12  
ALA HXT  H N N 13  
ARG N    N N N 14  
ARG CA   C N S 15  
ARG C    C N N 16  
ARG O    O N N 17  
ARG CB   C N N 18  
ARG CG   C N N 19  
ARG CD   C N N 20  
ARG NE   N N N 21  
ARG CZ   C N N 22  
ARG NH1  N N N 23  
ARG NH2  N N N 24  
ARG OXT  O N N 25  
ARG H    H N N 26  
ARG H2   H N N 27  
ARG HA   H N N 28  
ARG HB2  H N N 29  
ARG HB3  H N N 30  
ARG HG2  H N N 31  
ARG HG3  H N N 32  
ARG HD2  H N N 33  
ARG HD3  H N N 34  
ARG HE   H N N 35  
ARG HH11 H N N 36  
ARG HH12 H N N 37  
ARG HH21 H N N 38  
ARG HH22 H N N 39  
ARG HXT  H N N 40  
ASN N    N N N 41  
ASN CA   C N S 42  
ASN C    C N N 43  
ASN O    O N N 44  
ASN CB   C N N 45  
ASN CG   C N N 46  
ASN OD1  O N N 47  
ASN ND2  N N N 48  
ASN OXT  O N N 49  
ASN H    H N N 50  
ASN H2   H N N 51  
ASN HA   H N N 52  
ASN HB2  H N N 53  
ASN HB3  H N N 54  
ASN HD21 H N N 55  
ASN HD22 H N N 56  
ASN HXT  H N N 57  
ASP N    N N N 58  
ASP CA   C N S 59  
ASP C    C N N 60  
ASP O    O N N 61  
ASP CB   C N N 62  
ASP CG   C N N 63  
ASP OD1  O N N 64  
ASP OD2  O N N 65  
ASP OXT  O N N 66  
ASP H    H N N 67  
ASP H2   H N N 68  
ASP HA   H N N 69  
ASP HB2  H N N 70  
ASP HB3  H N N 71  
ASP HD2  H N N 72  
ASP HXT  H N N 73  
CYS N    N N N 74  
CYS CA   C N R 75  
CYS C    C N N 76  
CYS O    O N N 77  
CYS CB   C N N 78  
CYS SG   S N N 79  
CYS OXT  O N N 80  
CYS H    H N N 81  
CYS H2   H N N 82  
CYS HA   H N N 83  
CYS HB2  H N N 84  
CYS HB3  H N N 85  
CYS HG   H N N 86  
CYS HXT  H N N 87  
EDO C1   C N N 88  
EDO O1   O N N 89  
EDO C2   C N N 90  
EDO O2   O N N 91  
EDO H11  H N N 92  
EDO H12  H N N 93  
EDO HO1  H N N 94  
EDO H21  H N N 95  
EDO H22  H N N 96  
EDO HO2  H N N 97  
GLN N    N N N 98  
GLN CA   C N S 99  
GLN C    C N N 100 
GLN O    O N N 101 
GLN CB   C N N 102 
GLN CG   C N N 103 
GLN CD   C N N 104 
GLN OE1  O N N 105 
GLN NE2  N N N 106 
GLN OXT  O N N 107 
GLN H    H N N 108 
GLN H2   H N N 109 
GLN HA   H N N 110 
GLN HB2  H N N 111 
GLN HB3  H N N 112 
GLN HG2  H N N 113 
GLN HG3  H N N 114 
GLN HE21 H N N 115 
GLN HE22 H N N 116 
GLN HXT  H N N 117 
GLU N    N N N 118 
GLU CA   C N S 119 
GLU C    C N N 120 
GLU O    O N N 121 
GLU CB   C N N 122 
GLU CG   C N N 123 
GLU CD   C N N 124 
GLU OE1  O N N 125 
GLU OE2  O N N 126 
GLU OXT  O N N 127 
GLU H    H N N 128 
GLU H2   H N N 129 
GLU HA   H N N 130 
GLU HB2  H N N 131 
GLU HB3  H N N 132 
GLU HG2  H N N 133 
GLU HG3  H N N 134 
GLU HE2  H N N 135 
GLU HXT  H N N 136 
GLY N    N N N 137 
GLY CA   C N N 138 
GLY C    C N N 139 
GLY O    O N N 140 
GLY OXT  O N N 141 
GLY H    H N N 142 
GLY H2   H N N 143 
GLY HA2  H N N 144 
GLY HA3  H N N 145 
GLY HXT  H N N 146 
HIS N    N N N 147 
HIS CA   C N S 148 
HIS C    C N N 149 
HIS O    O N N 150 
HIS CB   C N N 151 
HIS CG   C Y N 152 
HIS ND1  N Y N 153 
HIS CD2  C Y N 154 
HIS CE1  C Y N 155 
HIS NE2  N Y N 156 
HIS OXT  O N N 157 
HIS H    H N N 158 
HIS H2   H N N 159 
HIS HA   H N N 160 
HIS HB2  H N N 161 
HIS HB3  H N N 162 
HIS HD1  H N N 163 
HIS HD2  H N N 164 
HIS HE1  H N N 165 
HIS HE2  H N N 166 
HIS HXT  H N N 167 
HOH O    O N N 168 
HOH H1   H N N 169 
HOH H2   H N N 170 
ILE N    N N N 171 
ILE CA   C N S 172 
ILE C    C N N 173 
ILE O    O N N 174 
ILE CB   C N S 175 
ILE CG1  C N N 176 
ILE CG2  C N N 177 
ILE CD1  C N N 178 
ILE OXT  O N N 179 
ILE H    H N N 180 
ILE H2   H N N 181 
ILE HA   H N N 182 
ILE HB   H N N 183 
ILE HG12 H N N 184 
ILE HG13 H N N 185 
ILE HG21 H N N 186 
ILE HG22 H N N 187 
ILE HG23 H N N 188 
ILE HD11 H N N 189 
ILE HD12 H N N 190 
ILE HD13 H N N 191 
ILE HXT  H N N 192 
LEU N    N N N 193 
LEU CA   C N S 194 
LEU C    C N N 195 
LEU O    O N N 196 
LEU CB   C N N 197 
LEU CG   C N N 198 
LEU CD1  C N N 199 
LEU CD2  C N N 200 
LEU OXT  O N N 201 
LEU H    H N N 202 
LEU H2   H N N 203 
LEU HA   H N N 204 
LEU HB2  H N N 205 
LEU HB3  H N N 206 
LEU HG   H N N 207 
LEU HD11 H N N 208 
LEU HD12 H N N 209 
LEU HD13 H N N 210 
LEU HD21 H N N 211 
LEU HD22 H N N 212 
LEU HD23 H N N 213 
LEU HXT  H N N 214 
LYS N    N N N 215 
LYS CA   C N S 216 
LYS C    C N N 217 
LYS O    O N N 218 
LYS CB   C N N 219 
LYS CG   C N N 220 
LYS CD   C N N 221 
LYS CE   C N N 222 
LYS NZ   N N N 223 
LYS OXT  O N N 224 
LYS H    H N N 225 
LYS H2   H N N 226 
LYS HA   H N N 227 
LYS HB2  H N N 228 
LYS HB3  H N N 229 
LYS HG2  H N N 230 
LYS HG3  H N N 231 
LYS HD2  H N N 232 
LYS HD3  H N N 233 
LYS HE2  H N N 234 
LYS HE3  H N N 235 
LYS HZ1  H N N 236 
LYS HZ2  H N N 237 
LYS HZ3  H N N 238 
LYS HXT  H N N 239 
MET N    N N N 240 
MET CA   C N S 241 
MET C    C N N 242 
MET O    O N N 243 
MET CB   C N N 244 
MET CG   C N N 245 
MET SD   S N N 246 
MET CE   C N N 247 
MET OXT  O N N 248 
MET H    H N N 249 
MET H2   H N N 250 
MET HA   H N N 251 
MET HB2  H N N 252 
MET HB3  H N N 253 
MET HG2  H N N 254 
MET HG3  H N N 255 
MET HE1  H N N 256 
MET HE2  H N N 257 
MET HE3  H N N 258 
MET HXT  H N N 259 
PHE N    N N N 260 
PHE CA   C N S 261 
PHE C    C N N 262 
PHE O    O N N 263 
PHE CB   C N N 264 
PHE CG   C Y N 265 
PHE CD1  C Y N 266 
PHE CD2  C Y N 267 
PHE CE1  C Y N 268 
PHE CE2  C Y N 269 
PHE CZ   C Y N 270 
PHE OXT  O N N 271 
PHE H    H N N 272 
PHE H2   H N N 273 
PHE HA   H N N 274 
PHE HB2  H N N 275 
PHE HB3  H N N 276 
PHE HD1  H N N 277 
PHE HD2  H N N 278 
PHE HE1  H N N 279 
PHE HE2  H N N 280 
PHE HZ   H N N 281 
PHE HXT  H N N 282 
PRO N    N N N 283 
PRO CA   C N S 284 
PRO C    C N N 285 
PRO O    O N N 286 
PRO CB   C N N 287 
PRO CG   C N N 288 
PRO CD   C N N 289 
PRO OXT  O N N 290 
PRO H    H N N 291 
PRO HA   H N N 292 
PRO HB2  H N N 293 
PRO HB3  H N N 294 
PRO HG2  H N N 295 
PRO HG3  H N N 296 
PRO HD2  H N N 297 
PRO HD3  H N N 298 
PRO HXT  H N N 299 
RGM C10  C N N 300 
RGM C13  C Y N 301 
RGM C15  C Y N 302 
RGM C17  C N N 303 
RGM C01  C N N 304 
RGM C03  C N S 305 
RGM C04  C N N 306 
RGM C05  C N S 307 
RGM C06  C N N 308 
RGM C08  C N N 309 
RGM C09  C N S 310 
RGM C12  C Y N 311 
RGM C16  C Y N 312 
RGM C18  C N N 313 
RGM N02  N N N 314 
RGM N07  N N N 315 
RGM N14  N Y N 316 
RGM O11  O N N 317 
RGM O19  O N N 318 
RGM H1   H N N 319 
RGM H2   H N N 320 
RGM H3   H N N 321 
RGM H4   H N N 322 
RGM H5   H N N 323 
RGM H6   H N N 324 
RGM H7   H N N 325 
RGM H8   H N N 326 
RGM H9   H N N 327 
RGM H10  H N N 328 
RGM H11  H N N 329 
RGM H12  H N N 330 
RGM H13  H N N 331 
RGM H14  H N N 332 
RGM H15  H N N 333 
RGM H16  H N N 334 
RGM H18  H N N 335 
SER N    N N N 336 
SER CA   C N S 337 
SER C    C N N 338 
SER O    O N N 339 
SER CB   C N N 340 
SER OG   O N N 341 
SER OXT  O N N 342 
SER H    H N N 343 
SER H2   H N N 344 
SER HA   H N N 345 
SER HB2  H N N 346 
SER HB3  H N N 347 
SER HG   H N N 348 
SER HXT  H N N 349 
SO4 S    S N N 350 
SO4 O1   O N N 351 
SO4 O2   O N N 352 
SO4 O3   O N N 353 
SO4 O4   O N N 354 
THR N    N N N 355 
THR CA   C N S 356 
THR C    C N N 357 
THR O    O N N 358 
THR CB   C N R 359 
THR OG1  O N N 360 
THR CG2  C N N 361 
THR OXT  O N N 362 
THR H    H N N 363 
THR H2   H N N 364 
THR HA   H N N 365 
THR HB   H N N 366 
THR HG1  H N N 367 
THR HG21 H N N 368 
THR HG22 H N N 369 
THR HG23 H N N 370 
THR HXT  H N N 371 
TYR N    N N N 372 
TYR CA   C N S 373 
TYR C    C N N 374 
TYR O    O N N 375 
TYR CB   C N N 376 
TYR CG   C Y N 377 
TYR CD1  C Y N 378 
TYR CD2  C Y N 379 
TYR CE1  C Y N 380 
TYR CE2  C Y N 381 
TYR CZ   C Y N 382 
TYR OH   O N N 383 
TYR OXT  O N N 384 
TYR H    H N N 385 
TYR H2   H N N 386 
TYR HA   H N N 387 
TYR HB2  H N N 388 
TYR HB3  H N N 389 
TYR HD1  H N N 390 
TYR HD2  H N N 391 
TYR HE1  H N N 392 
TYR HE2  H N N 393 
TYR HH   H N N 394 
TYR HXT  H N N 395 
VAL N    N N N 396 
VAL CA   C N S 397 
VAL C    C N N 398 
VAL O    O N N 399 
VAL CB   C N N 400 
VAL CG1  C N N 401 
VAL CG2  C N N 402 
VAL OXT  O N N 403 
VAL H    H N N 404 
VAL H2   H N N 405 
VAL HA   H N N 406 
VAL HB   H N N 407 
VAL HG11 H N N 408 
VAL HG12 H N N 409 
VAL HG13 H N N 410 
VAL HG21 H N N 411 
VAL HG22 H N N 412 
VAL HG23 H N N 413 
VAL HXT  H N N 414 
# 
loop_
_chem_comp_bond.comp_id 
_chem_comp_bond.atom_id_1 
_chem_comp_bond.atom_id_2 
_chem_comp_bond.value_order 
_chem_comp_bond.pdbx_aromatic_flag 
_chem_comp_bond.pdbx_stereo_config 
_chem_comp_bond.pdbx_ordinal 
ALA N   CA   sing N N 1   
ALA N   H    sing N N 2   
ALA N   H2   sing N N 3   
ALA CA  C    sing N N 4   
ALA CA  CB   sing N N 5   
ALA CA  HA   sing N N 6   
ALA C   O    doub N N 7   
ALA C   OXT  sing N N 8   
ALA CB  HB1  sing N N 9   
ALA CB  HB2  sing N N 10  
ALA CB  HB3  sing N N 11  
ALA OXT HXT  sing N N 12  
ARG N   CA   sing N N 13  
ARG N   H    sing N N 14  
ARG N   H2   sing N N 15  
ARG CA  C    sing N N 16  
ARG CA  CB   sing N N 17  
ARG CA  HA   sing N N 18  
ARG C   O    doub N N 19  
ARG C   OXT  sing N N 20  
ARG CB  CG   sing N N 21  
ARG CB  HB2  sing N N 22  
ARG CB  HB3  sing N N 23  
ARG CG  CD   sing N N 24  
ARG CG  HG2  sing N N 25  
ARG CG  HG3  sing N N 26  
ARG CD  NE   sing N N 27  
ARG CD  HD2  sing N N 28  
ARG CD  HD3  sing N N 29  
ARG NE  CZ   sing N N 30  
ARG NE  HE   sing N N 31  
ARG CZ  NH1  sing N N 32  
ARG CZ  NH2  doub N N 33  
ARG NH1 HH11 sing N N 34  
ARG NH1 HH12 sing N N 35  
ARG NH2 HH21 sing N N 36  
ARG NH2 HH22 sing N N 37  
ARG OXT HXT  sing N N 38  
ASN N   CA   sing N N 39  
ASN N   H    sing N N 40  
ASN N   H2   sing N N 41  
ASN CA  C    sing N N 42  
ASN CA  CB   sing N N 43  
ASN CA  HA   sing N N 44  
ASN C   O    doub N N 45  
ASN C   OXT  sing N N 46  
ASN CB  CG   sing N N 47  
ASN CB  HB2  sing N N 48  
ASN CB  HB3  sing N N 49  
ASN CG  OD1  doub N N 50  
ASN CG  ND2  sing N N 51  
ASN ND2 HD21 sing N N 52  
ASN ND2 HD22 sing N N 53  
ASN OXT HXT  sing N N 54  
ASP N   CA   sing N N 55  
ASP N   H    sing N N 56  
ASP N   H2   sing N N 57  
ASP CA  C    sing N N 58  
ASP CA  CB   sing N N 59  
ASP CA  HA   sing N N 60  
ASP C   O    doub N N 61  
ASP C   OXT  sing N N 62  
ASP CB  CG   sing N N 63  
ASP CB  HB2  sing N N 64  
ASP CB  HB3  sing N N 65  
ASP CG  OD1  doub N N 66  
ASP CG  OD2  sing N N 67  
ASP OD2 HD2  sing N N 68  
ASP OXT HXT  sing N N 69  
CYS N   CA   sing N N 70  
CYS N   H    sing N N 71  
CYS N   H2   sing N N 72  
CYS CA  C    sing N N 73  
CYS CA  CB   sing N N 74  
CYS CA  HA   sing N N 75  
CYS C   O    doub N N 76  
CYS C   OXT  sing N N 77  
CYS CB  SG   sing N N 78  
CYS CB  HB2  sing N N 79  
CYS CB  HB3  sing N N 80  
CYS SG  HG   sing N N 81  
CYS OXT HXT  sing N N 82  
EDO C1  O1   sing N N 83  
EDO C1  C2   sing N N 84  
EDO C1  H11  sing N N 85  
EDO C1  H12  sing N N 86  
EDO O1  HO1  sing N N 87  
EDO C2  O2   sing N N 88  
EDO C2  H21  sing N N 89  
EDO C2  H22  sing N N 90  
EDO O2  HO2  sing N N 91  
GLN N   CA   sing N N 92  
GLN N   H    sing N N 93  
GLN N   H2   sing N N 94  
GLN CA  C    sing N N 95  
GLN CA  CB   sing N N 96  
GLN CA  HA   sing N N 97  
GLN C   O    doub N N 98  
GLN C   OXT  sing N N 99  
GLN CB  CG   sing N N 100 
GLN CB  HB2  sing N N 101 
GLN CB  HB3  sing N N 102 
GLN CG  CD   sing N N 103 
GLN CG  HG2  sing N N 104 
GLN CG  HG3  sing N N 105 
GLN CD  OE1  doub N N 106 
GLN CD  NE2  sing N N 107 
GLN NE2 HE21 sing N N 108 
GLN NE2 HE22 sing N N 109 
GLN OXT HXT  sing N N 110 
GLU N   CA   sing N N 111 
GLU N   H    sing N N 112 
GLU N   H2   sing N N 113 
GLU CA  C    sing N N 114 
GLU CA  CB   sing N N 115 
GLU CA  HA   sing N N 116 
GLU C   O    doub N N 117 
GLU C   OXT  sing N N 118 
GLU CB  CG   sing N N 119 
GLU CB  HB2  sing N N 120 
GLU CB  HB3  sing N N 121 
GLU CG  CD   sing N N 122 
GLU CG  HG2  sing N N 123 
GLU CG  HG3  sing N N 124 
GLU CD  OE1  doub N N 125 
GLU CD  OE2  sing N N 126 
GLU OE2 HE2  sing N N 127 
GLU OXT HXT  sing N N 128 
GLY N   CA   sing N N 129 
GLY N   H    sing N N 130 
GLY N   H2   sing N N 131 
GLY CA  C    sing N N 132 
GLY CA  HA2  sing N N 133 
GLY CA  HA3  sing N N 134 
GLY C   O    doub N N 135 
GLY C   OXT  sing N N 136 
GLY OXT HXT  sing N N 137 
HIS N   CA   sing N N 138 
HIS N   H    sing N N 139 
HIS N   H2   sing N N 140 
HIS CA  C    sing N N 141 
HIS CA  CB   sing N N 142 
HIS CA  HA   sing N N 143 
HIS C   O    doub N N 144 
HIS C   OXT  sing N N 145 
HIS CB  CG   sing N N 146 
HIS CB  HB2  sing N N 147 
HIS CB  HB3  sing N N 148 
HIS CG  ND1  sing Y N 149 
HIS CG  CD2  doub Y N 150 
HIS ND1 CE1  doub Y N 151 
HIS ND1 HD1  sing N N 152 
HIS CD2 NE2  sing Y N 153 
HIS CD2 HD2  sing N N 154 
HIS CE1 NE2  sing Y N 155 
HIS CE1 HE1  sing N N 156 
HIS NE2 HE2  sing N N 157 
HIS OXT HXT  sing N N 158 
HOH O   H1   sing N N 159 
HOH O   H2   sing N N 160 
ILE N   CA   sing N N 161 
ILE N   H    sing N N 162 
ILE N   H2   sing N N 163 
ILE CA  C    sing N N 164 
ILE CA  CB   sing N N 165 
ILE CA  HA   sing N N 166 
ILE C   O    doub N N 167 
ILE C   OXT  sing N N 168 
ILE CB  CG1  sing N N 169 
ILE CB  CG2  sing N N 170 
ILE CB  HB   sing N N 171 
ILE CG1 CD1  sing N N 172 
ILE CG1 HG12 sing N N 173 
ILE CG1 HG13 sing N N 174 
ILE CG2 HG21 sing N N 175 
ILE CG2 HG22 sing N N 176 
ILE CG2 HG23 sing N N 177 
ILE CD1 HD11 sing N N 178 
ILE CD1 HD12 sing N N 179 
ILE CD1 HD13 sing N N 180 
ILE OXT HXT  sing N N 181 
LEU N   CA   sing N N 182 
LEU N   H    sing N N 183 
LEU N   H2   sing N N 184 
LEU CA  C    sing N N 185 
LEU CA  CB   sing N N 186 
LEU CA  HA   sing N N 187 
LEU C   O    doub N N 188 
LEU C   OXT  sing N N 189 
LEU CB  CG   sing N N 190 
LEU CB  HB2  sing N N 191 
LEU CB  HB3  sing N N 192 
LEU CG  CD1  sing N N 193 
LEU CG  CD2  sing N N 194 
LEU CG  HG   sing N N 195 
LEU CD1 HD11 sing N N 196 
LEU CD1 HD12 sing N N 197 
LEU CD1 HD13 sing N N 198 
LEU CD2 HD21 sing N N 199 
LEU CD2 HD22 sing N N 200 
LEU CD2 HD23 sing N N 201 
LEU OXT HXT  sing N N 202 
LYS N   CA   sing N N 203 
LYS N   H    sing N N 204 
LYS N   H2   sing N N 205 
LYS CA  C    sing N N 206 
LYS CA  CB   sing N N 207 
LYS CA  HA   sing N N 208 
LYS C   O    doub N N 209 
LYS C   OXT  sing N N 210 
LYS CB  CG   sing N N 211 
LYS CB  HB2  sing N N 212 
LYS CB  HB3  sing N N 213 
LYS CG  CD   sing N N 214 
LYS CG  HG2  sing N N 215 
LYS CG  HG3  sing N N 216 
LYS CD  CE   sing N N 217 
LYS CD  HD2  sing N N 218 
LYS CD  HD3  sing N N 219 
LYS CE  NZ   sing N N 220 
LYS CE  HE2  sing N N 221 
LYS CE  HE3  sing N N 222 
LYS NZ  HZ1  sing N N 223 
LYS NZ  HZ2  sing N N 224 
LYS NZ  HZ3  sing N N 225 
LYS OXT HXT  sing N N 226 
MET N   CA   sing N N 227 
MET N   H    sing N N 228 
MET N   H2   sing N N 229 
MET CA  C    sing N N 230 
MET CA  CB   sing N N 231 
MET CA  HA   sing N N 232 
MET C   O    doub N N 233 
MET C   OXT  sing N N 234 
MET CB  CG   sing N N 235 
MET CB  HB2  sing N N 236 
MET CB  HB3  sing N N 237 
MET CG  SD   sing N N 238 
MET CG  HG2  sing N N 239 
MET CG  HG3  sing N N 240 
MET SD  CE   sing N N 241 
MET CE  HE1  sing N N 242 
MET CE  HE2  sing N N 243 
MET CE  HE3  sing N N 244 
MET OXT HXT  sing N N 245 
PHE N   CA   sing N N 246 
PHE N   H    sing N N 247 
PHE N   H2   sing N N 248 
PHE CA  C    sing N N 249 
PHE CA  CB   sing N N 250 
PHE CA  HA   sing N N 251 
PHE C   O    doub N N 252 
PHE C   OXT  sing N N 253 
PHE CB  CG   sing N N 254 
PHE CB  HB2  sing N N 255 
PHE CB  HB3  sing N N 256 
PHE CG  CD1  doub Y N 257 
PHE CG  CD2  sing Y N 258 
PHE CD1 CE1  sing Y N 259 
PHE CD1 HD1  sing N N 260 
PHE CD2 CE2  doub Y N 261 
PHE CD2 HD2  sing N N 262 
PHE CE1 CZ   doub Y N 263 
PHE CE1 HE1  sing N N 264 
PHE CE2 CZ   sing Y N 265 
PHE CE2 HE2  sing N N 266 
PHE CZ  HZ   sing N N 267 
PHE OXT HXT  sing N N 268 
PRO N   CA   sing N N 269 
PRO N   CD   sing N N 270 
PRO N   H    sing N N 271 
PRO CA  C    sing N N 272 
PRO CA  CB   sing N N 273 
PRO CA  HA   sing N N 274 
PRO C   O    doub N N 275 
PRO C   OXT  sing N N 276 
PRO CB  CG   sing N N 277 
PRO CB  HB2  sing N N 278 
PRO CB  HB3  sing N N 279 
PRO CG  CD   sing N N 280 
PRO CG  HG2  sing N N 281 
PRO CG  HG3  sing N N 282 
PRO CD  HD2  sing N N 283 
PRO CD  HD3  sing N N 284 
PRO OXT HXT  sing N N 285 
RGM C04 C05  sing N N 286 
RGM C04 C03  sing N N 287 
RGM C06 C05  sing N N 288 
RGM C06 N07  sing N N 289 
RGM C05 C09  sing N N 290 
RGM O19 C17  doub N N 291 
RGM C03 C16  sing N N 292 
RGM C03 N02  sing N N 293 
RGM C15 C16  doub Y N 294 
RGM C15 N14  sing Y N 295 
RGM C16 C12  sing Y N 296 
RGM N14 C13  sing Y N 297 
RGM N07 C17  sing N N 298 
RGM N07 C08  sing N N 299 
RGM C17 C18  sing N N 300 
RGM C12 C13  doub Y N 301 
RGM C12 C10  sing N N 302 
RGM C09 C10  sing N N 303 
RGM C09 N02  sing N N 304 
RGM C09 C08  sing N N 305 
RGM C10 O11  doub N N 306 
RGM N02 C01  sing N N 307 
RGM C13 H1   sing N N 308 
RGM C15 H2   sing N N 309 
RGM C01 H3   sing N N 310 
RGM C01 H4   sing N N 311 
RGM C01 H5   sing N N 312 
RGM C03 H6   sing N N 313 
RGM C04 H7   sing N N 314 
RGM C04 H8   sing N N 315 
RGM C05 H9   sing N N 316 
RGM C06 H10  sing N N 317 
RGM C06 H11  sing N N 318 
RGM C08 H12  sing N N 319 
RGM C08 H13  sing N N 320 
RGM C18 H14  sing N N 321 
RGM C18 H15  sing N N 322 
RGM C18 H16  sing N N 323 
RGM N14 H18  sing N N 324 
SER N   CA   sing N N 325 
SER N   H    sing N N 326 
SER N   H2   sing N N 327 
SER CA  C    sing N N 328 
SER CA  CB   sing N N 329 
SER CA  HA   sing N N 330 
SER C   O    doub N N 331 
SER C   OXT  sing N N 332 
SER CB  OG   sing N N 333 
SER CB  HB2  sing N N 334 
SER CB  HB3  sing N N 335 
SER OG  HG   sing N N 336 
SER OXT HXT  sing N N 337 
SO4 S   O1   doub N N 338 
SO4 S   O2   doub N N 339 
SO4 S   O3   sing N N 340 
SO4 S   O4   sing N N 341 
THR N   CA   sing N N 342 
THR N   H    sing N N 343 
THR N   H2   sing N N 344 
THR CA  C    sing N N 345 
THR CA  CB   sing N N 346 
THR CA  HA   sing N N 347 
THR C   O    doub N N 348 
THR C   OXT  sing N N 349 
THR CB  OG1  sing N N 350 
THR CB  CG2  sing N N 351 
THR CB  HB   sing N N 352 
THR OG1 HG1  sing N N 353 
THR CG2 HG21 sing N N 354 
THR CG2 HG22 sing N N 355 
THR CG2 HG23 sing N N 356 
THR OXT HXT  sing N N 357 
TYR N   CA   sing N N 358 
TYR N   H    sing N N 359 
TYR N   H2   sing N N 360 
TYR CA  C    sing N N 361 
TYR CA  CB   sing N N 362 
TYR CA  HA   sing N N 363 
TYR C   O    doub N N 364 
TYR C   OXT  sing N N 365 
TYR CB  CG   sing N N 366 
TYR CB  HB2  sing N N 367 
TYR CB  HB3  sing N N 368 
TYR CG  CD1  doub Y N 369 
TYR CG  CD2  sing Y N 370 
TYR CD1 CE1  sing Y N 371 
TYR CD1 HD1  sing N N 372 
TYR CD2 CE2  doub Y N 373 
TYR CD2 HD2  sing N N 374 
TYR CE1 CZ   doub Y N 375 
TYR CE1 HE1  sing N N 376 
TYR CE2 CZ   sing Y N 377 
TYR CE2 HE2  sing N N 378 
TYR CZ  OH   sing N N 379 
TYR OH  HH   sing N N 380 
TYR OXT HXT  sing N N 381 
VAL N   CA   sing N N 382 
VAL N   H    sing N N 383 
VAL N   H2   sing N N 384 
VAL CA  C    sing N N 385 
VAL CA  CB   sing N N 386 
VAL CA  HA   sing N N 387 
VAL C   O    doub N N 388 
VAL C   OXT  sing N N 389 
VAL CB  CG1  sing N N 390 
VAL CB  CG2  sing N N 391 
VAL CB  HB   sing N N 392 
VAL CG1 HG11 sing N N 393 
VAL CG1 HG12 sing N N 394 
VAL CG1 HG13 sing N N 395 
VAL CG2 HG21 sing N N 396 
VAL CG2 HG22 sing N N 397 
VAL CG2 HG23 sing N N 398 
VAL OXT HXT  sing N N 399 
# 
_pdbx_deposit_group.group_id            G_1002118 
_pdbx_deposit_group.group_description   
;Bromodomain of human ATAD2 screened against the Leeds 3D Fragment Library by X-ray Crystallography at the XChem
facility of Diamond Light Source beamline I04-1
;
_pdbx_deposit_group.group_title         'PanDDA analysis group deposition - Bromodomain of human ATAD2 fragment screening' 
_pdbx_deposit_group.group_type          'changed state' 
# 
_pdbx_entity_instance_feature.ordinal        1 
_pdbx_entity_instance_feature.comp_id        RGM 
_pdbx_entity_instance_feature.asym_id        ? 
_pdbx_entity_instance_feature.seq_num        ? 
_pdbx_entity_instance_feature.auth_comp_id   RGM 
_pdbx_entity_instance_feature.auth_asym_id   ? 
_pdbx_entity_instance_feature.auth_seq_num   ? 
_pdbx_entity_instance_feature.feature_type   'SUBJECT OF INVESTIGATION' 
_pdbx_entity_instance_feature.details        ? 
# 
_atom_sites.entry_id                    5QXK 
_atom_sites.fract_transf_matrix[1][1]   -0.00170614 
_atom_sites.fract_transf_matrix[1][2]   0.00921609 
_atom_sites.fract_transf_matrix[1][3]   -0.01086981 
_atom_sites.fract_transf_matrix[2][1]   0.01044509 
_atom_sites.fract_transf_matrix[2][2]   0.00929897 
_atom_sites.fract_transf_matrix[2][3]   -0.00323077 
_atom_sites.fract_transf_matrix[3][1]   0.00285959 
_atom_sites.fract_transf_matrix[3][2]   -0.00477440 
_atom_sites.fract_transf_matrix[3][3]   -0.00449688 
_atom_sites.fract_transf_vector[1]      0.445915 
_atom_sites.fract_transf_vector[2]      0.601052 
_atom_sites.fract_transf_vector[3]      -0.025661 
# 
loop_
_atom_type.symbol 
C 
N 
O 
S 
# 
loop_
_atom_site.group_PDB 
_atom_site.id 
_atom_site.type_symbol 
_atom_site.label_atom_id 
_atom_site.label_alt_id 
_atom_site.label_comp_id 
_atom_site.label_asym_id 
_atom_site.label_entity_id 
_atom_site.label_seq_id 
_atom_site.pdbx_PDB_ins_code 
_atom_site.Cartn_x 
_atom_site.Cartn_y 
_atom_site.Cartn_z 
_atom_site.occupancy 
_atom_site.B_iso_or_equiv 
_atom_site.pdbx_formal_charge 
_atom_site.auth_seq_id 
_atom_site.auth_comp_id 
_atom_site.auth_asym_id 
_atom_site.auth_atom_id 
_atom_site.pdbx_PDB_model_num 
ATOM   1    N N   . SER A 1 1   ? 20.212  -10.851 13.222  1.00 31.26 ? 979  SER A N   1 
ATOM   2    C CA  . SER A 1 1   ? 21.112  -11.800 12.547  1.00 35.24 ? 979  SER A CA  1 
ATOM   3    C C   . SER A 1 1   ? 21.093  -11.523 11.031  1.00 43.35 ? 979  SER A C   1 
ATOM   4    O O   . SER A 1 1   ? 20.174  -10.796 10.546  1.00 31.04 ? 979  SER A O   1 
ATOM   5    C CB  . SER A 1 1   ? 20.699  -13.210 12.841  1.00 40.22 ? 979  SER A CB  1 
ATOM   6    O OG  . SER A 1 1   ? 19.406  -13.514 12.278  1.00 35.82 ? 979  SER A OG  1 
ATOM   7    N N   . MET A 1 2   ? 22.048  -12.093 10.302  1.00 39.97 ? 980  MET A N   1 
ATOM   8    C CA  . MET A 1 2   ? 22.105  -11.977 8.826   1.00 42.83 ? 980  MET A CA  1 
ATOM   9    C C   . MET A 1 2   ? 20.885  -12.697 8.243   1.00 35.21 ? 980  MET A C   1 
ATOM   10   O O   . MET A 1 2   ? 20.359  -12.231 7.233   1.00 31.23 ? 980  MET A O   1 
ATOM   11   C CB  . MET A 1 2   ? 23.376  -12.614 8.246   1.00 52.13 ? 980  MET A CB  1 
ATOM   12   C CG  . MET A 1 2   ? 23.414  -12.624 6.702   1.00 61.62 ? 980  MET A CG  1 
ATOM   13   S SD  . MET A 1 2   ? 23.971  -11.026 5.984   1.00 86.91 ? 980  MET A SD  1 
ATOM   14   C CE  . MET A 1 2   ? 22.502  -9.997  5.962   1.00 72.89 ? 980  MET A CE  1 
ATOM   15   N N   . GLN A 1 3   ? 20.466  -13.815 8.825   1.00 30.88 ? 981  GLN A N   1 
ATOM   16   C CA  . GLN A 1 3   ? 19.286  -14.585 8.362   1.00 35.44 ? 981  GLN A CA  1 
ATOM   17   C C   . GLN A 1 3   ? 18.037  -13.698 8.483   1.00 27.30 ? 981  GLN A C   1 
ATOM   18   O O   . GLN A 1 3   ? 17.166  -13.790 7.599   1.00 25.90 ? 981  GLN A O   1 
ATOM   19   C CB  . GLN A 1 3   ? 19.148  -15.889 9.153   1.00 43.76 ? 981  GLN A CB  1 
ATOM   20   C CG  . GLN A 1 3   ? 20.463  -16.687 9.216   1.00 60.02 ? 981  GLN A CG  1 
ATOM   21   C CD  . GLN A 1 3   ? 21.303  -16.387 10.448  1.00 65.77 ? 981  GLN A CD  1 
ATOM   22   O OE1 . GLN A 1 3   ? 22.233  -15.556 10.448  1.00 58.14 ? 981  GLN A OE1 1 
ATOM   23   N NE2 . GLN A 1 3   ? 20.953  -17.053 11.539  1.00 74.80 ? 981  GLN A NE2 1 
ATOM   24   N N   . GLU A 1 4   ? 17.915  -12.920 9.561   1.00 23.21 ? 982  GLU A N   1 
ATOM   25   C CA  . GLU A 1 4   ? 16.746  -12.009 9.745   1.00 21.17 ? 982  GLU A CA  1 
ATOM   26   C C   . GLU A 1 4   ? 16.833  -10.893 8.682   1.00 18.96 ? 982  GLU A C   1 
ATOM   27   O O   . GLU A 1 4   ? 15.774  -10.497 8.096   1.00 16.23 ? 982  GLU A O   1 
ATOM   28   C CB  . GLU A 1 4   ? 16.671  -11.446 11.184  1.00 20.53 ? 982  GLU A CB  1 
ATOM   29   C CG  . GLU A 1 4   ? 16.274  -12.546 12.190  1.00 22.67 ? 982  GLU A CG  1 
ATOM   30   C CD  . GLU A 1 4   ? 16.424  -12.156 13.651  1.00 27.78 ? 982  GLU A CD  1 
ATOM   31   O OE1 . GLU A 1 4   ? 17.147  -11.178 13.878  1.00 28.13 ? 982  GLU A OE1 1 
ATOM   32   O OE2 . GLU A 1 4   ? 15.733  -12.781 14.572  1.00 25.46 ? 982  GLU A OE2 1 
ATOM   33   N N   . GLU A 1 5   ? 18.009  -10.340 8.416   1.00 18.74 ? 983  GLU A N   1 
ATOM   34   C CA  . GLU A 1 5   ? 18.125  -9.293  7.373   1.00 21.21 ? 983  GLU A CA  1 
ATOM   35   C C   . GLU A 1 5   ? 17.752  -9.884  5.982   1.00 19.63 ? 983  GLU A C   1 
ATOM   36   O O   . GLU A 1 5   ? 17.102  -9.153  5.202   1.00 17.76 ? 983  GLU A O   1 
ATOM   37   C CB  . GLU A 1 5   ? 19.545  -8.676  7.355   1.00 26.75 ? 983  GLU A CB  1 
ATOM   38   C CG  . GLU A 1 5   ? 19.819  -7.849  8.617   1.00 32.50 ? 983  GLU A CG  1 
ATOM   39   C CD  . GLU A 1 5   ? 18.722  -6.847  8.985   1.00 45.64 ? 983  GLU A CD  1 
ATOM   40   O OE1 . GLU A 1 5   ? 18.418  -6.004  8.100   1.00 57.82 ? 983  GLU A OE1 1 
ATOM   41   O OE2 . GLU A 1 5   ? 18.093  -6.942  10.129  1.00 54.35 ? 983  GLU A OE2 1 
ATOM   42   N N   . ASP A 1 6   ? 18.125  -11.119 5.674   1.00 17.07 ? 984  ASP A N   1 
ATOM   43   C CA  . ASP A 1 6   ? 17.730  -11.846 4.439   1.00 18.00 ? 984  ASP A CA  1 
ATOM   44   C C   . ASP A 1 6   ? 16.172  -11.991 4.393   1.00 16.03 ? 984  ASP A C   1 
ATOM   45   O O   . ASP A 1 6   ? 15.588  -11.791 3.270   1.00 15.11 ? 984  ASP A O   1 
ATOM   46   C CB  . ASP A 1 6   ? 18.393  -13.220 4.289   1.00 22.95 ? 984  ASP A CB  1 
ATOM   47   C CG  . ASP A 1 6   ? 19.900  -13.188 3.923   1.00 27.20 ? 984  ASP A CG  1 
ATOM   48   O OD1 . ASP A 1 6   ? 20.405  -12.116 3.590   1.00 31.70 ? 984  ASP A OD1 1 
ATOM   49   O OD2 . ASP A 1 6   ? 20.514  -14.220 4.073   1.00 42.69 ? 984  ASP A OD2 1 
ATOM   50   N N   . THR A 1 7   ? 15.513  -12.299 5.502   1.00 14.50 ? 985  THR A N   1 
ATOM   51   C CA  . THR A 1 7   ? 14.025  -12.354 5.584   1.00 13.87 ? 985  THR A CA  1 
ATOM   52   C C   . THR A 1 7   ? 13.440  -10.994 5.142   1.00 13.90 ? 985  THR A C   1 
ATOM   53   O O   . THR A 1 7   ? 12.532  -10.970 4.247   1.00 12.38 ? 985  THR A O   1 
ATOM   54   C CB  . THR A 1 7   ? 13.491  -12.833 6.937   1.00 15.01 ? 985  THR A CB  1 
ATOM   55   O OG1 . THR A 1 7   ? 14.076  -14.134 7.227   1.00 18.49 ? 985  THR A OG1 1 
ATOM   56   C CG2 . THR A 1 7   ? 11.987  -12.860 6.976   1.00 16.07 ? 985  THR A CG2 1 
ATOM   57   N N   . PHE A 1 8   ? 13.847  -9.890  5.766   1.00 13.64 ? 986  PHE A N   1 
ATOM   58   C CA  . PHE A 1 8   ? 13.321  -8.549  5.386   1.00 14.04 ? 986  PHE A CA  1 
ATOM   59   C C   . PHE A 1 8   ? 13.612  -8.171  3.922   1.00 14.86 ? 986  PHE A C   1 
ATOM   60   O O   . PHE A 1 8   ? 12.765  -7.489  3.302   1.00 15.53 ? 986  PHE A O   1 
ATOM   61   C CB  . PHE A 1 8   ? 13.694  -7.459  6.397   1.00 14.13 ? 986  PHE A CB  1 
ATOM   62   C CG  . PHE A 1 8   ? 13.137  -7.635  7.798   1.00 14.74 ? 986  PHE A CG  1 
ATOM   63   C CD1 . PHE A 1 8   ? 11.802  -7.864  8.045   1.00 15.11 ? 986  PHE A CD1 1 
ATOM   64   C CD2 . PHE A 1 8   ? 13.975  -7.528  8.907   1.00 17.46 ? 986  PHE A CD2 1 
ATOM   65   C CE1 . PHE A 1 8   ? 11.279  -8.058  9.315   1.00 17.98 ? 986  PHE A CE1 1 
ATOM   66   C CE2 . PHE A 1 8   ? 13.442  -7.664  10.191  1.00 17.79 ? 986  PHE A CE2 1 
ATOM   67   C CZ  . PHE A 1 8   ? 12.107  -7.912  10.410  1.00 18.68 ? 986  PHE A CZ  1 
ATOM   68   N N   A ARG A 1 9   ? 14.757  -8.591  3.367   0.23 14.83 ? 987  ARG A N   1 
ATOM   69   N N   B ARG A 1 9   ? 14.767  -8.576  3.393   0.23 14.13 ? 987  ARG A N   1 
ATOM   70   N N   C ARG A 1 9   ? 14.746  -8.590  3.347   0.04 13.61 ? 987  ARG A N   1 
ATOM   71   C CA  A ARG A 1 9   ? 15.110  -8.321  1.944   0.23 15.72 ? 987  ARG A CA  1 
ATOM   72   C CA  B ARG A 1 9   ? 15.099  -8.332  1.970   0.23 14.55 ? 987  ARG A CA  1 
ATOM   73   C CA  C ARG A 1 9   ? 15.068  -8.269  1.926   0.04 13.02 ? 987  ARG A CA  1 
ATOM   74   C C   A ARG A 1 9   ? 14.129  -9.064  1.021   0.23 14.29 ? 987  ARG A C   1 
ATOM   75   C C   B ARG A 1 9   ? 14.053  -9.025  1.090   0.23 13.68 ? 987  ARG A C   1 
ATOM   76   C C   C ARG A 1 9   ? 14.147  -9.071  0.995   0.04 12.89 ? 987  ARG A C   1 
ATOM   77   O O   A ARG A 1 9   ? 13.721  -8.492  -0.012  0.23 13.44 ? 987  ARG A O   1 
ATOM   78   O O   B ARG A 1 9   ? 13.514  -8.359  0.182   0.23 13.16 ? 987  ARG A O   1 
ATOM   79   O O   C ARG A 1 9   ? 13.793  -8.532  -0.074  0.04 12.75 ? 987  ARG A O   1 
ATOM   80   C CB  A ARG A 1 9   ? 16.562  -8.701  1.644   0.23 18.17 ? 987  ARG A CB  1 
ATOM   81   C CB  B ARG A 1 9   ? 16.501  -8.820  1.618   0.23 15.88 ? 987  ARG A CB  1 
ATOM   82   C CB  C ARG A 1 9   ? 16.541  -8.509  1.582   0.04 12.59 ? 987  ARG A CB  1 
ATOM   83   C CG  A ARG A 1 9   ? 17.175  -7.955  0.467   0.23 20.46 ? 987  ARG A CG  1 
ATOM   84   C CG  B ARG A 1 9   ? 16.892  -8.508  0.187   0.23 16.69 ? 987  ARG A CG  1 
ATOM   85   C CG  C ARG A 1 9   ? 16.998  -7.795  0.314   0.04 12.19 ? 987  ARG A CG  1 
ATOM   86   C CD  A ARG A 1 9   ? 18.699  -8.057  0.404   0.23 22.50 ? 987  ARG A CD  1 
ATOM   87   C CD  B ARG A 1 9   ? 18.393  -8.478  0.006   0.23 18.73 ? 987  ARG A CD  1 
ATOM   88   C CD  C ARG A 1 9   ? 18.511  -7.804  0.183   0.04 11.78 ? 987  ARG A CD  1 
ATOM   89   N NE  A ARG A 1 9   ? 19.397  -7.721  1.634   0.23 27.67 ? 987  ARG A NE  1 
ATOM   90   N NE  B ARG A 1 9   ? 18.687  -7.983  -1.327  0.23 20.09 ? 987  ARG A NE  1 
ATOM   91   N NE  C ARG A 1 9   ? 19.097  -7.110  -0.964  0.04 11.32 ? 987  ARG A NE  1 
ATOM   92   C CZ  A ARG A 1 9   ? 20.019  -8.589  2.449   0.23 25.31 ? 987  ARG A CZ  1 
ATOM   93   C CZ  B ARG A 1 9   ? 18.895  -8.759  -2.389  0.23 19.38 ? 987  ARG A CZ  1 
ATOM   94   C CZ  C ARG A 1 9   ? 18.913  -7.422  -2.247  0.04 11.12 ? 987  ARG A CZ  1 
ATOM   95   N NH1 A ARG A 1 9   ? 20.057  -9.880  2.180   0.23 26.57 ? 987  ARG A NH1 1 
ATOM   96   N NH1 B ARG A 1 9   ? 19.118  -8.159  -3.540  0.23 22.15 ? 987  ARG A NH1 1 
ATOM   97   N NH1 C ARG A 1 9   ? 19.549  -6.738  -3.184  0.04 10.63 ? 987  ARG A NH1 1 
ATOM   98   N NH2 A ARG A 1 9   ? 20.607  -8.149  3.538   0.23 24.76 ? 987  ARG A NH2 1 
ATOM   99   N NH2 B ARG A 1 9   ? 18.815  -10.090 -2.320  0.23 17.70 ? 987  ARG A NH2 1 
ATOM   100  N NH2 C ARG A 1 9   ? 18.057  -8.364  -2.604  0.04 11.04 ? 987  ARG A NH2 1 
ATOM   101  N N   . GLU A 1 10  ? 13.778  -10.303 1.369   1.00 12.85 ? 988  GLU A N   1 
ATOM   102  C CA  . GLU A 1 10  ? 12.790  -11.087 0.586   1.00 12.04 ? 988  GLU A CA  1 
ATOM   103  C C   . GLU A 1 10  ? 11.431  -10.341 0.683   1.00 11.30 ? 988  GLU A C   1 
ATOM   104  O O   . GLU A 1 10  ? 10.712  -10.223 -0.390  1.00 11.26 ? 988  GLU A O   1 
ATOM   105  C CB  . GLU A 1 10  ? 12.701  -12.533 1.078   1.00 11.81 ? 988  GLU A CB  1 
ATOM   106  C CG  . GLU A 1 10  ? 11.661  -13.311 0.279   1.00 12.18 ? 988  GLU A CG  1 
ATOM   107  C CD  . GLU A 1 10  ? 11.724  -14.821 0.269   1.00 16.28 ? 988  GLU A CD  1 
ATOM   108  O OE1 . GLU A 1 10  ? 10.733  -15.437 -0.245  1.00 15.02 ? 988  GLU A OE1 1 
ATOM   109  O OE2 . GLU A 1 10  ? 12.691  -15.356 0.871   1.00 15.53 ? 988  GLU A OE2 1 
ATOM   110  N N   . LEU A 1 11  ? 11.033  -9.872  1.867   1.00 11.78 ? 989  LEU A N   1 
ATOM   111  C CA  . LEU A 1 11  ? 9.756   -9.119  2.030   1.00 12.16 ? 989  LEU A CA  1 
ATOM   112  C C   . LEU A 1 11  ? 9.766   -7.903  1.089   1.00 12.33 ? 989  LEU A C   1 
ATOM   113  O O   . LEU A 1 11  ? 8.768   -7.679  0.330   1.00 11.58 ? 989  LEU A O   1 
ATOM   114  C CB  . LEU A 1 11  ? 9.558   -8.687  3.483   1.00 13.18 ? 989  LEU A CB  1 
ATOM   115  C CG  . LEU A 1 11  ? 8.380   -7.762  3.730   1.00 13.13 ? 989  LEU A CG  1 
ATOM   116  C CD1 . LEU A 1 11  ? 7.094   -8.503  3.473   1.00 15.81 ? 989  LEU A CD1 1 
ATOM   117  C CD2 . LEU A 1 11  ? 8.456   -7.122  5.131   1.00 17.72 ? 989  LEU A CD2 1 
ATOM   118  N N   . ARG A 1 12  ? 10.839  -7.124  1.073   1.00 11.43 ? 990  ARG A N   1 
ATOM   119  C CA  . ARG A 1 12  ? 10.913  -5.937  0.175   1.00 10.81 ? 990  ARG A CA  1 
ATOM   120  C C   . ARG A 1 12  ? 10.785  -6.331  -1.301  1.00 11.15 ? 990  ARG A C   1 
ATOM   121  O O   . ARG A 1 12  ? 10.041  -5.572  -2.066  1.00 10.33 ? 990  ARG A O   1 
ATOM   122  C CB  . ARG A 1 12  ? 12.171  -5.076  0.439   1.00 10.27 ? 990  ARG A CB  1 
ATOM   123  C CG  . ARG A 1 12  ? 12.175  -4.465  1.826   1.00 12.71 ? 990  ARG A CG  1 
ATOM   124  C CD  . ARG A 1 12  ? 13.334  -3.476  2.044   1.00 13.82 ? 990  ARG A CD  1 
ATOM   125  N NE  . ARG A 1 12  ? 14.673  -4.023  1.856   1.00 14.27 ? 990  ARG A NE  1 
ATOM   126  C CZ  . ARG A 1 12  ? 15.428  -4.560  2.832   1.00 15.55 ? 990  ARG A CZ  1 
ATOM   127  N NH1 . ARG A 1 12  ? 16.637  -5.039  2.548   1.00 17.97 ? 990  ARG A NH1 1 
ATOM   128  N NH2 . ARG A 1 12  ? 14.981  -4.660  4.039   1.00 15.40 ? 990  ARG A NH2 1 
ATOM   129  N N   . ILE A 1 13  ? 11.428  -7.394  -1.784  1.00 11.15 ? 991  ILE A N   1 
ATOM   130  C CA  . ILE A 1 13  ? 11.389  -7.864  -3.198  1.00 11.13 ? 991  ILE A CA  1 
ATOM   131  C C   . ILE A 1 13  ? 9.904   -8.201  -3.512  1.00 10.62 ? 991  ILE A C   1 
ATOM   132  O O   . ILE A 1 13  ? 9.390   -7.749  -4.558  1.00 11.76 ? 991  ILE A O   1 
ATOM   133  C CB  . ILE A 1 13  ? 12.370  -9.014  -3.451  1.00 12.50 ? 991  ILE A CB  1 
ATOM   134  C CG1 . ILE A 1 13  ? 13.808  -8.475  -3.320  1.00 15.88 ? 991  ILE A CG1 1 
ATOM   135  C CG2 . ILE A 1 13  ? 12.062  -9.642  -4.789  1.00 15.48 ? 991  ILE A CG2 1 
ATOM   136  C CD1 . ILE A 1 13  ? 14.801  -9.573  -3.119  1.00 17.31 ? 991  ILE A CD1 1 
ATOM   137  N N   . PHE A 1 14  ? 9.252   -8.933  -2.614  1.00 10.86 ? 992  PHE A N   1 
ATOM   138  C CA  . PHE A 1 14  ? 7.828   -9.322  -2.801  1.00 11.54 ? 992  PHE A CA  1 
ATOM   139  C C   . PHE A 1 14  ? 6.946   -8.056  -2.899  1.00 11.11 ? 992  PHE A C   1 
ATOM   140  O O   . PHE A 1 14  ? 6.091   -7.935  -3.825  1.00 10.89 ? 992  PHE A O   1 
ATOM   141  C CB  . PHE A 1 14  ? 7.370   -10.225 -1.642  1.00 12.24 ? 992  PHE A CB  1 
ATOM   142  C CG  . PHE A 1 14  ? 5.888   -10.592 -1.640  1.00 13.42 ? 992  PHE A CG  1 
ATOM   143  C CD1 . PHE A 1 14  ? 5.402   -11.438 -2.629  1.00 16.11 ? 992  PHE A CD1 1 
ATOM   144  C CD2 . PHE A 1 14  ? 5.043   -10.037 -0.703  1.00 14.67 ? 992  PHE A CD2 1 
ATOM   145  C CE1 . PHE A 1 14  ? 4.036   -11.759 -2.683  1.00 16.91 ? 992  PHE A CE1 1 
ATOM   146  C CE2 . PHE A 1 14  ? 3.685   -10.377 -0.734  1.00 16.98 ? 992  PHE A CE2 1 
ATOM   147  C CZ  . PHE A 1 14  ? 3.205   -11.214 -1.744  1.00 14.46 ? 992  PHE A CZ  1 
ATOM   148  N N   . LEU A 1 15  ? 7.098   -7.090  -1.971  1.00 11.16 ? 993  LEU A N   1 
ATOM   149  C CA  . LEU A 1 15  ? 6.233   -5.856  -1.940  1.00 11.00 ? 993  LEU A CA  1 
ATOM   150  C C   . LEU A 1 15  ? 6.482   -4.994  -3.176  1.00 11.96 ? 993  LEU A C   1 
ATOM   151  O O   . LEU A 1 15  ? 5.504   -4.409  -3.733  1.00 11.80 ? 993  LEU A O   1 
ATOM   152  C CB  . LEU A 1 15  ? 6.498   -5.062  -0.660  1.00 12.79 ? 993  LEU A CB  1 
ATOM   153  C CG  . LEU A 1 15  ? 6.129   -5.765  0.652   1.00 13.32 ? 993  LEU A CG  1 
ATOM   154  C CD1 . LEU A 1 15  ? 6.441   -4.848  1.845   1.00 14.32 ? 993  LEU A CD1 1 
ATOM   155  C CD2 . LEU A 1 15  ? 4.663   -6.168  0.637   1.00 14.24 ? 993  LEU A CD2 1 
ATOM   156  N N   . ARG A 1 16  ? 7.709   -4.841  -3.653  1.00 12.19 ? 994  ARG A N   1 
ATOM   157  C CA  . ARG A 1 16  ? 7.972   -4.069  -4.895  1.00 11.20 ? 994  ARG A CA  1 
ATOM   158  C C   . ARG A 1 16  ? 7.275   -4.696  -6.103  1.00 13.90 ? 994  ARG A C   1 
ATOM   159  O O   . ARG A 1 16  ? 6.737   -3.956  -6.963  1.00 12.60 ? 994  ARG A O   1 
ATOM   160  C CB  . ARG A 1 16  ? 9.460   -3.974  -5.271  1.00 13.92 ? 994  ARG A CB  1 
ATOM   161  C CG  . ARG A 1 16  ? 10.309  -3.174  -4.318  1.00 15.04 ? 994  ARG A CG  1 
ATOM   162  C CD  . ARG A 1 16  ? 11.715  -2.824  -4.949  1.00 14.85 ? 994  ARG A CD  1 
ATOM   163  N NE  . ARG A 1 16  ? 12.570  -2.403  -3.870  1.00 16.46 ? 994  ARG A NE  1 
ATOM   164  C CZ  . ARG A 1 16  ? 13.280  -3.175  -3.037  1.00 16.70 ? 994  ARG A CZ  1 
ATOM   165  N NH1 . ARG A 1 16  ? 13.553  -4.445  -3.272  1.00 16.19 ? 994  ARG A NH1 1 
ATOM   166  N NH2 . ARG A 1 16  ? 13.873  -2.600  -2.010  1.00 19.41 ? 994  ARG A NH2 1 
ATOM   167  N N   . ASN A 1 17  ? 7.244   -6.033  -6.187  1.00 10.82 ? 995  ASN A N   1 
ATOM   168  C CA  . ASN A 1 17  ? 6.620   -6.763  -7.316  1.00 12.11 ? 995  ASN A CA  1 
ATOM   169  C C   . ASN A 1 17  ? 5.094   -6.572  -7.254  1.00 9.85  ? 995  ASN A C   1 
ATOM   170  O O   . ASN A 1 17  ? 4.506   -6.198  -8.372  1.00 10.59 ? 995  ASN A O   1 
ATOM   171  C CB  . ASN A 1 17  ? 7.021   -8.220  -7.312  1.00 12.57 ? 995  ASN A CB  1 
ATOM   172  C CG  . ASN A 1 17  ? 6.296   -8.952  -8.439  1.00 16.56 ? 995  ASN A CG  1 
ATOM   173  O OD1 . ASN A 1 17  ? 5.293   -9.540  -8.166  1.00 16.36 ? 995  ASN A OD1 1 
ATOM   174  N ND2 . ASN A 1 17  ? 6.789   -8.838  -9.664  1.00 19.69 ? 995  ASN A ND2 1 
ATOM   175  N N   . VAL A 1 18  ? 4.474   -6.737  -6.102  1.00 11.37 ? 996  VAL A N   1 
ATOM   176  C CA  . VAL A 1 18  ? 2.993   -6.504  -5.976  1.00 10.66 ? 996  VAL A CA  1 
ATOM   177  C C   . VAL A 1 18  ? 2.664   -5.045  -6.391  1.00 11.90 ? 996  VAL A C   1 
ATOM   178  O O   . VAL A 1 18  ? 1.734   -4.741  -7.204  1.00 11.42 ? 996  VAL A O   1 
ATOM   179  C CB  . VAL A 1 18  ? 2.478   -6.755  -4.567  1.00 12.16 ? 996  VAL A CB  1 
ATOM   180  C CG1 . VAL A 1 18  ? 0.977   -6.372  -4.450  1.00 12.05 ? 996  VAL A CG1 1 
ATOM   181  C CG2 . VAL A 1 18  ? 2.709   -8.220  -4.184  1.00 13.95 ? 996  VAL A CG2 1 
ATOM   182  N N   . THR A 1 19  ? 3.443   -4.078  -5.870  1.00 10.26 ? 997  THR A N   1 
ATOM   183  C CA  . THR A 1 19  ? 3.165   -2.626  -6.067  1.00 10.96 ? 997  THR A CA  1 
ATOM   184  C C   . THR A 1 19  ? 3.320   -2.285  -7.569  1.00 11.47 ? 997  THR A C   1 
ATOM   185  O O   . THR A 1 19  ? 2.461   -1.508  -8.111  1.00 11.93 ? 997  THR A O   1 
ATOM   186  C CB  . THR A 1 19  ? 4.067   -1.758  -5.179  1.00 10.57 ? 997  THR A CB  1 
ATOM   187  O OG1 . THR A 1 19  ? 3.948   -2.157  -3.812  1.00 11.06 ? 997  THR A OG1 1 
ATOM   188  C CG2 . THR A 1 19  ? 3.679   -0.306  -5.220  1.00 12.75 ? 997  THR A CG2 1 
ATOM   189  N N   . HIS A 1 20  ? 4.354   -2.801  -8.261  1.00 11.34 ? 998  HIS A N   1 
ATOM   190  C CA  . HIS A 1 20  ? 4.534   -2.612  -9.725  1.00 13.13 ? 998  HIS A CA  1 
ATOM   191  C C   . HIS A 1 20  ? 3.308   -3.127  -10.503 1.00 12.72 ? 998  HIS A C   1 
ATOM   192  O O   . HIS A 1 20  ? 2.849   -2.422  -11.428 1.00 12.98 ? 998  HIS A O   1 
ATOM   193  C CB  . HIS A 1 20  ? 5.820   -3.336  -10.231 1.00 16.98 ? 998  HIS A CB  1 
ATOM   194  C CG  . HIS A 1 20  ? 6.082   -3.120  -11.681 1.00 20.13 ? 998  HIS A CG  1 
ATOM   195  N ND1 . HIS A 1 20  ? 5.982   -4.122  -12.677 1.00 26.23 ? 998  HIS A ND1 1 
ATOM   196  C CD2 . HIS A 1 20  ? 6.441   -1.988  -12.328 1.00 19.65 ? 998  HIS A CD2 1 
ATOM   197  C CE1 . HIS A 1 20  ? 6.271   -3.569  -13.868 1.00 21.86 ? 998  HIS A CE1 1 
ATOM   198  N NE2 . HIS A 1 20  ? 6.525   -2.260  -13.667 1.00 25.94 ? 998  HIS A NE2 1 
ATOM   199  N N   . ARG A 1 21  ? 2.806   -4.308  -10.146 1.00 11.99 ? 999  ARG A N   1 
ATOM   200  C CA  . ARG A 1 21  ? 1.643   -4.891  -10.875 1.00 12.82 ? 999  ARG A CA  1 
ATOM   201  C C   . ARG A 1 21  ? 0.407   -3.953  -10.714 1.00 13.95 ? 999  ARG A C   1 
ATOM   202  O O   . ARG A 1 21  ? -0.396  -3.838  -11.668 1.00 14.43 ? 999  ARG A O   1 
ATOM   203  C CB  . ARG A 1 21  ? 1.412   -6.338  -10.466 1.00 13.51 ? 999  ARG A CB  1 
ATOM   204  C CG  . ARG A 1 21  ? 2.575   -7.220  -11.006 1.00 15.75 ? 999  ARG A CG  1 
ATOM   205  C CD  . ARG A 1 21  ? 2.832   -8.513  -10.191 1.00 15.71 ? 999  ARG A CD  1 
ATOM   206  N NE  . ARG A 1 21  ? 1.667   -9.350  -10.170 1.00 16.33 ? 999  ARG A NE  1 
ATOM   207  C CZ  . ARG A 1 21  ? 1.553   -10.399 -9.364  1.00 14.36 ? 999  ARG A CZ  1 
ATOM   208  N NH1 . ARG A 1 21  ? 0.460   -11.148 -9.434  1.00 14.84 ? 999  ARG A NH1 1 
ATOM   209  N NH2 . ARG A 1 21  ? 2.514   -10.691 -8.502  1.00 15.63 ? 999  ARG A NH2 1 
ATOM   210  N N   . LEU A 1 22  ? 0.170   -3.404  -9.524  1.00 13.91 ? 1000 LEU A N   1 
ATOM   211  C CA  . LEU A 1 22  ? -0.951  -2.425  -9.303  1.00 12.70 ? 1000 LEU A CA  1 
ATOM   212  C C   . LEU A 1 22  ? -0.661  -1.170  -10.132 1.00 13.08 ? 1000 LEU A C   1 
ATOM   213  O O   . LEU A 1 22  ? -1.590  -0.645  -10.829 1.00 13.69 ? 1000 LEU A O   1 
ATOM   214  C CB  . LEU A 1 22  ? -1.054  -2.109  -7.801  1.00 12.11 ? 1000 LEU A CB  1 
ATOM   215  C CG  . LEU A 1 22  ? -1.361  -3.291  -6.905  1.00 13.16 ? 1000 LEU A CG  1 
ATOM   216  C CD1 . LEU A 1 22  ? -1.294  -2.876  -5.445  1.00 14.66 ? 1000 LEU A CD1 1 
ATOM   217  C CD2 . LEU A 1 22  ? -2.704  -3.934  -7.230  1.00 15.23 ? 1000 LEU A CD2 1 
ATOM   218  N N   . ALA A 1 23  ? 0.567   -0.664  -10.143 1.00 13.09 ? 1001 ALA A N   1 
ATOM   219  C CA  . ALA A 1 23  ? 0.889   0.649   -10.738 1.00 13.48 ? 1001 ALA A CA  1 
ATOM   220  C C   . ALA A 1 23  ? 0.790   0.642   -12.275 1.00 15.31 ? 1001 ALA A C   1 
ATOM   221  O O   . ALA A 1 23  ? 0.529   1.777   -12.828 1.00 15.39 ? 1001 ALA A O   1 
ATOM   222  C CB  . ALA A 1 23  ? 2.218   1.124   -10.288 1.00 14.64 ? 1001 ALA A CB  1 
ATOM   223  N N   . ILE A 1 24  ? 0.922   -0.521  -12.934 1.00 15.50 ? 1002 ILE A N   1 
ATOM   224  C CA  . ILE A 1 24  ? 0.795   -0.588  -14.419 1.00 15.93 ? 1002 ILE A CA  1 
ATOM   225  C C   . ILE A 1 24  ? -0.648  -0.821  -14.855 1.00 19.24 ? 1002 ILE A C   1 
ATOM   226  O O   . ILE A 1 24  ? -0.913  -0.794  -16.111 1.00 19.48 ? 1002 ILE A O   1 
ATOM   227  C CB  . ILE A 1 24  ? 1.794   -1.592  -15.036 1.00 16.86 ? 1002 ILE A CB  1 
ATOM   228  C CG1 . ILE A 1 24  ? 1.490   -3.034  -14.634 1.00 18.93 ? 1002 ILE A CG1 1 
ATOM   229  C CG2 . ILE A 1 24  ? 3.225   -1.213  -14.683 1.00 19.06 ? 1002 ILE A CG2 1 
ATOM   230  C CD1 . ILE A 1 24  ? 2.434   -4.108  -15.269 1.00 24.03 ? 1002 ILE A CD1 1 
ATOM   231  N N   . ASP A 1 25  ? -1.576  -1.131  -13.982 1.00 15.17 ? 1003 ASP A N   1 
ATOM   232  C CA  . ASP A 1 25  ? -2.978  -1.417  -14.371 1.00 17.48 ? 1003 ASP A CA  1 
ATOM   233  C C   . ASP A 1 25  ? -3.648  -0.081  -14.709 1.00 19.16 ? 1003 ASP A C   1 
ATOM   234  O O   . ASP A 1 25  ? -3.671  0.850   -13.858 1.00 17.09 ? 1003 ASP A O   1 
ATOM   235  C CB  . ASP A 1 25  ? -3.712  -2.118  -13.237 1.00 15.71 ? 1003 ASP A CB  1 
ATOM   236  C CG  . ASP A 1 25  ? -5.103  -2.654  -13.566 1.00 19.78 ? 1003 ASP A CG  1 
ATOM   237  O OD1 . ASP A 1 25  ? -5.948  -1.858  -14.022 1.00 19.94 ? 1003 ASP A OD1 1 
ATOM   238  O OD2 . ASP A 1 25  ? -5.353  -3.808  -13.196 1.00 20.76 ? 1003 ASP A OD2 1 
ATOM   239  N N   . LYS A 1 26  ? -4.202  0.079   -15.936 1.00 18.83 ? 1004 LYS A N   1 
ATOM   240  C CA  . LYS A 1 26  ? -4.796  1.367   -16.349 1.00 19.82 ? 1004 LYS A CA  1 
ATOM   241  C C   . LYS A 1 26  ? -5.877  1.887   -15.371 1.00 16.34 ? 1004 LYS A C   1 
ATOM   242  O O   . LYS A 1 26  ? -6.051  3.160   -15.304 1.00 18.23 ? 1004 LYS A O   1 
ATOM   243  C CB  . LYS A 1 26  ? -5.370  1.220   -17.797 1.00 23.50 ? 1004 LYS A CB  1 
ATOM   244  N N   . ARG A 1 27  ? -6.605  1.035   -14.686 1.00 16.14 ? 1005 ARG A N   1 
ATOM   245  C CA  . ARG A 1 27  ? -7.716  1.438   -13.769 1.00 17.06 ? 1005 ARG A CA  1 
ATOM   246  C C   . ARG A 1 27  ? -7.135  2.274   -12.612 1.00 17.31 ? 1005 ARG A C   1 
ATOM   247  O O   . ARG A 1 27  ? -7.862  3.117   -12.044 1.00 16.90 ? 1005 ARG A O   1 
ATOM   248  C CB  . ARG A 1 27  ? -8.479  0.298   -13.143 1.00 17.08 ? 1005 ARG A CB  1 
ATOM   249  C CG  . ARG A 1 27  ? -9.279  -0.587  -14.112 1.00 19.43 ? 1005 ARG A CG  1 
ATOM   250  C CD  . ARG A 1 27  ? -9.842  -1.817  -13.448 1.00 19.37 ? 1005 ARG A CD  1 
ATOM   251  N NE  . ARG A 1 27  ? -8.756  -2.764  -13.079 1.00 20.31 ? 1005 ARG A NE  1 
ATOM   252  C CZ  . ARG A 1 27  ? -8.913  -3.836  -12.329 1.00 19.99 ? 1005 ARG A CZ  1 
ATOM   253  N NH1 . ARG A 1 27  ? -10.084 -4.155  -11.805 1.00 22.37 ? 1005 ARG A NH1 1 
ATOM   254  N NH2 . ARG A 1 27  ? -7.883  -4.617  -12.064 1.00 22.15 ? 1005 ARG A NH2 1 
ATOM   255  N N   . PHE A 1 28  ? -5.854  2.058   -12.287 1.00 15.48 ? 1006 PHE A N   1 
ATOM   256  C CA  . PHE A 1 28  ? -5.286  2.620   -11.031 1.00 15.29 ? 1006 PHE A CA  1 
ATOM   257  C C   . PHE A 1 28  ? -4.356  3.776   -11.300 1.00 17.62 ? 1006 PHE A C   1 
ATOM   258  O O   . PHE A 1 28  ? -3.658  4.260   -10.327 1.00 15.51 ? 1006 PHE A O   1 
ATOM   259  C CB  . PHE A 1 28  ? -4.603  1.485   -10.251 1.00 13.49 ? 1006 PHE A CB  1 
ATOM   260  C CG  . PHE A 1 28  ? -5.487  0.287   -9.976  1.00 14.01 ? 1006 PHE A CG  1 
ATOM   261  C CD1 . PHE A 1 28  ? -6.883  0.374   -9.775  1.00 13.66 ? 1006 PHE A CD1 1 
ATOM   262  C CD2 . PHE A 1 28  ? -4.924  -0.979  -9.913  1.00 12.24 ? 1006 PHE A CD2 1 
ATOM   263  C CE1 . PHE A 1 28  ? -7.635  -0.764  -9.548  1.00 14.49 ? 1006 PHE A CE1 1 
ATOM   264  C CE2 . PHE A 1 28  ? -5.658  -2.121  -9.723  1.00 13.55 ? 1006 PHE A CE2 1 
ATOM   265  C CZ  . PHE A 1 28  ? -7.027  -2.017  -9.468  1.00 14.47 ? 1006 PHE A CZ  1 
ATOM   266  N N   . ARG A 1 29  ? -4.322  4.315   -12.529 1.00 15.17 ? 1007 ARG A N   1 
ATOM   267  C CA  . ARG A 1 29  ? -3.433  5.445   -12.838 1.00 15.83 ? 1007 ARG A CA  1 
ATOM   268  C C   . ARG A 1 29  ? -3.640  6.613   -11.858 1.00 15.45 ? 1007 ARG A C   1 
ATOM   269  O O   . ARG A 1 29  ? -2.649  7.311   -11.533 1.00 17.00 ? 1007 ARG A O   1 
ATOM   270  C CB  . ARG A 1 29  ? -3.663  5.895   -14.290 1.00 21.17 ? 1007 ARG A CB  1 
ATOM   271  C CG  . ARG A 1 29  ? -2.736  6.994   -14.743 1.00 27.27 ? 1007 ARG A CG  1 
ATOM   272  C CD  . ARG A 1 29  ? -3.018  7.307   -16.211 1.00 42.16 ? 1007 ARG A CD  1 
ATOM   273  N NE  . ARG A 1 29  ? -1.877  8.057   -16.733 1.00 56.26 ? 1007 ARG A NE  1 
ATOM   274  C CZ  . ARG A 1 29  ? -1.627  9.352   -16.495 1.00 79.38 ? 1007 ARG A CZ  1 
ATOM   275  N NH1 . ARG A 1 29  ? -0.551  9.923   -17.013 1.00 87.02 ? 1007 ARG A NH1 1 
ATOM   276  N NH2 . ARG A 1 29  ? -2.442  10.079  -15.744 1.00 86.93 ? 1007 ARG A NH2 1 
ATOM   277  N N   . VAL A 1 30  ? -4.871  6.920   -11.462 1.00 14.25 ? 1008 VAL A N   1 
ATOM   278  C CA  . VAL A 1 30  ? -5.203  8.077   -10.573 1.00 16.49 ? 1008 VAL A CA  1 
ATOM   279  C C   . VAL A 1 30  ? -4.510  7.933   -9.193  1.00 16.19 ? 1008 VAL A C   1 
ATOM   280  O O   . VAL A 1 30  ? -4.365  8.947   -8.493  1.00 19.33 ? 1008 VAL A O   1 
ATOM   281  C CB  . VAL A 1 30  ? -6.734  8.212   -10.459 1.00 20.64 ? 1008 VAL A CB  1 
ATOM   282  C CG1 . VAL A 1 30  ? -7.444  7.067   -9.765  1.00 20.46 ? 1008 VAL A CG1 1 
ATOM   283  C CG2 . VAL A 1 30  ? -7.197  9.516   -9.879  1.00 25.19 ? 1008 VAL A CG2 1 
ATOM   284  N N   . PHE A 1 31  ? -4.102  6.714   -8.837  1.00 14.48 ? 1009 PHE A N   1 
ATOM   285  C CA  . PHE A 1 31  ? -3.488  6.450   -7.513  1.00 14.53 ? 1009 PHE A CA  1 
ATOM   286  C C   . PHE A 1 31  ? -1.953  6.350   -7.620  1.00 15.51 ? 1009 PHE A C   1 
ATOM   287  O O   . PHE A 1 31  ? -1.319  6.047   -6.562  1.00 14.72 ? 1009 PHE A O   1 
ATOM   288  C CB  . PHE A 1 31  ? -4.087  5.162   -6.932  1.00 13.54 ? 1009 PHE A CB  1 
ATOM   289  C CG  . PHE A 1 31  ? -5.601  5.103   -6.809  1.00 13.83 ? 1009 PHE A CG  1 
ATOM   290  C CD1 . PHE A 1 31  ? -6.310  6.037   -6.071  1.00 14.41 ? 1009 PHE A CD1 1 
ATOM   291  C CD2 . PHE A 1 31  ? -6.319  4.114   -7.475  1.00 16.40 ? 1009 PHE A CD2 1 
ATOM   292  C CE1 . PHE A 1 31  ? -7.705  6.024   -6.014  1.00 13.64 ? 1009 PHE A CE1 1 
ATOM   293  C CE2 . PHE A 1 31  ? -7.722  4.070   -7.424  1.00 17.06 ? 1009 PHE A CE2 1 
ATOM   294  C CZ  . PHE A 1 31  ? -8.419  5.038   -6.713  1.00 15.14 ? 1009 PHE A CZ  1 
ATOM   295  N N   . THR A 1 32  ? -1.339  6.603   -8.767  1.00 14.06 ? 1010 THR A N   1 
ATOM   296  C CA  . THR A 1 32  ? 0.127   6.367   -8.998  1.00 15.29 ? 1010 THR A CA  1 
ATOM   297  C C   . THR A 1 32  ? 1.016   7.514   -8.487  1.00 18.86 ? 1010 THR A C   1 
ATOM   298  O O   . THR A 1 32  ? 2.183   7.233   -8.237  1.00 19.10 ? 1010 THR A O   1 
ATOM   299  C CB  . THR A 1 32  ? 0.458   6.042   -10.454 1.00 17.66 ? 1010 THR A CB  1 
ATOM   300  O OG1 . THR A 1 32  ? 0.104   7.133   -11.331 1.00 17.02 ? 1010 THR A OG1 1 
ATOM   301  C CG2 . THR A 1 32  ? -0.179  4.725   -10.858 1.00 18.54 ? 1010 THR A CG2 1 
ATOM   302  N N   . LYS A 1 33  ? 0.481   8.720   -8.288  1.00 17.21 ? 1011 LYS A N   1 
ATOM   303  C CA  . LYS A 1 33  ? 1.263   9.907   -7.832  1.00 19.01 ? 1011 LYS A CA  1 
ATOM   304  C C   . LYS A 1 33  ? 0.422   10.689  -6.829  1.00 17.02 ? 1011 LYS A C   1 
ATOM   305  O O   . LYS A 1 33  ? -0.825  10.606  -6.801  1.00 17.48 ? 1011 LYS A O   1 
ATOM   306  C CB  . LYS A 1 33  ? 1.584   10.806  -9.053  1.00 25.39 ? 1011 LYS A CB  1 
ATOM   307  C CG  . LYS A 1 33  ? 2.517   10.164  -10.086 1.00 30.39 ? 1011 LYS A CG  1 
ATOM   308  C CD  . LYS A 1 33  ? 3.083   11.133  -11.124 1.00 48.70 ? 1011 LYS A CD  1 
ATOM   309  C CE  . LYS A 1 33  ? 2.032   11.826  -11.973 1.00 57.00 ? 1011 LYS A CE  1 
ATOM   310  N NZ  . LYS A 1 33  ? 2.653   12.599  -13.087 1.00 70.52 ? 1011 LYS A NZ  1 
ATOM   311  N N   . PRO A 1 34  ? 1.072   11.528  -5.987  1.00 17.86 ? 1012 PRO A N   1 
ATOM   312  C CA  . PRO A 1 34  ? 0.323   12.349  -5.042  1.00 18.47 ? 1012 PRO A CA  1 
ATOM   313  C C   . PRO A 1 34  ? -0.665  13.294  -5.755  1.00 19.40 ? 1012 PRO A C   1 
ATOM   314  O O   . PRO A 1 34  ? -0.331  13.748  -6.881  1.00 20.65 ? 1012 PRO A O   1 
ATOM   315  C CB  . PRO A 1 34  ? 1.380   13.184  -4.319  1.00 20.28 ? 1012 PRO A CB  1 
ATOM   316  C CG  . PRO A 1 34  ? 2.677   12.485  -4.558  1.00 21.90 ? 1012 PRO A CG  1 
ATOM   317  C CD  . PRO A 1 34  ? 2.529   11.723  -5.883  1.00 20.14 ? 1012 PRO A CD  1 
ATOM   318  N N   . VAL A 1 35  ? -1.776  13.601  -5.114  1.00 22.46 ? 1013 VAL A N   1 
ATOM   319  C CA  . VAL A 1 35  ? -2.753  14.630  -5.622  1.00 24.11 ? 1013 VAL A CA  1 
ATOM   320  C C   . VAL A 1 35  ? -1.983  15.962  -5.655  1.00 27.57 ? 1013 VAL A C   1 
ATOM   321  O O   . VAL A 1 35  ? -1.403  16.345  -4.603  1.00 27.54 ? 1013 VAL A O   1 
ATOM   322  C CB  . VAL A 1 35  ? -4.034  14.695  -4.761  1.00 20.89 ? 1013 VAL A CB  1 
ATOM   323  C CG1 . VAL A 1 35  ? -4.874  15.929  -5.154  1.00 25.74 ? 1013 VAL A CG1 1 
ATOM   324  C CG2 . VAL A 1 35  ? -4.855  13.415  -4.893  1.00 22.61 ? 1013 VAL A CG2 1 
ATOM   325  N N   . ASP A 1 36  ? -2.041  16.687  -6.779  1.00 29.22 ? 1014 ASP A N   1 
ATOM   326  C CA  . ASP A 1 36  ? -1.268  17.950  -6.985  1.00 31.85 ? 1014 ASP A CA  1 
ATOM   327  C C   . ASP A 1 36  ? -1.932  19.093  -6.220  1.00 32.60 ? 1014 ASP A C   1 
ATOM   328  O O   . ASP A 1 36  ? -3.086  19.417  -6.459  1.00 34.10 ? 1014 ASP A O   1 
ATOM   329  C CB  . ASP A 1 36  ? -1.164  18.259  -8.473  1.00 34.43 ? 1014 ASP A CB  1 
ATOM   330  C CG  . ASP A 1 36  ? -0.229  19.420  -8.780  1.00 45.57 ? 1014 ASP A CG  1 
ATOM   331  O OD1 . ASP A 1 36  ? 0.001   20.272  -7.884  1.00 41.18 ? 1014 ASP A OD1 1 
ATOM   332  O OD2 . ASP A 1 36  ? 0.279   19.429  -9.884  1.00 47.34 ? 1014 ASP A OD2 1 
ATOM   333  N N   . PRO A 1 37  ? -1.280  19.709  -5.210  1.00 35.04 ? 1015 PRO A N   1 
ATOM   334  C CA  . PRO A 1 37  ? -1.968  20.726  -4.412  1.00 39.32 ? 1015 PRO A CA  1 
ATOM   335  C C   . PRO A 1 37  ? -2.305  22.009  -5.206  1.00 44.34 ? 1015 PRO A C   1 
ATOM   336  O O   . PRO A 1 37  ? -3.236  22.737  -4.848  1.00 44.31 ? 1015 PRO A O   1 
ATOM   337  C CB  . PRO A 1 37  ? -0.997  20.955  -3.241  1.00 42.32 ? 1015 PRO A CB  1 
ATOM   338  C CG  . PRO A 1 37  ? 0.366   20.591  -3.800  1.00 44.31 ? 1015 PRO A CG  1 
ATOM   339  C CD  . PRO A 1 37  ? 0.111   19.478  -4.800  1.00 41.05 ? 1015 PRO A CD  1 
ATOM   340  N N   . ASP A 1 38  ? -1.646  22.208  -6.342  1.00 42.13 ? 1016 ASP A N   1 
ATOM   341  C CA  . ASP A 1 38  ? -1.967  23.324  -7.268  1.00 46.86 ? 1016 ASP A CA  1 
ATOM   342  C C   . ASP A 1 38  ? -3.337  23.103  -7.909  1.00 46.36 ? 1016 ASP A C   1 
ATOM   343  O O   . ASP A 1 38  ? -4.156  24.032  -7.912  1.00 51.85 ? 1016 ASP A O   1 
ATOM   344  C CB  . ASP A 1 38  ? -0.863  23.552  -8.297  1.00 50.27 ? 1016 ASP A CB  1 
ATOM   345  C CG  . ASP A 1 38  ? 0.381   24.136  -7.658  1.00 55.50 ? 1016 ASP A CG  1 
ATOM   346  O OD1 . ASP A 1 38  ? 0.282   24.735  -6.557  1.00 50.65 ? 1016 ASP A OD1 1 
ATOM   347  O OD2 . ASP A 1 38  ? 1.454   23.933  -8.232  1.00 68.29 ? 1016 ASP A OD2 1 
ATOM   348  N N   . GLU A 1 39  ? -3.576  21.888  -8.414  0.78 43.79 ? 1017 GLU A N   1 
ATOM   349  C CA  . GLU A 1 39  ? -4.817  21.510  -9.142  0.78 41.72 ? 1017 GLU A CA  1 
ATOM   350  C C   . GLU A 1 39  ? -5.970  21.343  -8.147  0.78 40.09 ? 1017 GLU A C   1 
ATOM   351  O O   . GLU A 1 39  ? -7.129  21.607  -8.533  0.78 38.45 ? 1017 GLU A O   1 
ATOM   352  C CB  . GLU A 1 39  ? -4.597  20.225  -9.947  0.78 45.29 ? 1017 GLU A CB  1 
ATOM   353  C CG  . GLU A 1 39  ? -3.389  20.268  -10.869 0.78 47.67 ? 1017 GLU A CG  1 
ATOM   354  C CD  . GLU A 1 39  ? -3.215  19.071  -11.797 0.78 50.74 ? 1017 GLU A CD  1 
ATOM   355  O OE1 . GLU A 1 39  ? -3.531  17.929  -11.385 0.78 49.95 ? 1017 GLU A OE1 1 
ATOM   356  O OE2 . GLU A 1 39  ? -2.753  19.281  -12.943 0.78 53.94 ? 1017 GLU A OE2 1 
ATOM   357  N N   . VAL A 1 40  ? -5.676  20.897  -6.919  1.00 35.44 ? 1018 VAL A N   1 
ATOM   358  C CA  . VAL A 1 40  ? -6.736  20.561  -5.912  1.00 32.63 ? 1018 VAL A CA  1 
ATOM   359  C C   . VAL A 1 40  ? -6.386  21.155  -4.559  1.00 35.84 ? 1018 VAL A C   1 
ATOM   360  O O   . VAL A 1 40  ? -5.865  20.473  -3.669  1.00 29.42 ? 1018 VAL A O   1 
ATOM   361  C CB  . VAL A 1 40  ? -6.931  19.024  -5.811  1.00 30.37 ? 1018 VAL A CB  1 
ATOM   362  C CG1 . VAL A 1 40  ? -8.225  18.695  -5.104  1.00 30.91 ? 1018 VAL A CG1 1 
ATOM   363  C CG2 . VAL A 1 40  ? -6.874  18.310  -7.168  1.00 31.06 ? 1018 VAL A CG2 1 
ATOM   364  N N   . PRO A 1 41  ? -6.615  22.474  -4.346  1.00 40.11 ? 1019 PRO A N   1 
ATOM   365  C CA  . PRO A 1 41  ? -6.084  23.111  -3.147  1.00 35.08 ? 1019 PRO A CA  1 
ATOM   366  C C   . PRO A 1 41  ? -6.839  22.749  -1.862  1.00 29.87 ? 1019 PRO A C   1 
ATOM   367  O O   . PRO A 1 41  ? -6.227  22.861  -0.820  1.00 34.11 ? 1019 PRO A O   1 
ATOM   368  C CB  . PRO A 1 41  ? -6.124  24.619  -3.483  1.00 45.26 ? 1019 PRO A CB  1 
ATOM   369  C CG  . PRO A 1 41  ? -7.216  24.745  -4.541  1.00 45.53 ? 1019 PRO A CG  1 
ATOM   370  C CD  . PRO A 1 41  ? -7.245  23.418  -5.286  1.00 48.28 ? 1019 PRO A CD  1 
ATOM   371  N N   . ASP A 1 42  ? -8.095  22.303  -1.887  1.00 28.96 ? 1020 ASP A N   1 
ATOM   372  C CA  . ASP A 1 42  ? -8.734  21.884  -0.615  1.00 29.64 ? 1020 ASP A CA  1 
ATOM   373  C C   . ASP A 1 42  ? -8.338  20.420  -0.272  1.00 24.17 ? 1020 ASP A C   1 
ATOM   374  O O   . ASP A 1 42  ? -8.757  19.959  0.785   1.00 27.14 ? 1020 ASP A O   1 
ATOM   375  C CB  . ASP A 1 42  ? -10.258 22.053  -0.622  1.00 34.34 ? 1020 ASP A CB  1 
ATOM   376  C CG  . ASP A 1 42  ? -10.930 20.982  -1.446  1.00 42.77 ? 1020 ASP A CG  1 
ATOM   377  O OD1 . ASP A 1 42  ? -11.986 20.499  -1.016  1.00 47.47 ? 1020 ASP A OD1 1 
ATOM   378  O OD2 . ASP A 1 42  ? -10.363 20.641  -2.481  1.00 52.21 ? 1020 ASP A OD2 1 
ATOM   379  N N   . TYR A 1 43  ? -7.605  19.694  -1.109  1.00 25.79 ? 1021 TYR A N   1 
ATOM   380  C CA  . TYR A 1 43  ? -7.378  18.222  -0.869  1.00 22.49 ? 1021 TYR A CA  1 
ATOM   381  C C   . TYR A 1 43  ? -6.719  18.005  0.505   1.00 19.84 ? 1021 TYR A C   1 
ATOM   382  O O   . TYR A 1 43  ? -7.218  17.211  1.311   1.00 23.47 ? 1021 TYR A O   1 
ATOM   383  C CB  . TYR A 1 43  ? -6.523  17.568  -1.975  1.00 22.22 ? 1021 TYR A CB  1 
ATOM   384  C CG  . TYR A 1 43  ? -6.435  16.049  -1.816  1.00 21.02 ? 1021 TYR A CG  1 
ATOM   385  C CD1 . TYR A 1 43  ? -7.503  15.221  -2.157  1.00 18.69 ? 1021 TYR A CD1 1 
ATOM   386  C CD2 . TYR A 1 43  ? -5.318  15.450  -1.229  1.00 21.80 ? 1021 TYR A CD2 1 
ATOM   387  C CE1 . TYR A 1 43  ? -7.452  13.833  -1.945  1.00 19.00 ? 1021 TYR A CE1 1 
ATOM   388  C CE2 . TYR A 1 43  ? -5.269  14.074  -0.995  1.00 19.77 ? 1021 TYR A CE2 1 
ATOM   389  C CZ  . TYR A 1 43  ? -6.326  13.270  -1.354  1.00 17.53 ? 1021 TYR A CZ  1 
ATOM   390  O OH  . TYR A 1 43  ? -6.274  11.920  -1.109  1.00 16.72 ? 1021 TYR A OH  1 
ATOM   391  N N   . ARG A 1 44  ? -5.647  18.742  0.785   1.00 23.32 ? 1022 ARG A N   1 
ATOM   392  C CA  . ARG A 1 44  ? -4.851  18.575  2.040   1.00 25.62 ? 1022 ARG A CA  1 
ATOM   393  C C   . ARG A 1 44  ? -5.532  19.240  3.245   1.00 27.92 ? 1022 ARG A C   1 
ATOM   394  O O   . ARG A 1 44  ? -5.118  18.913  4.358   1.00 32.83 ? 1022 ARG A O   1 
ATOM   395  C CB  . ARG A 1 44  ? -3.420  19.016  1.773   1.00 29.08 ? 1022 ARG A CB  1 
ATOM   396  C CG  . ARG A 1 44  ? -2.600  17.977  1.027   1.00 32.02 ? 1022 ARG A CG  1 
ATOM   397  C CD  . ARG A 1 44  ? -1.199  18.404  0.621   1.00 38.79 ? 1022 ARG A CD  1 
ATOM   398  N NE  . ARG A 1 44  ? -0.633  17.287  -0.125  1.00 40.88 ? 1022 ARG A NE  1 
ATOM   399  C CZ  . ARG A 1 44  ? -0.994  16.921  -1.368  1.00 55.14 ? 1022 ARG A CZ  1 
ATOM   400  N NH1 . ARG A 1 44  ? -1.861  17.651  -2.081  1.00 41.95 ? 1022 ARG A NH1 1 
ATOM   401  N NH2 . ARG A 1 44  ? -0.457  15.824  -1.905  1.00 52.49 ? 1022 ARG A NH2 1 
ATOM   402  N N   . THR A 1 45  ? -6.621  19.979  3.079   1.00 28.65 ? 1023 THR A N   1 
ATOM   403  C CA  . THR A 1 45  ? -7.449  20.382  4.246   1.00 34.82 ? 1023 THR A CA  1 
ATOM   404  C C   . THR A 1 45  ? -8.407  19.258  4.619   1.00 31.75 ? 1023 THR A C   1 
ATOM   405  O O   . THR A 1 45  ? -8.567  19.022  5.819   1.00 31.21 ? 1023 THR A O   1 
ATOM   406  C CB  . THR A 1 45  ? -8.031  21.782  4.033   1.00 39.37 ? 1023 THR A CB  1 
ATOM   407  O OG1 . THR A 1 45  ? -9.094  21.778  3.086   1.00 51.53 ? 1023 THR A OG1 1 
ATOM   408  C CG2 . THR A 1 45  ? -6.943  22.699  3.561   1.00 36.14 ? 1023 THR A CG2 1 
ATOM   409  N N   . VAL A 1 46  ? -8.901  18.456  3.664   1.00 23.01 ? 1024 VAL A N   1 
ATOM   410  C CA  . VAL A 1 46  ? -9.829  17.360  3.966   1.00 18.46 ? 1024 VAL A CA  1 
ATOM   411  C C   . VAL A 1 46  ? -9.024  16.117  4.402   1.00 20.04 ? 1024 VAL A C   1 
ATOM   412  O O   . VAL A 1 46  ? -9.442  15.416  5.348   1.00 21.00 ? 1024 VAL A O   1 
ATOM   413  C CB  . VAL A 1 46  ? -10.718 17.045  2.731   1.00 21.81 ? 1024 VAL A CB  1 
ATOM   414  C CG1 . VAL A 1 46  ? -11.644 15.881  3.031   1.00 21.99 ? 1024 VAL A CG1 1 
ATOM   415  C CG2 . VAL A 1 46  ? -11.483 18.295  2.282   1.00 28.41 ? 1024 VAL A CG2 1 
ATOM   416  N N   . ILE A 1 47  ? -8.026  15.754  3.595   1.00 18.31 ? 1025 ILE A N   1 
ATOM   417  C CA  . ILE A 1 47  ? -7.293  14.471  3.775   1.00 16.77 ? 1025 ILE A CA  1 
ATOM   418  C C   . ILE A 1 47  ? -6.000  14.750  4.577   1.00 15.03 ? 1025 ILE A C   1 
ATOM   419  O O   . ILE A 1 47  ? -5.075  15.408  4.076   1.00 17.34 ? 1025 ILE A O   1 
ATOM   420  C CB  . ILE A 1 47  ? -7.026  13.836  2.392   1.00 17.54 ? 1025 ILE A CB  1 
ATOM   421  C CG1 . ILE A 1 47  ? -8.352  13.492  1.676   1.00 14.97 ? 1025 ILE A CG1 1 
ATOM   422  C CG2 . ILE A 1 47  ? -6.144  12.618  2.546   1.00 16.12 ? 1025 ILE A CG2 1 
ATOM   423  C CD1 . ILE A 1 47  ? -9.215  12.526  2.376   1.00 16.69 ? 1025 ILE A CD1 1 
ATOM   424  N N   . LYS A 1 48  ? -5.972  14.219  5.774   1.00 18.08 ? 1026 LYS A N   1 
ATOM   425  C CA  . LYS A 1 48  ? -4.869  14.517  6.733   1.00 17.99 ? 1026 LYS A CA  1 
ATOM   426  C C   . LYS A 1 48  ? -3.624  13.645  6.510   1.00 19.80 ? 1026 LYS A C   1 
ATOM   427  O O   . LYS A 1 48  ? -2.534  14.136  6.848   1.00 18.51 ? 1026 LYS A O   1 
ATOM   428  C CB  . LYS A 1 48  ? -5.379  14.311  8.153   1.00 20.66 ? 1026 LYS A CB  1 
ATOM   429  C CG  . LYS A 1 48  ? -6.554  15.213  8.547   1.00 23.03 ? 1026 LYS A CG  1 
ATOM   430  C CD  . LYS A 1 48  ? -6.327  16.659  8.294   1.00 28.02 ? 1026 LYS A CD  1 
ATOM   431  C CE  . LYS A 1 48  ? -7.500  17.571  8.640   1.00 30.53 ? 1026 LYS A CE  1 
ATOM   432  N NZ  . LYS A 1 48  ? -7.145  18.966  8.268   1.00 30.61 ? 1026 LYS A NZ  1 
ATOM   433  N N   . GLU A 1 49  ? -3.723  12.452  5.909   1.00 16.20 ? 1027 GLU A N   1 
ATOM   434  C CA  . GLU A 1 49  ? -2.528  11.626  5.582   1.00 15.89 ? 1027 GLU A CA  1 
ATOM   435  C C   . GLU A 1 49  ? -2.655  11.116  4.127   1.00 14.22 ? 1027 GLU A C   1 
ATOM   436  O O   . GLU A 1 49  ? -3.116  9.967   3.919   1.00 14.44 ? 1027 GLU A O   1 
ATOM   437  C CB  . GLU A 1 49  ? -2.371  10.485  6.570   1.00 16.98 ? 1027 GLU A CB  1 
ATOM   438  C CG  . GLU A 1 49  ? -1.006  9.837   6.493   1.00 16.42 ? 1027 GLU A CG  1 
ATOM   439  C CD  . GLU A 1 49  ? -0.574  8.771   7.504   1.00 19.15 ? 1027 GLU A CD  1 
ATOM   440  O OE1 . GLU A 1 49  ? -1.404  8.415   8.344   1.00 21.30 ? 1027 GLU A OE1 1 
ATOM   441  O OE2 . GLU A 1 49  ? 0.669   8.361   7.368   1.00 20.86 ? 1027 GLU A OE2 1 
ATOM   442  N N   . PRO A 1 50  ? -2.257  11.943  3.155   1.00 13.70 ? 1028 PRO A N   1 
ATOM   443  C CA  . PRO A 1 50  ? -2.240  11.551  1.737   1.00 14.16 ? 1028 PRO A CA  1 
ATOM   444  C C   . PRO A 1 50  ? -1.361  10.304  1.536   1.00 14.66 ? 1028 PRO A C   1 
ATOM   445  O O   . PRO A 1 50  ? -0.282  10.126  2.243   1.00 14.19 ? 1028 PRO A O   1 
ATOM   446  C CB  . PRO A 1 50  ? -1.657  12.767  1.017   1.00 16.71 ? 1028 PRO A CB  1 
ATOM   447  C CG  . PRO A 1 50  ? -1.896  13.936  1.942   1.00 19.16 ? 1028 PRO A CG  1 
ATOM   448  C CD  . PRO A 1 50  ? -1.832  13.346  3.326   1.00 16.43 ? 1028 PRO A CD  1 
ATOM   449  N N   . MET A 1 51  ? -1.769  9.425   0.599   1.00 14.35 ? 1029 MET A N   1 
ATOM   450  C CA  . MET A 1 51  ? -0.907  8.247   0.256   1.00 13.68 ? 1029 MET A CA  1 
ATOM   451  C C   . MET A 1 51  ? -1.150  7.884   -1.230  1.00 12.75 ? 1029 MET A C   1 
ATOM   452  O O   . MET A 1 51  ? -2.304  8.141   -1.740  1.00 12.98 ? 1029 MET A O   1 
ATOM   453  C CB  . MET A 1 51  ? -1.205  7.068   1.189   1.00 12.87 ? 1029 MET A CB  1 
ATOM   454  C CG  . MET A 1 51  ? -0.268  5.851   1.128   1.00 13.08 ? 1029 MET A CG  1 
ATOM   455  S SD  . MET A 1 51  ? 1.507   6.210   1.272   1.00 14.92 ? 1029 MET A SD  1 
ATOM   456  C CE  . MET A 1 51  ? 1.553   6.952   2.926   1.00 16.82 ? 1029 MET A CE  1 
ATOM   457  N N   . ASP A 1 52  ? -0.127  7.321   -1.886  1.00 12.37 ? 1030 ASP A N   1 
ATOM   458  C CA  . ASP A 1 52  ? -0.195  6.935   -3.328  1.00 12.58 ? 1030 ASP A CA  1 
ATOM   459  C C   . ASP A 1 52  ? 0.887   5.878   -3.588  1.00 12.74 ? 1030 ASP A C   1 
ATOM   460  O O   . ASP A 1 52  ? 1.769   5.625   -2.719  1.00 12.44 ? 1030 ASP A O   1 
ATOM   461  C CB  . ASP A 1 52  ? 0.052   8.172   -4.196  1.00 13.56 ? 1030 ASP A CB  1 
ATOM   462  C CG  . ASP A 1 52  ? 1.486   8.677   -4.040  1.00 16.41 ? 1030 ASP A CG  1 
ATOM   463  O OD1 . ASP A 1 52  ? 1.802   9.435   -3.046  1.00 17.92 ? 1030 ASP A OD1 1 
ATOM   464  O OD2 . ASP A 1 52  ? 2.304   8.248   -4.838  1.00 19.82 ? 1030 ASP A OD2 1 
ATOM   465  N N   . LEU A 1 53  ? 0.831   5.240   -4.750  1.00 12.59 ? 1031 LEU A N   1 
ATOM   466  C CA  . LEU A 1 53  ? 1.701   4.064   -5.051  1.00 12.49 ? 1031 LEU A CA  1 
ATOM   467  C C   . LEU A 1 53  ? 3.190   4.458   -5.211  1.00 13.80 ? 1031 LEU A C   1 
ATOM   468  O O   . LEU A 1 53  ? 4.063   3.645   -4.893  1.00 14.52 ? 1031 LEU A O   1 
ATOM   469  C CB  . LEU A 1 53  ? 1.153   3.283   -6.260  1.00 11.98 ? 1031 LEU A CB  1 
ATOM   470  C CG  . LEU A 1 53  ? -0.225  2.660   -6.090  1.00 11.97 ? 1031 LEU A CG  1 
ATOM   471  C CD1 . LEU A 1 53  ? -0.700  2.057   -7.415  1.00 15.93 ? 1031 LEU A CD1 1 
ATOM   472  C CD2 . LEU A 1 53  ? -0.234  1.572   -5.017  1.00 13.53 ? 1031 LEU A CD2 1 
ATOM   473  N N   A SER A 1 54  ? 3.491   5.670   -5.690  0.18 14.52 ? 1032 SER A N   1 
ATOM   474  N N   B SER A 1 54  ? 3.481   5.674   -5.687  0.10 13.74 ? 1032 SER A N   1 
ATOM   475  N N   C SER A 1 54  ? 3.484   5.676   -5.692  0.22 14.49 ? 1032 SER A N   1 
ATOM   476  C CA  A SER A 1 54  ? 4.896   6.156   -5.763  0.18 14.39 ? 1032 SER A CA  1 
ATOM   477  C CA  B SER A 1 54  ? 4.877   6.185   -5.776  0.10 13.45 ? 1032 SER A CA  1 
ATOM   478  C CA  C SER A 1 54  ? 4.887   6.179   -5.773  0.22 14.23 ? 1032 SER A CA  1 
ATOM   479  C C   A SER A 1 54  ? 5.473   6.326   -4.349  0.18 14.13 ? 1032 SER A C   1 
ATOM   480  C C   B SER A 1 54  ? 5.469   6.339   -4.366  0.10 13.59 ? 1032 SER A C   1 
ATOM   481  C C   C SER A 1 54  ? 5.472   6.339   -4.358  0.22 14.02 ? 1032 SER A C   1 
ATOM   482  O O   A SER A 1 54  ? 6.655   5.913   -4.111  0.18 14.16 ? 1032 SER A O   1 
ATOM   483  O O   B SER A 1 54  ? 6.650   5.944   -4.159  0.10 13.74 ? 1032 SER A O   1 
ATOM   484  O O   C SER A 1 54  ? 6.657   5.920   -4.119  0.22 14.10 ? 1032 SER A O   1 
ATOM   485  C CB  A SER A 1 54  ? 5.008   7.422   -6.578  0.18 15.90 ? 1032 SER A CB  1 
ATOM   486  C CB  B SER A 1 54  ? 4.959   7.474   -6.561  0.10 13.77 ? 1032 SER A CB  1 
ATOM   487  C CB  C SER A 1 54  ? 5.004   7.462   -6.604  0.22 15.78 ? 1032 SER A CB  1 
ATOM   488  O OG  A SER A 1 54  ? 4.889   7.129   -7.957  0.18 16.81 ? 1032 SER A OG  1 
ATOM   489  O OG  B SER A 1 54  ? 6.304   7.921   -6.639  0.10 13.26 ? 1032 SER A OG  1 
ATOM   490  O OG  C SER A 1 54  ? 4.658   8.627   -5.859  0.22 16.40 ? 1032 SER A OG  1 
ATOM   491  N N   . SER A 1 55  ? 4.683   6.873   -3.426  1.00 13.84 ? 1033 SER A N   1 
ATOM   492  C CA  . SER A 1 55  ? 5.110   7.027   -2.000  1.00 13.38 ? 1033 SER A CA  1 
ATOM   493  C C   . SER A 1 55  ? 5.321   5.638   -1.387  1.00 12.74 ? 1033 SER A C   1 
ATOM   494  O O   . SER A 1 55  ? 6.259   5.430   -0.595  1.00 12.64 ? 1033 SER A O   1 
ATOM   495  C CB  . SER A 1 55  ? 4.158   7.842   -1.207  1.00 15.33 ? 1033 SER A CB  1 
ATOM   496  O OG  . SER A 1 55  ? 4.121   9.183   -1.763  1.00 18.04 ? 1033 SER A OG  1 
ATOM   497  N N   . VAL A 1 56  ? 4.438   4.701   -1.727  1.00 12.04 ? 1034 VAL A N   1 
ATOM   498  C CA  . VAL A 1 56  ? 4.592   3.296   -1.184  1.00 12.38 ? 1034 VAL A CA  1 
ATOM   499  C C   . VAL A 1 56  ? 5.955   2.686   -1.621  1.00 12.55 ? 1034 VAL A C   1 
ATOM   500  O O   . VAL A 1 56  ? 6.652   2.079   -0.781  1.00 13.03 ? 1034 VAL A O   1 
ATOM   501  C CB  . VAL A 1 56  ? 3.347   2.431   -1.522  1.00 12.71 ? 1034 VAL A CB  1 
ATOM   502  C CG1 . VAL A 1 56  ? 3.598   0.947   -1.299  1.00 14.77 ? 1034 VAL A CG1 1 
ATOM   503  C CG2 . VAL A 1 56  ? 2.118   2.848   -0.764  1.00 14.85 ? 1034 VAL A CG2 1 
ATOM   504  N N   A ILE A 1 57  ? 6.315   2.821   -2.905  0.14 12.98 ? 1035 ILE A N   1 
ATOM   505  N N   B ILE A 1 57  ? 6.343   2.771   -2.897  0.22 13.14 ? 1035 ILE A N   1 
ATOM   506  N N   C ILE A 1 57  ? 6.315   2.821   -2.905  0.14 12.98 ? 1035 ILE A N   1 
ATOM   507  C CA  A ILE A 1 57  ? 7.627   2.358   -3.460  0.14 13.61 ? 1035 ILE A CA  1 
ATOM   508  C CA  B ILE A 1 57  ? 7.682   2.243   -3.311  0.22 14.20 ? 1035 ILE A CA  1 
ATOM   509  C CA  C ILE A 1 57  ? 7.627   2.358   -3.460  0.14 13.61 ? 1035 ILE A CA  1 
ATOM   510  C C   A ILE A 1 57  ? 8.780   3.006   -2.674  0.14 13.55 ? 1035 ILE A C   1 
ATOM   511  C C   B ILE A 1 57  ? 8.778   2.988   -2.530  0.22 13.79 ? 1035 ILE A C   1 
ATOM   512  C C   C ILE A 1 57  ? 8.780   3.006   -2.674  0.14 13.55 ? 1035 ILE A C   1 
ATOM   513  O O   A ILE A 1 57  ? 9.731   2.282   -2.309  0.14 12.79 ? 1035 ILE A O   1 
ATOM   514  O O   B ILE A 1 57  ? 9.689   2.314   -1.972  0.22 12.51 ? 1035 ILE A O   1 
ATOM   515  O O   C ILE A 1 57  ? 9.731   2.282   -2.309  0.14 12.79 ? 1035 ILE A O   1 
ATOM   516  C CB  A ILE A 1 57  ? 7.741   2.664   -4.965  0.14 14.54 ? 1035 ILE A CB  1 
ATOM   517  C CB  B ILE A 1 57  ? 7.911   2.332   -4.825  0.22 15.95 ? 1035 ILE A CB  1 
ATOM   518  C CB  C ILE A 1 57  ? 7.741   2.664   -4.965  0.14 14.54 ? 1035 ILE A CB  1 
ATOM   519  C CG1 A ILE A 1 57  ? 6.849   1.727   -5.778  0.14 14.73 ? 1035 ILE A CG1 1 
ATOM   520  C CG1 B ILE A 1 57  ? 6.856   1.527   -5.587  0.22 17.37 ? 1035 ILE A CG1 1 
ATOM   521  C CG1 C ILE A 1 57  ? 6.849   1.727   -5.778  0.14 14.73 ? 1035 ILE A CG1 1 
ATOM   522  C CG2 A ILE A 1 57  ? 9.193   2.577   -5.413  0.14 15.58 ? 1035 ILE A CG2 1 
ATOM   523  C CG2 B ILE A 1 57  ? 9.333   1.888   -5.163  0.22 16.25 ? 1035 ILE A CG2 1 
ATOM   524  C CG2 C ILE A 1 57  ? 9.193   2.577   -5.413  0.14 15.58 ? 1035 ILE A CG2 1 
ATOM   525  C CD1 A ILE A 1 57  ? 7.238   0.279   -5.632  0.14 14.99 ? 1035 ILE A CD1 1 
ATOM   526  C CD1 B ILE A 1 57  ? 7.023   1.573   -7.083  0.22 19.91 ? 1035 ILE A CD1 1 
ATOM   527  C CD1 C ILE A 1 57  ? 7.238   0.279   -5.632  0.14 14.99 ? 1035 ILE A CD1 1 
ATOM   528  N N   . SER A 1 58  ? 8.707   4.324   -2.446  1.00 13.40 ? 1036 SER A N   1 
ATOM   529  C CA  . SER A 1 58  ? 9.727   5.066   -1.630  1.00 13.64 ? 1036 SER A CA  1 
ATOM   530  C C   . SER A 1 58  ? 9.825   4.480   -0.207  1.00 13.25 ? 1036 SER A C   1 
ATOM   531  O O   . SER A 1 58  ? 10.957  4.277   0.340   1.00 14.19 ? 1036 SER A O   1 
ATOM   532  C CB  . SER A 1 58  ? 9.490   6.591   -1.551  1.00 16.37 ? 1036 SER A CB  1 
ATOM   533  O OG  . SER A 1 58  ? 9.628   7.145   -2.845  1.00 18.99 ? 1036 SER A OG  1 
ATOM   534  N N   . LYS A 1 59  ? 8.689   4.200   0.429   1.00 11.61 ? 1037 LYS A N   1 
ATOM   535  C CA  . LYS A 1 59  ? 8.670   3.658   1.812   1.00 11.81 ? 1037 LYS A CA  1 
ATOM   536  C C   . LYS A 1 59  ? 9.270   2.231   1.847   1.00 12.98 ? 1037 LYS A C   1 
ATOM   537  O O   . LYS A 1 59  ? 9.971   1.891   2.845   1.00 12.80 ? 1037 LYS A O   1 
ATOM   538  C CB  . LYS A 1 59  ? 7.244   3.724   2.381   1.00 12.31 ? 1037 LYS A CB  1 
ATOM   539  C CG  . LYS A 1 59  ? 6.744   5.149   2.708   1.00 12.72 ? 1037 LYS A CG  1 
ATOM   540  C CD  . LYS A 1 59  ? 5.388   5.186   3.396   1.00 13.71 ? 1037 LYS A CD  1 
ATOM   541  C CE  . LYS A 1 59  ? 5.383   4.589   4.789   1.00 15.19 ? 1037 LYS A CE  1 
ATOM   542  N NZ  . LYS A 1 59  ? 4.174   4.812   5.637   1.00 16.22 ? 1037 LYS A NZ  1 
ATOM   543  N N   . ILE A 1 60  ? 9.005   1.374   0.844   1.00 12.90 ? 1038 ILE A N   1 
ATOM   544  C CA  . ILE A 1 60  ? 9.639   0.019   0.819   1.00 12.26 ? 1038 ILE A CA  1 
ATOM   545  C C   . ILE A 1 60  ? 11.164  0.194   0.859   1.00 11.99 ? 1038 ILE A C   1 
ATOM   546  O O   . ILE A 1 60  ? 11.849  -0.472  1.683   1.00 13.17 ? 1038 ILE A O   1 
ATOM   547  C CB  . ILE A 1 60  ? 9.232   -0.807  -0.438  1.00 12.80 ? 1038 ILE A CB  1 
ATOM   548  C CG1 . ILE A 1 60  ? 7.725   -1.065  -0.431  1.00 13.77 ? 1038 ILE A CG1 1 
ATOM   549  C CG2 . ILE A 1 60  ? 10.078  -2.090  -0.500  1.00 13.34 ? 1038 ILE A CG2 1 
ATOM   550  C CD1 . ILE A 1 60  ? 7.155   -1.589  -1.796  1.00 15.58 ? 1038 ILE A CD1 1 
ATOM   551  N N   . ASP A 1 61  ? 11.675  1.075   0.032   1.00 12.57 ? 1039 ASP A N   1 
ATOM   552  C CA  . ASP A 1 61  ? 13.132  1.293   -0.129  1.00 14.19 ? 1039 ASP A CA  1 
ATOM   553  C C   . ASP A 1 61  ? 13.742  1.918   1.150   1.00 17.26 ? 1039 ASP A C   1 
ATOM   554  O O   . ASP A 1 61  ? 14.968  1.684   1.382   1.00 18.55 ? 1039 ASP A O   1 
ATOM   555  C CB  . ASP A 1 61  ? 13.433  2.106   -1.377  1.00 15.46 ? 1039 ASP A CB  1 
ATOM   556  C CG  . ASP A 1 61  ? 13.172  1.381   -2.696  1.00 21.05 ? 1039 ASP A CG  1 
ATOM   557  O OD1 . ASP A 1 61  ? 12.974  0.146   -2.649  1.00 22.48 ? 1039 ASP A OD1 1 
ATOM   558  O OD2 . ASP A 1 61  ? 13.082  2.041   -3.767  1.00 18.93 ? 1039 ASP A OD2 1 
ATOM   559  N N   . LEU A 1 62  ? 12.972  2.676   1.924   1.00 14.98 ? 1040 LEU A N   1 
ATOM   560  C CA  . LEU A 1 62  ? 13.401  3.266   3.233   1.00 14.76 ? 1040 LEU A CA  1 
ATOM   561  C C   . LEU A 1 62  ? 13.293  2.271   4.370   1.00 16.09 ? 1040 LEU A C   1 
ATOM   562  O O   . LEU A 1 62  ? 13.541  2.636   5.584   1.00 14.98 ? 1040 LEU A O   1 
ATOM   563  C CB  . LEU A 1 62  ? 12.573  4.541   3.517   1.00 13.68 ? 1040 LEU A CB  1 
ATOM   564  C CG  . LEU A 1 62  ? 12.866  5.744   2.648   1.00 16.49 ? 1040 LEU A CG  1 
ATOM   565  C CD1 . LEU A 1 62  ? 11.770  6.788   2.826   1.00 18.69 ? 1040 LEU A CD1 1 
ATOM   566  C CD2 . LEU A 1 62  ? 14.214  6.390   2.996   1.00 18.23 ? 1040 LEU A CD2 1 
ATOM   567  N N   . HIS A 1 63  ? 12.900  1.007   4.116   1.00 14.73 ? 1041 HIS A N   1 
ATOM   568  C CA  . HIS A 1 63  ? 12.712  -0.028  5.171   1.00 14.83 ? 1041 HIS A CA  1 
ATOM   569  C C   . HIS A 1 63  ? 11.628  0.348   6.176   1.00 16.37 ? 1041 HIS A C   1 
ATOM   570  O O   . HIS A 1 63  ? 11.692  -0.032  7.369   1.00 16.69 ? 1041 HIS A O   1 
ATOM   571  C CB  . HIS A 1 63  ? 14.098  -0.400  5.821   1.00 16.17 ? 1041 HIS A CB  1 
ATOM   572  C CG  . HIS A 1 63  ? 15.165  -0.840  4.894   1.00 17.02 ? 1041 HIS A CG  1 
ATOM   573  N ND1 . HIS A 1 63  ? 16.295  -1.469  5.380   1.00 22.94 ? 1041 HIS A ND1 1 
ATOM   574  C CD2 . HIS A 1 63  ? 15.288  -0.829  3.558   1.00 18.20 ? 1041 HIS A CD2 1 
ATOM   575  C CE1 . HIS A 1 63  ? 17.089  -1.704  4.356   1.00 18.49 ? 1041 HIS A CE1 1 
ATOM   576  N NE2 . HIS A 1 63  ? 16.519  -1.372  3.195   1.00 21.05 ? 1041 HIS A NE2 1 
ATOM   577  N N   . LYS A 1 64  ? 10.533  0.989   5.736   1.00 14.00 ? 1042 LYS A N   1 
ATOM   578  C CA  . LYS A 1 64  ? 9.412   1.349   6.597   1.00 15.13 ? 1042 LYS A CA  1 
ATOM   579  C C   . LYS A 1 64  ? 8.499   0.164   6.902   1.00 15.32 ? 1042 LYS A C   1 
ATOM   580  O O   . LYS A 1 64  ? 7.781   0.276   7.908   1.00 15.97 ? 1042 LYS A O   1 
ATOM   581  C CB  . LYS A 1 64  ? 8.596   2.467   5.967   1.00 14.80 ? 1042 LYS A CB  1 
ATOM   582  C CG  . LYS A 1 64  ? 9.319   3.795   5.738   1.00 18.08 ? 1042 LYS A CG  1 
ATOM   583  C CD  . LYS A 1 64  ? 9.442   4.692   6.919   1.00 20.72 ? 1042 LYS A CD  1 
ATOM   584  C CE  . LYS A 1 64  ? 9.925   6.101   6.539   1.00 20.68 ? 1042 LYS A CE  1 
ATOM   585  N NZ  . LYS A 1 64  ? 9.840   7.001   7.720   1.00 25.83 ? 1042 LYS A NZ  1 
ATOM   586  N N   . TYR A 1 65  ? 8.417   -0.843  6.013   1.00 15.27 ? 1043 TYR A N   1 
ATOM   587  C CA  . TYR A 1 65  ? 7.515   -1.986  6.220   1.00 13.88 ? 1043 TYR A CA  1 
ATOM   588  C C   . TYR A 1 65  ? 8.337   -3.209  6.641   1.00 15.84 ? 1043 TYR A C   1 
ATOM   589  O O   . TYR A 1 65  ? 9.271   -3.628  5.898   1.00 17.75 ? 1043 TYR A O   1 
ATOM   590  C CB  . TYR A 1 65  ? 6.790   -2.327  4.912   1.00 14.56 ? 1043 TYR A CB  1 
ATOM   591  C CG  . TYR A 1 65  ? 6.043   -1.154  4.271   1.00 12.91 ? 1043 TYR A CG  1 
ATOM   592  C CD1 . TYR A 1 65  ? 5.056   -0.487  4.966   1.00 14.39 ? 1043 TYR A CD1 1 
ATOM   593  C CD2 . TYR A 1 65  ? 6.320   -0.714  2.988   1.00 13.18 ? 1043 TYR A CD2 1 
ATOM   594  C CE1 . TYR A 1 65  ? 4.316   0.548   4.368   1.00 13.20 ? 1043 TYR A CE1 1 
ATOM   595  C CE2 . TYR A 1 65  ? 5.626   0.342   2.388   1.00 12.77 ? 1043 TYR A CE2 1 
ATOM   596  C CZ  . TYR A 1 65  ? 4.613   0.975   3.071   1.00 13.35 ? 1043 TYR A CZ  1 
ATOM   597  O OH  . TYR A 1 65  ? 3.957   2.037   2.472   1.00 13.59 ? 1043 TYR A OH  1 
ATOM   598  N N   A LEU A 1 66  ? 8.019   -3.755  7.816   0.14 15.70 ? 1044 LEU A N   1 
ATOM   599  N N   B LEU A 1 66  ? 8.024   -3.764  7.816   0.23 15.32 ? 1044 LEU A N   1 
ATOM   600  N N   C LEU A 1 66  ? 8.019   -3.755  7.816   0.14 15.70 ? 1044 LEU A N   1 
ATOM   601  C CA  A LEU A 1 66  ? 8.654   -4.994  8.347   0.14 15.97 ? 1044 LEU A CA  1 
ATOM   602  C CA  B LEU A 1 66  ? 8.658   -5.018  8.331   0.23 15.55 ? 1044 LEU A CA  1 
ATOM   603  C CA  C LEU A 1 66  ? 8.654   -4.994  8.347   0.14 15.97 ? 1044 LEU A CA  1 
ATOM   604  C C   A LEU A 1 66  ? 7.704   -6.183  8.181   0.14 15.23 ? 1044 LEU A C   1 
ATOM   605  C C   B LEU A 1 66  ? 7.657   -6.175  8.327   0.23 15.12 ? 1044 LEU A C   1 
ATOM   606  C C   C LEU A 1 66  ? 7.704   -6.183  8.181   0.14 15.23 ? 1044 LEU A C   1 
ATOM   607  O O   A LEU A 1 66  ? 8.189   -7.333  8.288   0.14 14.67 ? 1044 LEU A O   1 
ATOM   608  O O   B LEU A 1 66  ? 8.044   -7.296  8.751   0.23 15.35 ? 1044 LEU A O   1 
ATOM   609  O O   C LEU A 1 66  ? 8.189   -7.333  8.288   0.14 14.67 ? 1044 LEU A O   1 
ATOM   610  C CB  A LEU A 1 66  ? 9.028   -4.765  9.816   0.14 17.62 ? 1044 LEU A CB  1 
ATOM   611  C CB  B LEU A 1 66  ? 9.178   -4.783  9.753   0.23 17.19 ? 1044 LEU A CB  1 
ATOM   612  C CB  C LEU A 1 66  ? 9.028   -4.765  9.816   0.14 17.62 ? 1044 LEU A CB  1 
ATOM   613  C CG  A LEU A 1 66  ? 10.042  -3.644  10.059  0.14 18.96 ? 1044 LEU A CG  1 
ATOM   614  C CG  B LEU A 1 66  ? 10.571  -4.165  9.845   0.23 18.20 ? 1044 LEU A CG  1 
ATOM   615  C CG  C LEU A 1 66  ? 10.042  -3.644  10.059  0.14 18.96 ? 1044 LEU A CG  1 
ATOM   616  C CD1 A LEU A 1 66  ? 10.506  -3.641  11.506  0.14 20.06 ? 1044 LEU A CD1 1 
ATOM   617  C CD1 B LEU A 1 66  ? 10.528  -2.686  9.493   0.23 18.97 ? 1044 LEU A CD1 1 
ATOM   618  C CD1 C LEU A 1 66  ? 10.506  -3.641  11.506  0.14 20.06 ? 1044 LEU A CD1 1 
ATOM   619  C CD2 A LEU A 1 66  ? 11.236  -3.762  9.118   0.14 19.37 ? 1044 LEU A CD2 1 
ATOM   620  C CD2 B LEU A 1 66  ? 11.145  -4.370  11.228  0.23 19.25 ? 1044 LEU A CD2 1 
ATOM   621  C CD2 C LEU A 1 66  ? 11.236  -3.762  9.118   0.14 19.37 ? 1044 LEU A CD2 1 
ATOM   622  N N   . THR A 1 67  ? 6.420   -5.931  7.879   1.00 14.70 ? 1045 THR A N   1 
ATOM   623  C CA  . THR A 1 67  ? 5.411   -6.999  7.715   1.00 13.76 ? 1045 THR A CA  1 
ATOM   624  C C   . THR A 1 67  ? 4.488   -6.678  6.517   1.00 14.80 ? 1045 THR A C   1 
ATOM   625  O O   . THR A 1 67  ? 4.386   -5.459  6.190   1.00 14.85 ? 1045 THR A O   1 
ATOM   626  C CB  . THR A 1 67  ? 4.543   -7.184  8.949   1.00 16.46 ? 1045 THR A CB  1 
ATOM   627  O OG1 . THR A 1 67  ? 3.643   -6.105  9.210   1.00 15.60 ? 1045 THR A OG1 1 
ATOM   628  C CG2 . THR A 1 67  ? 5.386   -7.441  10.191  1.00 18.37 ? 1045 THR A CG2 1 
ATOM   629  N N   . VAL A 1 68  ? 3.810   -7.671  5.975   1.00 14.41 ? 1046 VAL A N   1 
ATOM   630  C CA  . VAL A 1 68  ? 2.770   -7.384  4.926   1.00 15.10 ? 1046 VAL A CA  1 
ATOM   631  C C   . VAL A 1 68  ? 1.620   -6.636  5.599   1.00 14.04 ? 1046 VAL A C   1 
ATOM   632  O O   . VAL A 1 68  ? 0.963   -5.829  4.896   1.00 14.91 ? 1046 VAL A O   1 
ATOM   633  C CB  . VAL A 1 68  ? 2.362   -8.655  4.143   1.00 16.07 ? 1046 VAL A CB  1 
ATOM   634  C CG1 . VAL A 1 68  ? 1.409   -8.333  3.012   1.00 17.67 ? 1046 VAL A CG1 1 
ATOM   635  C CG2 . VAL A 1 68  ? 3.571   -9.369  3.525   1.00 17.44 ? 1046 VAL A CG2 1 
ATOM   636  N N   . LYS A 1 69  ? 1.267   -6.887  6.875   1.00 16.74 ? 1047 LYS A N   1 
ATOM   637  C CA  . LYS A 1 69  ? 0.234   -6.122  7.606   1.00 18.70 ? 1047 LYS A CA  1 
ATOM   638  C C   . LYS A 1 69  ? 0.498   -4.595  7.547   1.00 17.44 ? 1047 LYS A C   1 
ATOM   639  O O   . LYS A 1 69  ? -0.458  -3.803  7.228   1.00 18.28 ? 1047 LYS A O   1 
ATOM   640  C CB  . LYS A 1 69  ? 0.082   -6.720  9.016   1.00 24.12 ? 1047 LYS A CB  1 
ATOM   641  C CG  . LYS A 1 69  ? -0.837  -5.960  9.935   1.00 39.24 ? 1047 LYS A CG  1 
ATOM   642  C CD  . LYS A 1 69  ? -1.116  -6.714  11.258  1.00 52.09 ? 1047 LYS A CD  1 
ATOM   643  C CE  . LYS A 1 69  ? -2.220  -7.748  11.132  1.00 62.79 ? 1047 LYS A CE  1 
ATOM   644  N NZ  . LYS A 1 69  ? -1.737  -9.030  10.568  1.00 66.21 ? 1047 LYS A NZ  1 
ATOM   645  N N   A ASP A 1 70  ? 1.723   -4.142  7.773   0.24 16.03 ? 1048 ASP A N   1 
ATOM   646  N N   B ASP A 1 70  ? 1.744   -4.188  7.839   0.13 17.12 ? 1048 ASP A N   1 
ATOM   647  N N   C ASP A 1 70  ? 1.744   -4.188  7.839   0.13 17.12 ? 1048 ASP A N   1 
ATOM   648  C CA  A ASP A 1 70  ? 2.015   -2.684  7.763   0.24 16.01 ? 1048 ASP A CA  1 
ATOM   649  C CA  B ASP A 1 70  ? 2.246   -2.784  7.744   0.13 17.19 ? 1048 ASP A CA  1 
ATOM   650  C CA  C ASP A 1 70  ? 2.246   -2.784  7.744   0.13 17.19 ? 1048 ASP A CA  1 
ATOM   651  C C   A ASP A 1 70  ? 1.915   -2.138  6.313   0.24 15.22 ? 1048 ASP A C   1 
ATOM   652  C C   B ASP A 1 70  ? 1.884   -2.216  6.358   0.13 16.01 ? 1048 ASP A C   1 
ATOM   653  C C   C ASP A 1 70  ? 1.884   -2.216  6.358   0.13 16.01 ? 1048 ASP A C   1 
ATOM   654  O O   A ASP A 1 70  ? 1.511   -0.950  6.137   0.24 14.06 ? 1048 ASP A O   1 
ATOM   655  O O   B ASP A 1 70  ? 1.277   -1.118  6.291   0.13 15.71 ? 1048 ASP A O   1 
ATOM   656  O O   C ASP A 1 70  ? 1.277   -1.118  6.291   0.13 15.71 ? 1048 ASP A O   1 
ATOM   657  C CB  A ASP A 1 70  ? 3.326   -2.405  8.502   0.24 16.23 ? 1048 ASP A CB  1 
ATOM   658  C CB  B ASP A 1 70  ? 3.772   -2.666  7.924   0.13 18.36 ? 1048 ASP A CB  1 
ATOM   659  C CB  C ASP A 1 70  ? 3.772   -2.666  7.924   0.13 18.36 ? 1048 ASP A CB  1 
ATOM   660  C CG  A ASP A 1 70  ? 3.219   -2.545  10.018  0.24 16.66 ? 1048 ASP A CG  1 
ATOM   661  C CG  B ASP A 1 70  ? 4.333   -2.864  9.331   0.13 19.99 ? 1048 ASP A CG  1 
ATOM   662  C CG  C ASP A 1 70  ? 4.333   -2.864  9.331   0.13 19.99 ? 1048 ASP A CG  1 
ATOM   663  O OD1 A ASP A 1 70  ? 2.108   -2.827  10.523  0.24 18.55 ? 1048 ASP A OD1 1 
ATOM   664  O OD1 B ASP A 1 70  ? 3.515   -3.091  10.262  0.13 21.13 ? 1048 ASP A OD1 1 
ATOM   665  O OD1 C ASP A 1 70  ? 3.515   -3.091  10.262  0.13 21.13 ? 1048 ASP A OD1 1 
ATOM   666  O OD2 A ASP A 1 70  ? 4.254   -2.410  10.686  0.24 15.94 ? 1048 ASP A OD2 1 
ATOM   667  O OD2 B ASP A 1 70  ? 5.610   -2.779  9.496   0.13 19.69 ? 1048 ASP A OD2 1 
ATOM   668  O OD2 C ASP A 1 70  ? 5.610   -2.779  9.496   0.13 19.69 ? 1048 ASP A OD2 1 
ATOM   669  N N   . TYR A 1 71  ? 2.290   -2.924  5.302   1.00 14.58 ? 1049 TYR A N   1 
ATOM   670  C CA  . TYR A 1 71  ? 2.107   -2.513  3.877   1.00 13.21 ? 1049 TYR A CA  1 
ATOM   671  C C   . TYR A 1 71  ? 0.602   -2.338  3.564   1.00 12.25 ? 1049 TYR A C   1 
ATOM   672  O O   . TYR A 1 71  ? 0.140   -1.285  2.935   1.00 12.87 ? 1049 TYR A O   1 
ATOM   673  C CB  . TYR A 1 71  ? 2.751   -3.543  2.959   1.00 12.59 ? 1049 TYR A CB  1 
ATOM   674  C CG  . TYR A 1 71  ? 2.416   -3.424  1.496   1.00 12.58 ? 1049 TYR A CG  1 
ATOM   675  C CD1 . TYR A 1 71  ? 3.151   -2.620  0.654   1.00 11.11 ? 1049 TYR A CD1 1 
ATOM   676  C CD2 . TYR A 1 71  ? 1.395   -4.194  0.932   1.00 13.13 ? 1049 TYR A CD2 1 
ATOM   677  C CE1 . TYR A 1 71  ? 2.913   -2.549  -0.716  1.00 11.36 ? 1049 TYR A CE1 1 
ATOM   678  C CE2 . TYR A 1 71  ? 1.136   -4.147  -0.435  1.00 11.22 ? 1049 TYR A CE2 1 
ATOM   679  C CZ  . TYR A 1 71  ? 1.865   -3.297  -1.264  1.00 12.04 ? 1049 TYR A CZ  1 
ATOM   680  O OH  . TYR A 1 71  ? 1.663   -3.273  -2.634  1.00 12.08 ? 1049 TYR A OH  1 
ATOM   681  N N   . LEU A 1 72  ? -0.211  -3.338  3.952   1.00 12.37 ? 1050 LEU A N   1 
ATOM   682  C CA  . LEU A 1 72  ? -1.687  -3.286  3.663   1.00 14.06 ? 1050 LEU A CA  1 
ATOM   683  C C   . LEU A 1 72  ? -2.354  -2.125  4.394   1.00 13.43 ? 1050 LEU A C   1 
ATOM   684  O O   . LEU A 1 72  ? -3.431  -1.629  3.884   1.00 14.94 ? 1050 LEU A O   1 
ATOM   685  C CB  . LEU A 1 72  ? -2.367  -4.611  3.965   1.00 14.64 ? 1050 LEU A CB  1 
ATOM   686  C CG  . LEU A 1 72  ? -2.066  -5.742  3.002   1.00 15.94 ? 1050 LEU A CG  1 
ATOM   687  C CD1 . LEU A 1 72  ? -2.618  -7.065  3.539   1.00 19.17 ? 1050 LEU A CD1 1 
ATOM   688  C CD2 . LEU A 1 72  ? -2.567  -5.492  1.591   1.00 18.17 ? 1050 LEU A CD2 1 
ATOM   689  N N   . ARG A 1 73  ? -1.856  -1.622  5.518   1.00 14.05 ? 1051 ARG A N   1 
ATOM   690  C CA  . ARG A 1 73  ? -2.420  -0.429  6.181   1.00 17.12 ? 1051 ARG A CA  1 
ATOM   691  C C   . ARG A 1 73  ? -2.284  0.782   5.241   1.00 14.50 ? 1051 ARG A C   1 
ATOM   692  O O   . ARG A 1 73  ? -3.285  1.592   5.177   1.00 14.45 ? 1051 ARG A O   1 
ATOM   693  C CB  . ARG A 1 73  ? -1.728  -0.096  7.519   1.00 21.05 ? 1051 ARG A CB  1 
ATOM   694  C CG  . ARG A 1 73  ? -2.039  -1.082  8.631   1.00 30.64 ? 1051 ARG A CG  1 
ATOM   695  C CD  . ARG A 1 73  ? -1.460  -0.619  9.994   1.00 38.89 ? 1051 ARG A CD  1 
ATOM   696  N NE  . ARG A 1 73  ? -0.562  -1.607  10.615  1.00 50.92 ? 1051 ARG A NE  1 
ATOM   697  C CZ  . ARG A 1 73  ? -0.942  -2.645  11.375  1.00 66.00 ? 1051 ARG A CZ  1 
ATOM   698  N NH1 . ARG A 1 73  ? -2.227  -2.854  11.636  1.00 69.96 ? 1051 ARG A NH1 1 
ATOM   699  N NH2 . ARG A 1 73  ? -0.024  -3.466  11.879  1.00 71.18 ? 1051 ARG A NH2 1 
ATOM   700  N N   . ASP A 1 74  ? -1.202  0.895   4.457   1.00 13.81 ? 1052 ASP A N   1 
ATOM   701  C CA  . ASP A 1 74  ? -1.060  1.996   3.456   1.00 11.42 ? 1052 ASP A CA  1 
ATOM   702  C C   . ASP A 1 74  ? -1.970  1.758   2.211   1.00 11.86 ? 1052 ASP A C   1 
ATOM   703  O O   . ASP A 1 74  ? -2.508  2.775   1.663   1.00 12.48 ? 1052 ASP A O   1 
ATOM   704  C CB  . ASP A 1 74  ? 0.394   2.269   3.125   1.00 12.27 ? 1052 ASP A CB  1 
ATOM   705  C CG  . ASP A 1 74  ? 1.086   3.217   4.149   1.00 14.61 ? 1052 ASP A CG  1 
ATOM   706  O OD1 . ASP A 1 74  ? 0.354   3.915   4.944   1.00 16.01 ? 1052 ASP A OD1 1 
ATOM   707  O OD2 . ASP A 1 74  ? 2.350   3.324   4.088   1.00 14.14 ? 1052 ASP A OD2 1 
ATOM   708  N N   . ILE A 1 75  ? -2.079  0.536   1.709   1.00 11.44 ? 1053 ILE A N   1 
ATOM   709  C CA  . ILE A 1 75  ? -3.061  0.249   0.582   1.00 11.86 ? 1053 ILE A CA  1 
ATOM   710  C C   . ILE A 1 75  ? -4.475  0.637   1.087   1.00 12.70 ? 1053 ILE A C   1 
ATOM   711  O O   . ILE A 1 75  ? -5.206  1.343   0.342   1.00 12.72 ? 1053 ILE A O   1 
ATOM   712  C CB  . ILE A 1 75  ? -3.008  -1.222  0.121   1.00 14.09 ? 1053 ILE A CB  1 
ATOM   713  C CG1 . ILE A 1 75  ? -1.614  -1.594  -0.423  1.00 14.92 ? 1053 ILE A CG1 1 
ATOM   714  C CG2 . ILE A 1 75  ? -4.116  -1.480  -0.895  1.00 15.70 ? 1053 ILE A CG2 1 
ATOM   715  C CD1 . ILE A 1 75  ? -1.030  -0.711  -1.540  1.00 18.25 ? 1053 ILE A CD1 1 
ATOM   716  N N   . ASP A 1 76  ? -4.863  0.250   2.304   1.00 11.87 ? 1054 ASP A N   1 
ATOM   717  C CA  . ASP A 1 76  ? -6.163  0.621   2.898   1.00 13.95 ? 1054 ASP A CA  1 
ATOM   718  C C   . ASP A 1 76  ? -6.313  2.137   3.010   1.00 13.79 ? 1054 ASP A C   1 
ATOM   719  O O   . ASP A 1 76  ? -7.500  2.605   2.792   1.00 14.73 ? 1054 ASP A O   1 
ATOM   720  C CB  . ASP A 1 76  ? -6.424  -0.052  4.246   1.00 15.96 ? 1054 ASP A CB  1 
ATOM   721  C CG  . ASP A 1 76  ? -6.642  -1.565  4.147   1.00 20.55 ? 1054 ASP A CG  1 
ATOM   722  O OD1 . ASP A 1 76  ? -7.246  -1.996  3.207   1.00 24.99 ? 1054 ASP A OD1 1 
ATOM   723  O OD2 . ASP A 1 76  ? -6.460  -2.171  5.163   1.00 29.80 ? 1054 ASP A OD2 1 
ATOM   724  N N   . LEU A 1 77  ? -5.249  2.884   3.328   1.00 12.62 ? 1055 LEU A N   1 
ATOM   725  C CA  . LEU A 1 77  ? -5.302  4.367   3.421   1.00 12.80 ? 1055 LEU A CA  1 
ATOM   726  C C   . LEU A 1 77  ? -5.509  5.025   2.036   1.00 12.85 ? 1055 LEU A C   1 
ATOM   727  O O   . LEU A 1 77  ? -6.329  5.992   1.893   1.00 13.15 ? 1055 LEU A O   1 
ATOM   728  C CB  . LEU A 1 77  ? -3.988  4.850   4.070   1.00 14.09 ? 1055 LEU A CB  1 
ATOM   729  C CG  . LEU A 1 77  ? -3.820  6.349   4.300   1.00 15.97 ? 1055 LEU A CG  1 
ATOM   730  C CD1 . LEU A 1 77  ? -4.925  6.940   5.218   1.00 16.27 ? 1055 LEU A CD1 1 
ATOM   731  C CD2 . LEU A 1 77  ? -2.386  6.583   4.936   1.00 16.78 ? 1055 LEU A CD2 1 
ATOM   732  N N   . ILE A 1 78  ? -4.886  4.498   0.972   1.00 12.24 ? 1056 ILE A N   1 
ATOM   733  C CA  . ILE A 1 78  ? -5.166  4.975   -0.422  1.00 12.39 ? 1056 ILE A CA  1 
ATOM   734  C C   . ILE A 1 78  ? -6.664  4.832   -0.698  1.00 12.79 ? 1056 ILE A C   1 
ATOM   735  O O   . ILE A 1 78  ? -7.296  5.857   -1.185  1.00 12.91 ? 1056 ILE A O   1 
ATOM   736  C CB  . ILE A 1 78  ? -4.347  4.232   -1.502  1.00 13.88 ? 1056 ILE A CB  1 
ATOM   737  C CG1 . ILE A 1 78  ? -2.847  4.443   -1.307  1.00 13.32 ? 1056 ILE A CG1 1 
ATOM   738  C CG2 . ILE A 1 78  ? -4.749  4.698   -2.923  1.00 13.12 ? 1056 ILE A CG2 1 
ATOM   739  C CD1 . ILE A 1 78  ? -1.938  3.626   -2.225  1.00 13.82 ? 1056 ILE A CD1 1 
ATOM   740  N N   . CYS A 1 79  ? -7.234  3.690   -0.383  1.00 12.00 ? 1057 CYS A N   1 
ATOM   741  C CA  . CYS A 1 79  ? -8.677  3.386   -0.668  1.00 14.28 ? 1057 CYS A CA  1 
ATOM   742  C C   . CYS A 1 79  ? -9.596  4.272   0.224   1.00 14.87 ? 1057 CYS A C   1 
ATOM   743  O O   . CYS A 1 79  ? -10.506 5.032   -0.280  1.00 14.98 ? 1057 CYS A O   1 
ATOM   744  C CB  . CYS A 1 79  ? -8.980  1.930   -0.423  1.00 15.63 ? 1057 CYS A CB  1 
ATOM   745  S SG  . CYS A 1 79  ? -10.724 1.504   -0.772  1.00 17.63 ? 1057 CYS A SG  1 
ATOM   746  N N   . SER A 1 80  ? -9.346  4.327   1.545   1.00 13.54 ? 1058 SER A N   1 
ATOM   747  C CA  . SER A 1 80  ? -10.227 5.124   2.450   1.00 15.09 ? 1058 SER A CA  1 
ATOM   748  C C   . SER A 1 80  ? -10.142 6.632   2.112   1.00 14.41 ? 1058 SER A C   1 
ATOM   749  O O   . SER A 1 80  ? -11.231 7.344   2.166   1.00 15.65 ? 1058 SER A O   1 
ATOM   750  C CB  . SER A 1 80  ? -9.962  4.766   3.904   1.00 18.71 ? 1058 SER A CB  1 
ATOM   751  O OG  . SER A 1 80  ? -8.707  5.191   4.329   1.00 21.88 ? 1058 SER A OG  1 
ATOM   752  N N   . ASN A 1 81  ? -8.985  7.200   1.765   1.00 12.67 ? 1059 ASN A N   1 
ATOM   753  C CA  . ASN A 1 81  ? -8.826  8.614   1.343   1.00 12.41 ? 1059 ASN A CA  1 
ATOM   754  C C   . ASN A 1 81  ? -9.762  8.873   0.126   1.00 15.33 ? 1059 ASN A C   1 
ATOM   755  O O   . ASN A 1 81  ? -10.456 9.917   0.083   1.00 14.67 ? 1059 ASN A O   1 
ATOM   756  C CB  . ASN A 1 81  ? -7.380  8.990   1.038   1.00 12.03 ? 1059 ASN A CB  1 
ATOM   757  C CG  . ASN A 1 81  ? -6.468  9.091   2.268   1.00 12.18 ? 1059 ASN A CG  1 
ATOM   758  O OD1 . ASN A 1 81  ? -6.954  9.178   3.395   1.00 14.41 ? 1059 ASN A OD1 1 
ATOM   759  N ND2 . ASN A 1 81  ? -5.151  9.185   2.044   1.00 13.57 ? 1059 ASN A ND2 1 
ATOM   760  N N   . ALA A 1 82  ? -9.756  7.981   -0.885  1.00 14.17 ? 1060 ALA A N   1 
ATOM   761  C CA  . ALA A 1 82  ? -10.592 8.184   -2.099  1.00 14.79 ? 1060 ALA A CA  1 
ATOM   762  C C   . ALA A 1 82  ? -12.071 8.135   -1.711  1.00 14.77 ? 1060 ALA A C   1 
ATOM   763  O O   . ALA A 1 82  ? -12.865 8.942   -2.260  1.00 16.25 ? 1060 ALA A O   1 
ATOM   764  C CB  . ALA A 1 82  ? -10.196 7.112   -3.140  1.00 13.76 ? 1060 ALA A CB  1 
ATOM   765  N N   . LEU A 1 83  ? -12.497 7.230   -0.848  1.00 14.77 ? 1061 LEU A N   1 
ATOM   766  C CA  . LEU A 1 83  ? -13.934 7.134   -0.453  1.00 17.00 ? 1061 LEU A CA  1 
ATOM   767  C C   . LEU A 1 83  ? -14.367 8.406   0.306   1.00 19.82 ? 1061 LEU A C   1 
ATOM   768  O O   . LEU A 1 83  ? -15.529 8.860   0.126   1.00 18.49 ? 1061 LEU A O   1 
ATOM   769  C CB  . LEU A 1 83  ? -14.208 5.896   0.368   1.00 17.64 ? 1061 LEU A CB  1 
ATOM   770  C CG  . LEU A 1 83  ? -13.776 4.529   -0.189  1.00 22.65 ? 1061 LEU A CG  1 
ATOM   771  C CD1 . LEU A 1 83  ? -14.198 3.396   0.720   1.00 23.22 ? 1061 LEU A CD1 1 
ATOM   772  C CD2 . LEU A 1 83  ? -14.239 4.267   -1.599  1.00 23.50 ? 1061 LEU A CD2 1 
ATOM   773  N N   A GLU A 1 84  ? -13.464 8.956   1.141   0.14 19.05 ? 1062 GLU A N   1 
ATOM   774  N N   B GLU A 1 84  ? -13.473 8.991   1.109   0.23 17.62 ? 1062 GLU A N   1 
ATOM   775  N N   C GLU A 1 84  ? -13.464 8.956   1.141   0.14 19.05 ? 1062 GLU A N   1 
ATOM   776  C CA  A GLU A 1 84  ? -13.693 10.159  2.003   0.14 19.81 ? 1062 GLU A CA  1 
ATOM   777  C CA  B GLU A 1 84  ? -13.818 10.159  1.972   0.23 17.64 ? 1062 GLU A CA  1 
ATOM   778  C CA  C GLU A 1 84  ? -13.693 10.159  2.003   0.14 19.81 ? 1062 GLU A CA  1 
ATOM   779  C C   A GLU A 1 84  ? -13.790 11.425  1.145   0.14 18.29 ? 1062 GLU A C   1 
ATOM   780  C C   B GLU A 1 84  ? -13.776 11.464  1.160   0.23 17.00 ? 1062 GLU A C   1 
ATOM   781  C C   C GLU A 1 84  ? -13.790 11.425  1.145   0.14 18.29 ? 1062 GLU A C   1 
ATOM   782  O O   A GLU A 1 84  ? -14.761 12.206  1.360   0.14 19.21 ? 1062 GLU A O   1 
ATOM   783  O O   B GLU A 1 84  ? -14.663 12.324  1.393   0.23 17.75 ? 1062 GLU A O   1 
ATOM   784  O O   C GLU A 1 84  ? -14.761 12.206  1.360   0.14 19.21 ? 1062 GLU A O   1 
ATOM   785  C CB  A GLU A 1 84  ? -12.576 10.337  3.048   0.14 21.57 ? 1062 GLU A CB  1 
ATOM   786  C CB  B GLU A 1 84  ? -12.916 10.156  3.215   0.23 17.96 ? 1062 GLU A CB  1 
ATOM   787  C CB  C GLU A 1 84  ? -12.576 10.337  3.048   0.14 21.57 ? 1062 GLU A CB  1 
ATOM   788  C CG  A GLU A 1 84  ? -12.811 11.492  4.029   0.14 22.95 ? 1062 GLU A CG  1 
ATOM   789  C CG  B GLU A 1 84  ? -13.207 9.001   4.156   0.23 17.75 ? 1062 GLU A CG  1 
ATOM   790  C CG  C GLU A 1 84  ? -12.811 11.492  4.029   0.14 22.95 ? 1062 GLU A CG  1 
ATOM   791  C CD  A GLU A 1 84  ? -11.748 11.722  5.111   0.14 26.02 ? 1062 GLU A CD  1 
ATOM   792  C CD  B GLU A 1 84  ? -12.129 8.631   5.183   0.23 19.63 ? 1062 GLU A CD  1 
ATOM   793  C CD  C GLU A 1 84  ? -11.748 11.722  5.111   0.14 26.02 ? 1062 GLU A CD  1 
ATOM   794  O OE1 A GLU A 1 84  ? -11.855 12.722  5.847   0.14 28.00 ? 1062 GLU A OE1 1 
ATOM   795  O OE1 B GLU A 1 84  ? -11.152 9.377   5.318   0.23 18.25 ? 1062 GLU A OE1 1 
ATOM   796  O OE1 C GLU A 1 84  ? -11.855 12.722  5.847   0.14 28.00 ? 1062 GLU A OE1 1 
ATOM   797  O OE2 A GLU A 1 84  ? -10.826 10.907  5.235   0.14 26.20 ? 1062 GLU A OE2 1 
ATOM   798  O OE2 B GLU A 1 84  ? -12.278 7.578   5.851   0.23 21.22 ? 1062 GLU A OE2 1 
ATOM   799  O OE2 C GLU A 1 84  ? -10.826 10.907  5.235   0.14 26.20 ? 1062 GLU A OE2 1 
ATOM   800  N N   . TYR A 1 85  ? -12.823 11.641  0.244   1.00 16.51 ? 1063 TYR A N   1 
ATOM   801  C CA  . TYR A 1 85  ? -12.705 12.864  -0.549  1.00 16.17 ? 1063 TYR A CA  1 
ATOM   802  C C   . TYR A 1 85  ? -13.791 12.892  -1.658  1.00 17.49 ? 1063 TYR A C   1 
ATOM   803  O O   . TYR A 1 85  ? -14.153 14.043  -2.074  1.00 17.27 ? 1063 TYR A O   1 
ATOM   804  C CB  . TYR A 1 85  ? -11.329 13.102  -1.150  1.00 15.86 ? 1063 TYR A CB  1 
ATOM   805  C CG  . TYR A 1 85  ? -11.192 14.473  -1.742  1.00 18.89 ? 1063 TYR A CG  1 
ATOM   806  C CD1 . TYR A 1 85  ? -11.078 15.603  -0.924  1.00 19.89 ? 1063 TYR A CD1 1 
ATOM   807  C CD2 . TYR A 1 85  ? -11.267 14.662  -3.106  1.00 21.11 ? 1063 TYR A CD2 1 
ATOM   808  C CE1 . TYR A 1 85  ? -10.967 16.875  -1.484  1.00 20.16 ? 1063 TYR A CE1 1 
ATOM   809  C CE2 . TYR A 1 85  ? -11.237 15.920  -3.665  1.00 20.90 ? 1063 TYR A CE2 1 
ATOM   810  C CZ  . TYR A 1 85  ? -11.126 17.029  -2.851  1.00 25.41 ? 1063 TYR A CZ  1 
ATOM   811  O OH  . TYR A 1 85  ? -11.085 18.266  -3.419  1.00 30.93 ? 1063 TYR A OH  1 
ATOM   812  N N   . ASN A 1 86  ? -14.232 11.728  -2.123  1.00 16.09 ? 1064 ASN A N   1 
ATOM   813  C CA  . ASN A 1 86  ? -15.154 11.683  -3.329  1.00 16.40 ? 1064 ASN A CA  1 
ATOM   814  C C   . ASN A 1 86  ? -16.446 10.957  -3.001  1.00 16.73 ? 1064 ASN A C   1 
ATOM   815  O O   . ASN A 1 86  ? -16.709 9.815   -3.490  1.00 17.24 ? 1064 ASN A O   1 
ATOM   816  C CB  . ASN A 1 86  ? -14.403 11.036  -4.513  1.00 17.07 ? 1064 ASN A CB  1 
ATOM   817  C CG  . ASN A 1 86  ? -13.067 11.624  -4.865  1.00 15.75 ? 1064 ASN A CG  1 
ATOM   818  O OD1 . ASN A 1 86  ? -12.917 12.674  -5.542  1.00 16.98 ? 1064 ASN A OD1 1 
ATOM   819  N ND2 . ASN A 1 86  ? -11.973 10.983  -4.351  1.00 15.48 ? 1064 ASN A ND2 1 
ATOM   820  N N   . PRO A 1 87  ? -17.313 11.455  -2.066  1.00 17.06 ? 1065 PRO A N   1 
ATOM   821  C CA  . PRO A 1 87  ? -18.420 10.663  -1.538  1.00 16.87 ? 1065 PRO A CA  1 
ATOM   822  C C   . PRO A 1 87  ? -19.816 10.792  -2.214  1.00 17.17 ? 1065 PRO A C   1 
ATOM   823  O O   . PRO A 1 87  ? -20.757 10.126  -1.760  1.00 20.12 ? 1065 PRO A O   1 
ATOM   824  C CB  . PRO A 1 87  ? -18.559 11.240  -0.121  1.00 20.30 ? 1065 PRO A CB  1 
ATOM   825  C CG  . PRO A 1 87  ? -18.264 12.676  -0.322  1.00 19.90 ? 1065 PRO A CG  1 
ATOM   826  C CD  . PRO A 1 87  ? -17.159 12.736  -1.346  1.00 20.56 ? 1065 PRO A CD  1 
ATOM   827  N N   . ASP A 1 88  ? -19.875 11.581  -3.263  1.00 18.43 ? 1066 ASP A N   1 
ATOM   828  C CA  . ASP A 1 88  ? -21.165 12.076  -3.855  1.00 18.75 ? 1066 ASP A CA  1 
ATOM   829  C C   . ASP A 1 88  ? -21.720 11.082  -4.886  1.00 22.67 ? 1066 ASP A C   1 
ATOM   830  O O   . ASP A 1 88  ? -21.000 10.103  -5.299  1.00 18.38 ? 1066 ASP A O   1 
ATOM   831  C CB  . ASP A 1 88  ? -20.924 13.454  -4.469  1.00 19.21 ? 1066 ASP A CB  1 
ATOM   832  C CG  . ASP A 1 88  ? -20.637 14.581  -3.478  1.00 25.39 ? 1066 ASP A CG  1 
ATOM   833  O OD1 . ASP A 1 88  ? -20.821 14.353  -2.260  1.00 24.66 ? 1066 ASP A OD1 1 
ATOM   834  O OD2 . ASP A 1 88  ? -20.212 15.667  -3.973  1.00 30.11 ? 1066 ASP A OD2 1 
ATOM   835  N N   . ARG A 1 89  ? -22.975 11.316  -5.344  1.00 20.48 ? 1067 ARG A N   1 
ATOM   836  C CA  . ARG A 1 89  ? -23.674 10.393  -6.284  1.00 17.75 ? 1067 ARG A CA  1 
ATOM   837  C C   . ARG A 1 89  ? -23.215 10.611  -7.727  1.00 17.52 ? 1067 ARG A C   1 
ATOM   838  O O   . ARG A 1 89  ? -23.591 9.773   -8.598  1.00 20.15 ? 1067 ARG A O   1 
ATOM   839  C CB  . ARG A 1 89  ? -25.221 10.473  -6.192  1.00 22.09 ? 1067 ARG A CB  1 
ATOM   840  C CG  . ARG A 1 89  ? -25.887 11.744  -6.735  1.00 28.22 ? 1067 ARG A CG  1 
ATOM   841  C CD  . ARG A 1 89  ? -26.601 11.590  -8.118  1.00 22.68 ? 1067 ARG A CD  1 
ATOM   842  N NE  . ARG A 1 89  ? -27.069 10.259  -8.521  1.00 26.68 ? 1067 ARG A NE  1 
ATOM   843  C CZ  . ARG A 1 89  ? -27.043 9.756   -9.811  1.00 23.67 ? 1067 ARG A CZ  1 
ATOM   844  N NH1 . ARG A 1 89  ? -27.560 8.527   -10.115 1.00 19.18 ? 1067 ARG A NH1 1 
ATOM   845  N NH2 . ARG A 1 89  ? -26.482 10.534  -10.727 1.00 20.19 ? 1067 ARG A NH2 1 
ATOM   846  N N   . ASP A 1 90  ? -22.510 11.633  -8.038  1.00 17.48 ? 1068 ASP A N   1 
ATOM   847  C CA  . ASP A 1 90  ? -22.259 11.885  -9.449  1.00 22.65 ? 1068 ASP A CA  1 
ATOM   848  C C   . ASP A 1 90  ? -21.243 10.893  -10.030 1.00 21.93 ? 1068 ASP A C   1 
ATOM   849  O O   . ASP A 1 90  ? -20.482 10.242  -9.292  1.00 18.68 ? 1068 ASP A O   1 
ATOM   850  C CB  . ASP A 1 90  ? -21.738 13.258  -9.704  1.00 24.34 ? 1068 ASP A CB  1 
ATOM   851  C CG  . ASP A 1 90  ? -20.434 13.551  -9.054  1.00 30.41 ? 1068 ASP A CG  1 
ATOM   852  O OD1 . ASP A 1 90  ? -20.505 13.922  -7.880  1.00 46.53 ? 1068 ASP A OD1 1 
ATOM   853  O OD2 . ASP A 1 90  ? -19.376 13.339  -9.730  1.00 38.03 ? 1068 ASP A OD2 1 
ATOM   854  N N   . PRO A 1 91  ? -21.279 10.737  -11.359 1.00 18.77 ? 1069 PRO A N   1 
ATOM   855  C CA  . PRO A 1 91  ? -20.505 9.676   -12.000 1.00 16.34 ? 1069 PRO A CA  1 
ATOM   856  C C   . PRO A 1 91  ? -18.975 9.757   -11.743 1.00 14.88 ? 1069 PRO A C   1 
ATOM   857  O O   . PRO A 1 91  ? -18.321 8.690   -11.674 1.00 15.95 ? 1069 PRO A O   1 
ATOM   858  C CB  . PRO A 1 91  ? -20.799 9.818   -13.506 1.00 18.68 ? 1069 PRO A CB  1 
ATOM   859  C CG  . PRO A 1 91  ? -22.122 10.530  -13.555 1.00 22.93 ? 1069 PRO A CG  1 
ATOM   860  C CD  . PRO A 1 91  ? -22.202 11.406  -12.322 1.00 20.32 ? 1069 PRO A CD  1 
ATOM   861  N N   . GLY A 1 92  ? -18.386 10.936  -11.659 1.00 16.24 ? 1070 GLY A N   1 
ATOM   862  C CA  . GLY A 1 92  ? -16.917 11.055  -11.472 1.00 17.02 ? 1070 GLY A CA  1 
ATOM   863  C C   . GLY A 1 92  ? -16.545 10.502  -10.094 1.00 17.75 ? 1070 GLY A C   1 
ATOM   864  O O   . GLY A 1 92  ? -15.529 9.745   -9.982  1.00 15.61 ? 1070 GLY A O   1 
ATOM   865  N N   . ASP A 1 93  ? -17.313 10.831  -9.058  1.00 18.25 ? 1071 ASP A N   1 
ATOM   866  C CA  . ASP A 1 93  ? -17.105 10.309  -7.665  1.00 16.90 ? 1071 ASP A CA  1 
ATOM   867  C C   . ASP A 1 93  ? -17.373 8.816   -7.662  1.00 16.09 ? 1071 ASP A C   1 
ATOM   868  O O   . ASP A 1 93  ? -16.545 8.007   -7.088  1.00 15.83 ? 1071 ASP A O   1 
ATOM   869  C CB  . ASP A 1 93  ? -17.925 11.047  -6.611  1.00 16.85 ? 1071 ASP A CB  1 
ATOM   870  C CG  . ASP A 1 93  ? -17.429 12.450  -6.261  1.00 17.71 ? 1071 ASP A CG  1 
ATOM   871  O OD1 . ASP A 1 93  ? -16.694 13.047  -7.070  1.00 20.10 ? 1071 ASP A OD1 1 
ATOM   872  O OD2 . ASP A 1 93  ? -17.725 12.887  -5.074  1.00 18.93 ? 1071 ASP A OD2 1 
ATOM   873  N N   . ARG A 1 94  ? -18.425 8.325   -8.330  1.00 14.55 ? 1072 ARG A N   1 
ATOM   874  C CA  . ARG A 1 94  ? -18.745 6.887   -8.256  1.00 16.43 ? 1072 ARG A CA  1 
ATOM   875  C C   . ARG A 1 94  ? -17.620 6.067   -8.966  1.00 14.01 ? 1072 ARG A C   1 
ATOM   876  O O   . ARG A 1 94  ? -17.374 4.915   -8.476  1.00 15.15 ? 1072 ARG A O   1 
ATOM   877  C CB  . ARG A 1 94  ? -20.151 6.587   -8.809  1.00 17.27 ? 1072 ARG A CB  1 
ATOM   878  C CG  . ARG A 1 94  ? -21.236 6.934   -7.792  1.00 20.43 ? 1072 ARG A CG  1 
ATOM   879  C CD  . ARG A 1 94  ? -22.668 6.712   -8.297  1.00 27.46 ? 1072 ARG A CD  1 
ATOM   880  N NE  . ARG A 1 94  ? -23.674 6.811   -7.203  1.00 30.23 ? 1072 ARG A NE  1 
ATOM   881  C CZ  . ARG A 1 94  ? -25.013 6.894   -7.382  1.00 44.59 ? 1072 ARG A CZ  1 
ATOM   882  N NH1 . ARG A 1 94  ? -25.510 6.963   -8.606  1.00 49.72 ? 1072 ARG A NH1 1 
ATOM   883  N NH2 . ARG A 1 94  ? -25.850 6.928   -6.350  1.00 40.69 ? 1072 ARG A NH2 1 
ATOM   884  N N   . LEU A 1 95  ? -17.063 6.585   -10.045 1.00 14.25 ? 1073 LEU A N   1 
ATOM   885  C CA  . LEU A 1 95  ? -16.026 5.880   -10.845 1.00 14.03 ? 1073 LEU A CA  1 
ATOM   886  C C   . LEU A 1 95  ? -14.751 5.757   -9.963  1.00 14.46 ? 1073 LEU A C   1 
ATOM   887  O O   . LEU A 1 95  ? -14.200 4.611   -9.851  1.00 13.46 ? 1073 LEU A O   1 
ATOM   888  C CB  . LEU A 1 95  ? -15.710 6.588   -12.151 1.00 13.21 ? 1073 LEU A CB  1 
ATOM   889  C CG  . LEU A 1 95  ? -14.576 5.995   -13.000 1.00 13.94 ? 1073 LEU A CG  1 
ATOM   890  C CD1 . LEU A 1 95  ? -14.873 4.572   -13.412 1.00 15.48 ? 1073 LEU A CD1 1 
ATOM   891  C CD2 . LEU A 1 95  ? -14.293 6.864   -14.198 1.00 16.76 ? 1073 LEU A CD2 1 
ATOM   892  N N   . ILE A 1 96  ? -14.321 6.841   -9.309  0.78 14.41 ? 1074 ILE A N   1 
ATOM   893  C CA  . ILE A 1 96  ? -13.072 6.777   -8.472  0.78 14.31 ? 1074 ILE A CA  1 
ATOM   894  C C   . ILE A 1 96  ? -13.292 5.849   -7.266  0.78 15.04 ? 1074 ILE A C   1 
ATOM   895  O O   . ILE A 1 96  ? -12.334 5.081   -6.917  0.78 14.60 ? 1074 ILE A O   1 
ATOM   896  C CB  . ILE A 1 96  ? -12.503 8.167   -8.095  0.78 14.97 ? 1074 ILE A CB  1 
ATOM   897  C CG1 . ILE A 1 96  ? -11.045 8.025   -7.638  0.78 15.55 ? 1074 ILE A CG1 1 
ATOM   898  C CG2 . ILE A 1 96  ? -13.339 8.872   -7.040  0.78 15.20 ? 1074 ILE A CG2 1 
ATOM   899  C CD1 . ILE A 1 96  ? -10.294 9.319   -7.574  0.78 16.84 ? 1074 ILE A CD1 1 
ATOM   900  N N   . ARG A 1 97  ? -14.476 5.859   -6.642  1.00 15.13 ? 1075 ARG A N   1 
ATOM   901  C CA  . ARG A 1 97  ? -14.767 4.933   -5.499  1.00 14.74 ? 1075 ARG A CA  1 
ATOM   902  C C   . ARG A 1 97  ? -14.669 3.489   -6.013  1.00 16.70 ? 1075 ARG A C   1 
ATOM   903  O O   . ARG A 1 97  ? -14.132 2.602   -5.292  1.00 13.63 ? 1075 ARG A O   1 
ATOM   904  C CB  . ARG A 1 97  ? -16.099 5.209   -4.796  1.00 15.34 ? 1075 ARG A CB  1 
ATOM   905  C CG  . ARG A 1 97  ? -16.136 6.553   -4.080  1.00 15.71 ? 1075 ARG A CG  1 
ATOM   906  C CD  . ARG A 1 97  ? -17.182 6.551   -2.981  1.00 19.21 ? 1075 ARG A CD  1 
ATOM   907  N NE  . ARG A 1 97  ? -18.550 6.224   -3.375  1.00 20.03 ? 1075 ARG A NE  1 
ATOM   908  C CZ  . ARG A 1 97  ? -19.388 7.093   -3.938  1.00 21.11 ? 1075 ARG A CZ  1 
ATOM   909  N NH1 . ARG A 1 97  ? -19.009 8.313   -4.224  1.00 18.56 ? 1075 ARG A NH1 1 
ATOM   910  N NH2 . ARG A 1 97  ? -20.617 6.708   -4.246  1.00 24.12 ? 1075 ARG A NH2 1 
ATOM   911  N N   . HIS A 1 98  ? -15.287 3.189   -7.187  1.00 13.21 ? 1076 HIS A N   1 
ATOM   912  C CA  . HIS A 1 98  ? -15.216 1.818   -7.744  1.00 14.43 ? 1076 HIS A CA  1 
ATOM   913  C C   . HIS A 1 98  ? -13.739 1.364   -7.990  1.00 13.03 ? 1076 HIS A C   1 
ATOM   914  O O   . HIS A 1 98  ? -13.407 0.177   -7.602  1.00 14.07 ? 1076 HIS A O   1 
ATOM   915  C CB  . HIS A 1 98  ? -16.093 1.691   -9.008  1.00 15.24 ? 1076 HIS A CB  1 
ATOM   916  C CG  . HIS A 1 98  ? -16.315 0.279   -9.473  1.00 15.98 ? 1076 HIS A CG  1 
ATOM   917  N ND1 . HIS A 1 98  ? -15.497 -0.343  -10.412 1.00 16.45 ? 1076 HIS A ND1 1 
ATOM   918  C CD2 . HIS A 1 98  ? -17.267 -0.629  -9.136  1.00 18.05 ? 1076 HIS A CD2 1 
ATOM   919  C CE1 . HIS A 1 98  ? -15.929 -1.600  -10.608 1.00 17.28 ? 1076 HIS A CE1 1 
ATOM   920  N NE2 . HIS A 1 98  ? -17.044 -1.794  -9.822  1.00 16.32 ? 1076 HIS A NE2 1 
ATOM   921  N N   . ARG A 1 99  ? -12.929 2.268   -8.512  1.00 12.99 ? 1077 ARG A N   1 
ATOM   922  C CA  . ARG A 1 99  ? -11.497 1.988   -8.810  1.00 13.23 ? 1077 ARG A CA  1 
ATOM   923  C C   . ARG A 1 99  ? -10.771 1.790   -7.473  1.00 14.03 ? 1077 ARG A C   1 
ATOM   924  O O   . ARG A 1 99  ? -9.876  0.910   -7.433  1.00 13.94 ? 1077 ARG A O   1 
ATOM   925  C CB  . ARG A 1 99  ? -10.870 3.070   -9.672  1.00 14.31 ? 1077 ARG A CB  1 
ATOM   926  C CG  . ARG A 1 99  ? -11.438 3.085   -11.116 1.00 14.34 ? 1077 ARG A CG  1 
ATOM   927  C CD  . ARG A 1 99  ? -11.002 4.309   -11.856 1.00 15.02 ? 1077 ARG A CD  1 
ATOM   928  N NE  . ARG A 1 99  ? -11.192 4.170   -13.314 1.00 14.47 ? 1077 ARG A NE  1 
ATOM   929  C CZ  . ARG A 1 99  ? -10.926 5.092   -14.198 1.00 16.29 ? 1077 ARG A CZ  1 
ATOM   930  N NH1 . ARG A 1 99  ? -10.574 6.308   -13.831 1.00 16.46 ? 1077 ARG A NH1 1 
ATOM   931  N NH2 . ARG A 1 99  ? -11.045 4.848   -15.497 1.00 19.55 ? 1077 ARG A NH2 1 
ATOM   932  N N   . ALA A 1 100 ? -11.066 2.609   -6.473  1.00 13.06 ? 1078 ALA A N   1 
ATOM   933  C CA  . ALA A 1 100 ? -10.390 2.506   -5.137  1.00 14.17 ? 1078 ALA A CA  1 
ATOM   934  C C   . ALA A 1 100 ? -10.687 1.152   -4.512  1.00 14.62 ? 1078 ALA A C   1 
ATOM   935  O O   . ALA A 1 100 ? -9.730  0.481   -3.933  1.00 15.24 ? 1078 ALA A O   1 
ATOM   936  C CB  . ALA A 1 100 ? -10.812 3.634   -4.209  1.00 15.61 ? 1078 ALA A CB  1 
ATOM   937  N N   . CYS A 1 101 ? -11.940 0.679   -4.518  1.00 14.46 ? 1079 CYS A N   1 
ATOM   938  C CA  . CYS A 1 101 ? -12.337 -0.618  -3.989  1.00 15.45 ? 1079 CYS A CA  1 
ATOM   939  C C   . CYS A 1 101 ? -11.631 -1.731  -4.803  1.00 15.20 ? 1079 CYS A C   1 
ATOM   940  O O   . CYS A 1 101 ? -11.227 -2.752  -4.192  1.00 15.68 ? 1079 CYS A O   1 
ATOM   941  C CB  . CYS A 1 101 ? -13.832 -0.813  -4.002  1.00 17.92 ? 1079 CYS A CB  1 
ATOM   942  S SG  . CYS A 1 101 ? -14.654 0.239   -2.746  1.00 21.49 ? 1079 CYS A SG  1 
ATOM   943  N N   . ALA A 1 102 ? -11.500 -1.574  -6.114  1.00 14.87 ? 1080 ALA A N   1 
ATOM   944  C CA  . ALA A 1 102 ? -10.822 -2.570  -6.986  1.00 15.15 ? 1080 ALA A CA  1 
ATOM   945  C C   . ALA A 1 102 ? -9.303  -2.627  -6.669  1.00 15.01 ? 1080 ALA A C   1 
ATOM   946  O O   . ALA A 1 102 ? -8.730  -3.759  -6.610  1.00 15.22 ? 1080 ALA A O   1 
ATOM   947  C CB  . ALA A 1 102 ? -11.071 -2.314  -8.463  1.00 14.79 ? 1080 ALA A CB  1 
ATOM   948  N N   . LEU A 1 103 ? -8.681  -1.506  -6.366  1.00 14.66 ? 1081 LEU A N   1 
ATOM   949  C CA  . LEU A 1 103 ? -7.217  -1.478  -5.982  1.00 14.74 ? 1081 LEU A CA  1 
ATOM   950  C C   . LEU A 1 103 ? -7.073  -2.281  -4.691  1.00 14.22 ? 1081 LEU A C   1 
ATOM   951  O O   . LEU A 1 103 ? -6.132  -3.201  -4.627  1.00 13.83 ? 1081 LEU A O   1 
ATOM   952  C CB  . LEU A 1 103 ? -6.749  -0.022  -5.794  1.00 14.52 ? 1081 LEU A CB  1 
ATOM   953  C CG  . LEU A 1 103 ? -5.347  0.115   -5.170  1.00 16.31 ? 1081 LEU A CG  1 
ATOM   954  C CD1 . LEU A 1 103 ? -4.373  -0.169  -6.236  1.00 17.43 ? 1081 LEU A CD1 1 
ATOM   955  C CD2 . LEU A 1 103 ? -5.158  1.507   -4.602  1.00 22.09 ? 1081 LEU A CD2 1 
ATOM   956  N N   . ARG A 1 104 ? -7.871  -2.014  -3.654  1.00 13.99 ? 1082 ARG A N   1 
ATOM   957  C CA  . ARG A 1 104 ? -7.795  -2.729  -2.366  1.00 15.49 ? 1082 ARG A CA  1 
ATOM   958  C C   . ARG A 1 104 ? -8.057  -4.221  -2.579  1.00 15.99 ? 1082 ARG A C   1 
ATOM   959  O O   . ARG A 1 104 ? -7.276  -5.081  -2.089  1.00 14.38 ? 1082 ARG A O   1 
ATOM   960  C CB  . ARG A 1 104 ? -8.805  -2.097  -1.408  1.00 17.27 ? 1082 ARG A CB  1 
ATOM   961  C CG  . ARG A 1 104 ? -8.963  -2.804  -0.058  1.00 19.58 ? 1082 ARG A CG  1 
ATOM   962  C CD  . ARG A 1 104 ? -10.296 -2.350  0.603   1.00 28.77 ? 1082 ARG A CD  1 
ATOM   963  N NE  . ARG A 1 104 ? -11.422 -2.955  -0.213  1.00 33.34 ? 1082 ARG A NE  1 
ATOM   964  C CZ  . ARG A 1 104 ? -12.693 -2.539  -0.287  1.00 36.29 ? 1082 ARG A CZ  1 
ATOM   965  N NH1 . ARG A 1 104 ? -13.547 -3.175  -1.069  1.00 37.20 ? 1082 ARG A NH1 1 
ATOM   966  N NH2 . ARG A 1 104 ? -13.123 -1.506  0.444   1.00 38.69 ? 1082 ARG A NH2 1 
ATOM   967  N N   . ASP A 1 105 ? -9.146  -4.577  -3.275  1.00 14.26 ? 1083 ASP A N   1 
ATOM   968  C CA  . ASP A 1 105 ? -9.501  -6.011  -3.457  1.00 16.05 ? 1083 ASP A CA  1 
ATOM   969  C C   . ASP A 1 105 ? -8.431  -6.771  -4.294  1.00 14.19 ? 1083 ASP A C   1 
ATOM   970  O O   . ASP A 1 105 ? -8.122  -8.007  -3.911  1.00 14.09 ? 1083 ASP A O   1 
ATOM   971  C CB  . ASP A 1 105 ? -10.885 -6.132  -4.094  1.00 17.29 ? 1083 ASP A CB  1 
ATOM   972  C CG  . ASP A 1 105 ? -12.075 -5.702  -3.235  1.00 20.76 ? 1083 ASP A CG  1 
ATOM   973  O OD1 . ASP A 1 105 ? -11.936 -5.424  -2.055  1.00 21.96 ? 1083 ASP A OD1 1 
ATOM   974  O OD2 . ASP A 1 105 ? -13.142 -5.532  -3.858  1.00 26.51 ? 1083 ASP A OD2 1 
ATOM   975  N N   . THR A 1 106 ? -7.815  -6.117  -5.295  1.00 13.14 ? 1084 THR A N   1 
ATOM   976  C CA  . THR A 1 106 ? -6.759  -6.720  -6.127  1.00 13.85 ? 1084 THR A CA  1 
ATOM   977  C C   . THR A 1 106 ? -5.516  -6.982  -5.228  1.00 13.88 ? 1084 THR A C   1 
ATOM   978  O O   . THR A 1 106 ? -4.886  -8.103  -5.292  1.00 13.83 ? 1084 THR A O   1 
ATOM   979  C CB  . THR A 1 106 ? -6.491  -5.877  -7.367  1.00 14.68 ? 1084 THR A CB  1 
ATOM   980  O OG1 . THR A 1 106 ? -7.673  -5.787  -8.208  1.00 15.45 ? 1084 THR A OG1 1 
ATOM   981  C CG2 . THR A 1 106 ? -5.400  -6.535  -8.170  1.00 16.08 ? 1084 THR A CG2 1 
ATOM   982  N N   . ALA A 1 107 ? -5.107  -5.985  -4.436  1.00 13.03 ? 1085 ALA A N   1 
ATOM   983  C CA  . ALA A 1 107 ? -3.918  -6.175  -3.547  1.00 11.88 ? 1085 ALA A CA  1 
ATOM   984  C C   . ALA A 1 107 ? -4.156  -7.354  -2.608  1.00 12.92 ? 1085 ALA A C   1 
ATOM   985  O O   . ALA A 1 107 ? -3.273  -8.261  -2.430  1.00 13.19 ? 1085 ALA A O   1 
ATOM   986  C CB  . ALA A 1 107 ? -3.627  -4.908  -2.763  1.00 12.17 ? 1085 ALA A CB  1 
ATOM   987  N N   . TYR A 1 108 ? -5.311  -7.405  -1.938  1.00 12.47 ? 1086 TYR A N   1 
ATOM   988  C CA  . TYR A 1 108 ? -5.570  -8.509  -0.985  1.00 14.12 ? 1086 TYR A CA  1 
ATOM   989  C C   . TYR A 1 108 ? -5.603  -9.874  -1.726  1.00 14.55 ? 1086 TYR A C   1 
ATOM   990  O O   . TYR A 1 108 ? -5.162  -10.903 -1.115  1.00 15.82 ? 1086 TYR A O   1 
ATOM   991  C CB  . TYR A 1 108 ? -6.848  -8.245  -0.181  1.00 15.17 ? 1086 TYR A CB  1 
ATOM   992  C CG  . TYR A 1 108 ? -6.729  -7.357  1.030   1.00 15.00 ? 1086 TYR A CG  1 
ATOM   993  C CD1 . TYR A 1 108 ? -6.644  -5.974  0.946   1.00 16.27 ? 1086 TYR A CD1 1 
ATOM   994  C CD2 . TYR A 1 108 ? -6.581  -7.889  2.313   1.00 17.49 ? 1086 TYR A CD2 1 
ATOM   995  C CE1 . TYR A 1 108 ? -6.559  -5.154  2.071   1.00 16.38 ? 1086 TYR A CE1 1 
ATOM   996  C CE2 . TYR A 1 108 ? -6.497  -7.101  3.445   1.00 18.30 ? 1086 TYR A CE2 1 
ATOM   997  C CZ  . TYR A 1 108 ? -6.509  -5.712  3.337   1.00 19.08 ? 1086 TYR A CZ  1 
ATOM   998  O OH  . TYR A 1 108 ? -6.359  -4.933  4.466   1.00 20.17 ? 1086 TYR A OH  1 
ATOM   999  N N   . ALA A 1 109 ? -6.154  -9.928  -2.942  1.00 14.66 ? 1087 ALA A N   1 
ATOM   1000 C CA  . ALA A 1 109 ? -6.259  -11.201 -3.693  1.00 15.39 ? 1087 ALA A CA  1 
ATOM   1001 C C   . ALA A 1 109 ? -4.880  -11.725 -4.131  1.00 14.93 ? 1087 ALA A C   1 
ATOM   1002 O O   . ALA A 1 109 ? -4.605  -12.954 -4.003  1.00 16.04 ? 1087 ALA A O   1 
ATOM   1003 C CB  . ALA A 1 109 ? -7.196  -11.049 -4.859  1.00 17.68 ? 1087 ALA A CB  1 
ATOM   1004 N N   . ILE A 1 110 ? -3.992  -10.829 -4.578  1.00 13.24 ? 1088 ILE A N   1 
ATOM   1005 C CA  . ILE A 1 110 ? -2.579  -11.200 -4.932  1.00 13.34 ? 1088 ILE A CA  1 
ATOM   1006 C C   . ILE A 1 110 ? -1.908  -11.736 -3.663  1.00 11.86 ? 1088 ILE A C   1 
ATOM   1007 O O   . ILE A 1 110 ? -1.259  -12.861 -3.760  1.00 13.99 ? 1088 ILE A O   1 
ATOM   1008 C CB  . ILE A 1 110 ? -1.815  -10.028 -5.537  1.00 12.96 ? 1088 ILE A CB  1 
ATOM   1009 C CG1 . ILE A 1 110 ? -2.350  -9.644  -6.901  1.00 14.07 ? 1088 ILE A CG1 1 
ATOM   1010 C CG2 . ILE A 1 110 ? -0.303  -10.348 -5.675  1.00 13.91 ? 1088 ILE A CG2 1 
ATOM   1011 C CD1 . ILE A 1 110 ? -1.792  -8.364  -7.482  1.00 15.93 ? 1088 ILE A CD1 1 
ATOM   1012 N N   . ILE A 1 111 ? -2.022  -11.051 -2.535  1.00 14.06 ? 1089 ILE A N   1 
ATOM   1013 C CA  . ILE A 1 111 ? -1.386  -11.492 -1.264  1.00 15.45 ? 1089 ILE A CA  1 
ATOM   1014 C C   . ILE A 1 111 ? -2.006  -12.835 -0.822  1.00 18.44 ? 1089 ILE A C   1 
ATOM   1015 O O   . ILE A 1 111 ? -1.250  -13.750 -0.424  1.00 16.16 ? 1089 ILE A O   1 
ATOM   1016 C CB  . ILE A 1 111 ? -1.411  -10.350 -0.240  1.00 17.18 ? 1089 ILE A CB  1 
ATOM   1017 C CG1 . ILE A 1 111 ? -0.361  -9.295  -0.639  1.00 19.21 ? 1089 ILE A CG1 1 
ATOM   1018 C CG2 . ILE A 1 111 ? -1.253  -10.862 1.178   1.00 22.86 ? 1089 ILE A CG2 1 
ATOM   1019 C CD1 . ILE A 1 111 ? -0.597  -7.939  -0.052  1.00 25.97 ? 1089 ILE A CD1 1 
ATOM   1020 N N   . LYS A 1 112 ? -3.314  -13.014 -0.891  1.00 15.90 ? 1090 LYS A N   1 
ATOM   1021 C CA  . LYS A 1 112 ? -3.907  -14.336 -0.492  1.00 20.27 ? 1090 LYS A CA  1 
ATOM   1022 C C   . LYS A 1 112 ? -3.327  -15.481 -1.335  1.00 19.45 ? 1090 LYS A C   1 
ATOM   1023 O O   . LYS A 1 112 ? -3.021  -16.551 -0.736  1.00 23.70 ? 1090 LYS A O   1 
ATOM   1024 C CB  . LYS A 1 112 ? -5.434  -14.287 -0.631  1.00 22.56 ? 1090 LYS A CB  1 
ATOM   1025 C CG  . LYS A 1 112 ? -6.112  -15.531 -0.033  1.00 29.52 ? 1090 LYS A CG  1 
ATOM   1026 C CD  . LYS A 1 112 ? -7.591  -15.641 -0.336  1.00 37.50 ? 1090 LYS A CD  1 
ATOM   1027 C CE  . LYS A 1 112 ? -8.234  -16.764 0.472   1.00 46.55 ? 1090 LYS A CE  1 
ATOM   1028 N NZ  . LYS A 1 112 ? -9.706  -16.709 0.350   1.00 54.32 ? 1090 LYS A NZ  1 
ATOM   1029 N N   . GLU A 1 113 ? -3.108  -15.317 -2.626  1.00 17.13 ? 1091 GLU A N   1 
ATOM   1030 C CA  . GLU A 1 113 ? -2.604  -16.370 -3.542  1.00 20.25 ? 1091 GLU A CA  1 
ATOM   1031 C C   . GLU A 1 113 ? -1.088  -16.548 -3.413  1.00 21.03 ? 1091 GLU A C   1 
ATOM   1032 O O   . GLU A 1 113 ? -0.629  -17.709 -3.659  1.00 23.50 ? 1091 GLU A O   1 
ATOM   1033 C CB  . GLU A 1 113 ? -2.889  -16.130 -5.016  1.00 24.80 ? 1091 GLU A CB  1 
ATOM   1034 C CG  . GLU A 1 113 ? -4.345  -16.271 -5.444  1.00 39.19 ? 1091 GLU A CG  1 
ATOM   1035 C CD  . GLU A 1 113 ? -4.578  -16.442 -6.959  1.00 56.50 ? 1091 GLU A CD  1 
ATOM   1036 O OE1 . GLU A 1 113 ? -3.935  -15.696 -7.800  1.00 49.66 ? 1091 GLU A OE1 1 
ATOM   1037 O OE2 . GLU A 1 113 ? -5.416  -17.328 -7.322  1.00 68.46 ? 1091 GLU A OE2 1 
ATOM   1038 N N   . GLU A 1 114 ? -0.325  -15.496 -3.101  1.00 14.20 ? 1092 GLU A N   1 
ATOM   1039 C CA  . GLU A 1 114 ? 1.148   -15.537 -3.355  1.00 14.04 ? 1092 GLU A CA  1 
ATOM   1040 C C   . GLU A 1 114 ? 1.992   -15.361 -2.084  1.00 14.39 ? 1092 GLU A C   1 
ATOM   1041 O O   . GLU A 1 114 ? 3.224   -15.695 -2.172  1.00 17.50 ? 1092 GLU A O   1 
ATOM   1042 C CB  . GLU A 1 114 ? 1.561   -14.463 -4.380  1.00 14.29 ? 1092 GLU A CB  1 
ATOM   1043 C CG  . GLU A 1 114 ? 0.928   -14.672 -5.768  1.00 14.87 ? 1092 GLU A CG  1 
ATOM   1044 C CD  . GLU A 1 114 ? 1.198   -13.645 -6.832  1.00 16.95 ? 1092 GLU A CD  1 
ATOM   1045 O OE1 . GLU A 1 114 ? 2.301   -13.079 -6.805  1.00 15.28 ? 1092 GLU A OE1 1 
ATOM   1046 O OE2 . GLU A 1 114 ? 0.319   -13.460 -7.757  1.00 15.80 ? 1092 GLU A OE2 1 
ATOM   1047 N N   . LEU A 1 115 ? 1.458   -14.907 -0.983  1.00 14.24 ? 1093 LEU A N   1 
ATOM   1048 C CA  . LEU A 1 115 ? 2.182   -14.772 0.308   1.00 14.32 ? 1093 LEU A CA  1 
ATOM   1049 C C   . LEU A 1 115 ? 2.018   -16.084 1.091   1.00 17.46 ? 1093 LEU A C   1 
ATOM   1050 O O   . LEU A 1 115 ? 0.877   -16.432 1.482   1.00 18.25 ? 1093 LEU A O   1 
ATOM   1051 C CB  . LEU A 1 115 ? 1.650   -13.592 1.113   1.00 17.82 ? 1093 LEU A CB  1 
ATOM   1052 C CG  . LEU A 1 115 ? 2.107   -13.478 2.580   1.00 22.22 ? 1093 LEU A CG  1 
ATOM   1053 C CD1 . LEU A 1 115 ? 3.580   -13.135 2.588   1.00 18.81 ? 1093 LEU A CD1 1 
ATOM   1054 C CD2 . LEU A 1 115 ? 1.292   -12.450 3.382   1.00 23.35 ? 1093 LEU A CD2 1 
ATOM   1055 N N   . ASP A 1 116 ? 3.100   -16.731 1.496   1.00 16.76 ? 1094 ASP A N   1 
ATOM   1056 C CA  . ASP A 1 116 ? 2.994   -17.880 2.435   1.00 17.53 ? 1094 ASP A CA  1 
ATOM   1057 C C   . ASP A 1 116 ? 2.709   -17.363 3.856   1.00 16.96 ? 1094 ASP A C   1 
ATOM   1058 O O   . ASP A 1 116 ? 3.439   -16.484 4.335   1.00 16.03 ? 1094 ASP A O   1 
ATOM   1059 C CB  . ASP A 1 116 ? 4.315   -18.644 2.398   1.00 19.07 ? 1094 ASP A CB  1 
ATOM   1060 C CG  . ASP A 1 116 ? 4.209   -19.996 3.098   1.00 24.70 ? 1094 ASP A CG  1 
ATOM   1061 O OD1 . ASP A 1 116 ? 3.902   -20.025 4.301   1.00 26.11 ? 1094 ASP A OD1 1 
ATOM   1062 O OD2 . ASP A 1 116 ? 4.526   -21.006 2.447   1.00 23.52 ? 1094 ASP A OD2 1 
ATOM   1063 N N   A GLU A 1 117 ? 1.688   -17.902 4.524   0.15 17.65 ? 1095 GLU A N   1 
ATOM   1064 N N   B GLU A 1 117 ? 1.692   -17.915 4.524   0.19 16.38 ? 1095 GLU A N   1 
ATOM   1065 N N   C GLU A 1 117 ? 1.688   -17.902 4.524   0.15 17.65 ? 1095 GLU A N   1 
ATOM   1066 C CA  A GLU A 1 117 ? 1.278   -17.470 5.891   0.15 19.57 ? 1095 GLU A CA  1 
ATOM   1067 C CA  B GLU A 1 117 ? 1.261   -17.480 5.883   0.19 17.70 ? 1095 GLU A CA  1 
ATOM   1068 C CA  C GLU A 1 117 ? 1.278   -17.470 5.891   0.15 19.57 ? 1095 GLU A CA  1 
ATOM   1069 C C   A GLU A 1 117 ? 2.440   -17.636 6.879   0.15 17.42 ? 1095 GLU A C   1 
ATOM   1070 C C   B GLU A 1 117 ? 2.413   -17.657 6.886   0.19 16.22 ? 1095 GLU A C   1 
ATOM   1071 C C   C GLU A 1 117 ? 2.440   -17.636 6.879   0.15 17.42 ? 1095 GLU A C   1 
ATOM   1072 O O   A GLU A 1 117 ? 2.535   -16.821 7.819   0.15 16.53 ? 1095 GLU A O   1 
ATOM   1073 O O   B GLU A 1 117 ? 2.492   -16.854 7.834   0.19 15.32 ? 1095 GLU A O   1 
ATOM   1074 O O   C GLU A 1 117 ? 2.535   -16.821 7.819   0.15 16.53 ? 1095 GLU A O   1 
ATOM   1075 C CB  A GLU A 1 117 ? 0.055   -18.256 6.374   0.15 23.20 ? 1095 GLU A CB  1 
ATOM   1076 C CB  B GLU A 1 117 ? -0.030  -18.200 6.318   0.19 19.71 ? 1095 GLU A CB  1 
ATOM   1077 C CB  C GLU A 1 117 ? 0.055   -18.256 6.374   0.15 23.20 ? 1095 GLU A CB  1 
ATOM   1078 C CG  A GLU A 1 117 ? -1.214  -17.906 5.625   0.15 26.69 ? 1095 GLU A CG  1 
ATOM   1079 C CG  B GLU A 1 117 ? 0.087   -19.716 6.432   0.19 20.98 ? 1095 GLU A CG  1 
ATOM   1080 C CG  C GLU A 1 117 ? -1.214  -17.906 5.625   0.15 26.69 ? 1095 GLU A CG  1 
ATOM   1081 C CD  A GLU A 1 117 ? -2.493  -18.469 6.227   0.15 30.03 ? 1095 GLU A CD  1 
ATOM   1082 C CD  B GLU A 1 117 ? -1.223  -20.465 6.679   0.19 23.63 ? 1095 GLU A CD  1 
ATOM   1083 C CD  C GLU A 1 117 ? -2.493  -18.469 6.227   0.15 30.03 ? 1095 GLU A CD  1 
ATOM   1084 O OE1 A GLU A 1 117 ? -2.422  -19.089 7.320   0.15 30.95 ? 1095 GLU A OE1 1 
ATOM   1085 O OE1 B GLU A 1 117 ? -2.281  -19.943 6.300   0.19 25.28 ? 1095 GLU A OE1 1 
ATOM   1086 O OE1 C GLU A 1 117 ? -2.422  -19.089 7.320   0.15 30.95 ? 1095 GLU A OE1 1 
ATOM   1087 O OE2 A GLU A 1 117 ? -3.558  -18.283 5.601   0.15 35.06 ? 1095 GLU A OE2 1 
ATOM   1088 O OE2 B GLU A 1 117 ? -1.180  -21.581 7.235   0.19 25.57 ? 1095 GLU A OE2 1 
ATOM   1089 O OE2 C GLU A 1 117 ? -3.558  -18.283 5.601   0.15 35.06 ? 1095 GLU A OE2 1 
ATOM   1090 N N   . ASP A 1 118 ? 3.289   -18.657 6.693   1.00 16.78 ? 1096 ASP A N   1 
ATOM   1091 C CA  . ASP A 1 118 ? 4.417   -18.904 7.638   1.00 16.80 ? 1096 ASP A CA  1 
ATOM   1092 C C   . ASP A 1 118 ? 5.539   -17.855 7.406   1.00 15.34 ? 1096 ASP A C   1 
ATOM   1093 O O   . ASP A 1 118 ? 6.286   -17.514 8.356   1.00 14.34 ? 1096 ASP A O   1 
ATOM   1094 C CB  . ASP A 1 118 ? 4.962   -20.337 7.558   1.00 17.41 ? 1096 ASP A CB  1 
ATOM   1095 C CG  . ASP A 1 118 ? 3.984   -21.415 8.062   1.00 22.42 ? 1096 ASP A CG  1 
ATOM   1096 O OD1 . ASP A 1 118 ? 3.132   -21.094 8.853   1.00 20.32 ? 1096 ASP A OD1 1 
ATOM   1097 O OD2 . ASP A 1 118 ? 4.063   -22.516 7.531   1.00 26.34 ? 1096 ASP A OD2 1 
ATOM   1098 N N   . PHE A 1 119 ? 5.664   -17.317 6.173   1.00 13.94 ? 1097 PHE A N   1 
ATOM   1099 C CA  . PHE A 1 119 ? 6.625   -16.207 5.889   1.00 13.97 ? 1097 PHE A CA  1 
ATOM   1100 C C   . PHE A 1 119 ? 6.147   -14.938 6.604   1.00 13.61 ? 1097 PHE A C   1 
ATOM   1101 O O   . PHE A 1 119 ? 6.992   -14.289 7.317   1.00 12.97 ? 1097 PHE A O   1 
ATOM   1102 C CB  . PHE A 1 119 ? 6.803   -15.991 4.377   1.00 13.33 ? 1097 PHE A CB  1 
ATOM   1103 C CG  . PHE A 1 119 ? 7.777   -14.899 4.030   1.00 13.31 ? 1097 PHE A CG  1 
ATOM   1104 C CD1 . PHE A 1 119 ? 9.138   -15.159 3.959   1.00 14.87 ? 1097 PHE A CD1 1 
ATOM   1105 C CD2 . PHE A 1 119 ? 7.371   -13.580 3.882   1.00 13.72 ? 1097 PHE A CD2 1 
ATOM   1106 C CE1 . PHE A 1 119 ? 10.039  -14.138 3.738   1.00 16.46 ? 1097 PHE A CE1 1 
ATOM   1107 C CE2 . PHE A 1 119 ? 8.284   -12.553 3.660   1.00 13.70 ? 1097 PHE A CE2 1 
ATOM   1108 C CZ  . PHE A 1 119 ? 9.613   -12.838 3.604   1.00 14.63 ? 1097 PHE A CZ  1 
ATOM   1109 N N   . GLU A 1 120 ? 4.866   -14.605 6.530   1.00 13.16 ? 1098 GLU A N   1 
ATOM   1110 C CA  . GLU A 1 120 ? 4.324   -13.435 7.264   1.00 14.61 ? 1098 GLU A CA  1 
ATOM   1111 C C   . GLU A 1 120 ? 4.485   -13.616 8.785   1.00 15.09 ? 1098 GLU A C   1 
ATOM   1112 O O   . GLU A 1 120 ? 4.883   -12.672 9.470   1.00 15.20 ? 1098 GLU A O   1 
ATOM   1113 C CB  . GLU A 1 120 ? 2.859   -13.204 6.899   1.00 15.39 ? 1098 GLU A CB  1 
ATOM   1114 C CG  . GLU A 1 120 ? 2.191   -12.088 7.661   1.00 15.08 ? 1098 GLU A CG  1 
ATOM   1115 C CD  . GLU A 1 120 ? 2.725   -10.651 7.546   1.00 17.29 ? 1098 GLU A CD  1 
ATOM   1116 O OE1 . GLU A 1 120 ? 3.615   -10.435 6.688   1.00 18.49 ? 1098 GLU A OE1 1 
ATOM   1117 O OE2 . GLU A 1 120 ? 2.191   -9.729  8.297   1.00 20.59 ? 1098 GLU A OE2 1 
ATOM   1118 N N   . GLN A 1 121 ? 4.231   -14.820 9.311   1.00 14.42 ? 1099 GLN A N   1 
ATOM   1119 C CA  . GLN A 1 121 ? 4.322   -15.062 10.783  1.00 14.95 ? 1099 GLN A CA  1 
ATOM   1120 C C   . GLN A 1 121 ? 5.774   -14.868 11.222  1.00 13.23 ? 1099 GLN A C   1 
ATOM   1121 O O   . GLN A 1 121 ? 5.986   -14.249 12.307  1.00 14.91 ? 1099 GLN A O   1 
ATOM   1122 C CB  . GLN A 1 121 ? 3.773   -16.462 11.090  1.00 15.81 ? 1099 GLN A CB  1 
ATOM   1123 C CG  . GLN A 1 121 ? 3.756   -16.725 12.595  1.00 18.68 ? 1099 GLN A CG  1 
ATOM   1124 C CD  . GLN A 1 121 ? 2.719   -15.867 13.286  1.00 24.44 ? 1099 GLN A CD  1 
ATOM   1125 O OE1 . GLN A 1 121 ? 1.655   -15.558 12.706  1.00 25.03 ? 1099 GLN A OE1 1 
ATOM   1126 N NE2 . GLN A 1 121 ? 3.035   -15.477 14.526  1.00 23.13 ? 1099 GLN A NE2 1 
ATOM   1127 N N   . LEU A 1 122 ? 6.772   -15.313 10.407  1.00 14.11 ? 1100 LEU A N   1 
ATOM   1128 C CA  . LEU A 1 122 ? 8.206   -15.130 10.715  1.00 14.11 ? 1100 LEU A CA  1 
ATOM   1129 C C   . LEU A 1 122 ? 8.529   -13.605 10.798  1.00 16.18 ? 1100 LEU A C   1 
ATOM   1130 O O   . LEU A 1 122 ? 9.140   -13.118 11.769  1.00 14.36 ? 1100 LEU A O   1 
ATOM   1131 C CB  . LEU A 1 122 ? 9.121   -15.847 9.711   1.00 13.48 ? 1100 LEU A CB  1 
ATOM   1132 C CG  . LEU A 1 122 ? 10.620  -15.626 9.892   1.00 15.22 ? 1100 LEU A CG  1 
ATOM   1133 C CD1 . LEU A 1 122 ? 11.109  -16.001 11.316  1.00 17.16 ? 1100 LEU A CD1 1 
ATOM   1134 C CD2 . LEU A 1 122 ? 11.391  -16.343 8.786   1.00 15.99 ? 1100 LEU A CD2 1 
ATOM   1135 N N   . CYS A 1 123 ? 8.095   -12.819 9.785   1.00 14.48 ? 1101 CYS A N   1 
ATOM   1136 C CA  . CYS A 1 123 ? 8.318   -11.340 9.817   1.00 14.98 ? 1101 CYS A CA  1 
ATOM   1137 C C   . CYS A 1 123 ? 7.709   -10.737 11.111  1.00 15.87 ? 1101 CYS A C   1 
ATOM   1138 O O   . CYS A 1 123 ? 8.393   -9.901  11.723  1.00 15.77 ? 1101 CYS A O   1 
ATOM   1139 C CB  . CYS A 1 123 ? 7.719   -10.693 8.559   1.00 15.33 ? 1101 CYS A CB  1 
ATOM   1140 S SG  . CYS A 1 123 ? 8.532   -11.074 6.996   1.00 15.18 ? 1101 CYS A SG  1 
ATOM   1141 N N   . GLU A 1 124 ? 6.484   -11.103 11.500  1.00 14.66 ? 1102 GLU A N   1 
ATOM   1142 C CA  . GLU A 1 124 ? 5.751   -10.545 12.669  1.00 16.59 ? 1102 GLU A CA  1 
ATOM   1143 C C   . GLU A 1 124 ? 6.575   -10.881 13.944  1.00 19.29 ? 1102 GLU A C   1 
ATOM   1144 O O   . GLU A 1 124 ? 6.768   -9.995  14.864  1.00 19.10 ? 1102 GLU A O   1 
ATOM   1145 C CB  . GLU A 1 124 ? 4.292   -11.014 12.701  1.00 18.57 ? 1102 GLU A CB  1 
ATOM   1146 C CG  . GLU A 1 124 ? 3.394   -10.419 11.598  1.00 23.51 ? 1102 GLU A CG  1 
ATOM   1147 C CD  . GLU A 1 124 ? 1.913   -10.827 11.566  1.00 31.73 ? 1102 GLU A CD  1 
ATOM   1148 O OE1 . GLU A 1 124 ? 1.472   -11.326 12.611  1.00 34.02 ? 1102 GLU A OE1 1 
ATOM   1149 O OE2 . GLU A 1 124 ? 1.155   -10.620 10.492  1.00 26.14 ? 1102 GLU A OE2 1 
ATOM   1150 N N   . GLU A 1 125 ? 7.131   -12.103 14.030  1.00 17.74 ? 1103 GLU A N   1 
ATOM   1151 C CA  . GLU A 1 125 ? 7.914   -12.559 15.216  1.00 18.00 ? 1103 GLU A CA  1 
ATOM   1152 C C   . GLU A 1 125 ? 9.272   -11.852 15.295  1.00 20.79 ? 1103 GLU A C   1 
ATOM   1153 O O   . GLU A 1 125 ? 9.672   -11.398 16.452  1.00 24.22 ? 1103 GLU A O   1 
ATOM   1154 C CB  . GLU A 1 125 ? 7.953   -14.110 15.315  1.00 16.85 ? 1103 GLU A CB  1 
ATOM   1155 C CG  . GLU A 1 125 ? 6.618   -14.706 15.672  1.00 16.25 ? 1103 GLU A CG  1 
ATOM   1156 C CD  . GLU A 1 125 ? 6.458   -16.226 15.867  1.00 16.16 ? 1103 GLU A CD  1 
ATOM   1157 O OE1 . GLU A 1 125 ? 7.479   -16.927 15.810  1.00 17.28 ? 1103 GLU A OE1 1 
ATOM   1158 O OE2 . GLU A 1 125 ? 5.281   -16.669 15.993  1.00 17.92 ? 1103 GLU A OE2 1 
ATOM   1159 N N   . ILE A 1 126 ? 9.975   -11.621 14.198  1.00 17.74 ? 1104 ILE A N   1 
ATOM   1160 C CA  . ILE A 1 126 ? 11.218  -10.829 14.231  1.00 18.22 ? 1104 ILE A CA  1 
ATOM   1161 C C   . ILE A 1 126 ? 10.832  -9.400  14.692  1.00 23.39 ? 1104 ILE A C   1 
ATOM   1162 O O   . ILE A 1 126 ? 11.556  -8.848  15.541  1.00 25.24 ? 1104 ILE A O   1 
ATOM   1163 C CB  . ILE A 1 126 ? 11.942  -10.838 12.882  1.00 17.61 ? 1104 ILE A CB  1 
ATOM   1164 C CG1 . ILE A 1 126 ? 12.289  -12.238 12.342  1.00 17.00 ? 1104 ILE A CG1 1 
ATOM   1165 C CG2 . ILE A 1 126 ? 13.171  -9.952  12.960  1.00 18.32 ? 1104 ILE A CG2 1 
ATOM   1166 C CD1 . ILE A 1 126 ? 12.682  -12.345 10.889  1.00 17.75 ? 1104 ILE A CD1 1 
ATOM   1167 N N   . GLN A 1 127 ? 9.814   -8.769  14.071  1.00 21.83 ? 1105 GLN A N   1 
ATOM   1168 C CA  . GLN A 1 127 ? 9.371   -7.351  14.412  1.00 24.63 ? 1105 GLN A CA  1 
ATOM   1169 C C   . GLN A 1 127 ? 9.116   -7.227  15.940  1.00 28.61 ? 1105 GLN A C   1 
ATOM   1170 O O   . GLN A 1 127 ? 9.624   -6.249  16.587  1.00 25.28 ? 1105 GLN A O   1 
ATOM   1171 C CB  . GLN A 1 127 ? 8.128   -6.953  13.594  1.00 25.07 ? 1105 GLN A CB  1 
ATOM   1172 C CG  . GLN A 1 127 ? 7.519   -5.578  13.944  1.00 29.32 ? 1105 GLN A CG  1 
ATOM   1173 C CD  . GLN A 1 127 ? 6.277   -5.224  13.143  1.00 31.41 ? 1105 GLN A CD  1 
ATOM   1174 O OE1 . GLN A 1 127 ? 5.249   -5.927  13.186  1.00 31.11 ? 1105 GLN A OE1 1 
ATOM   1175 N NE2 . GLN A 1 127 ? 6.326   -4.109  12.418  1.00 33.50 ? 1105 GLN A NE2 1 
ATOM   1176 N N   A GLU A 1 128 ? 8.356   -8.168  16.508  0.15 28.87 ? 1106 GLU A N   1 
ATOM   1177 N N   B GLU A 1 128 ? 8.388   -8.195  16.514  0.20 26.97 ? 1106 GLU A N   1 
ATOM   1178 N N   C GLU A 1 128 ? 8.356   -8.168  16.508  0.15 28.87 ? 1106 GLU A N   1 
ATOM   1179 C CA  A GLU A 1 128 ? 7.975   -8.180  17.948  0.15 31.75 ? 1106 GLU A CA  1 
ATOM   1180 C CA  B GLU A 1 128 ? 7.960   -8.198  17.943  0.20 29.09 ? 1106 GLU A CA  1 
ATOM   1181 C CA  C GLU A 1 128 ? 7.975   -8.180  17.948  0.15 31.75 ? 1106 GLU A CA  1 
ATOM   1182 C C   A GLU A 1 128 ? 9.236   -8.233  18.820  0.15 33.61 ? 1106 GLU A C   1 
ATOM   1183 C C   B GLU A 1 128 ? 9.166   -8.383  18.876  0.20 32.45 ? 1106 GLU A C   1 
ATOM   1184 C C   C GLU A 1 128 ? 9.236   -8.233  18.820  0.15 33.61 ? 1106 GLU A C   1 
ATOM   1185 O O   A GLU A 1 128 ? 9.259   -7.557  19.883  0.15 33.43 ? 1106 GLU A O   1 
ATOM   1186 O O   B GLU A 1 128 ? 9.039   -8.012  20.074  0.20 32.76 ? 1106 GLU A O   1 
ATOM   1187 O O   C GLU A 1 128 ? 9.259   -7.557  19.883  0.15 33.43 ? 1106 GLU A O   1 
ATOM   1188 C CB  A GLU A 1 128 ? 7.021   -9.343  18.220  0.15 33.39 ? 1106 GLU A CB  1 
ATOM   1189 C CB  B GLU A 1 128 ? 6.928   -9.294  18.212  0.20 28.63 ? 1106 GLU A CB  1 
ATOM   1190 C CB  C GLU A 1 128 ? 7.021   -9.343  18.220  0.15 33.39 ? 1106 GLU A CB  1 
ATOM   1191 C CG  A GLU A 1 128 ? 5.561   -8.934  18.161  0.15 36.11 ? 1106 GLU A CG  1 
ATOM   1192 C CG  B GLU A 1 128 ? 6.604   -9.454  19.692  0.20 30.09 ? 1106 GLU A CG  1 
ATOM   1193 C CG  C GLU A 1 128 ? 5.561   -8.934  18.161  0.15 36.11 ? 1106 GLU A CG  1 
ATOM   1194 C CD  A GLU A 1 128 ? 4.615   -9.968  17.573  0.15 39.58 ? 1106 GLU A CD  1 
ATOM   1195 C CD  B GLU A 1 128 ? 5.910   -8.251  20.305  0.20 30.69 ? 1106 GLU A CD  1 
ATOM   1196 C CD  C GLU A 1 128 ? 4.615   -9.968  17.573  0.15 39.58 ? 1106 GLU A CD  1 
ATOM   1197 O OE1 A GLU A 1 128 ? 4.943   -11.176 17.614  0.15 39.95 ? 1106 GLU A OE1 1 
ATOM   1198 O OE1 B GLU A 1 128 ? 6.051   -8.039  21.528  0.20 32.08 ? 1106 GLU A OE1 1 
ATOM   1199 O OE1 C GLU A 1 128 ? 4.943   -11.176 17.614  0.15 39.95 ? 1106 GLU A OE1 1 
ATOM   1200 O OE2 A GLU A 1 128 ? 3.553   -9.556  17.059  0.15 42.85 ? 1106 GLU A OE2 1 
ATOM   1201 O OE2 B GLU A 1 128 ? 5.223   -7.536  19.559  0.20 30.91 ? 1106 GLU A OE2 1 
ATOM   1202 O OE2 C GLU A 1 128 ? 3.553   -9.556  17.059  0.15 42.85 ? 1106 GLU A OE2 1 
ATOM   1203 N N   . SER A 1 129 ? 10.265  -8.959  18.373  1.00 32.46 ? 1107 SER A N   1 
ATOM   1204 C CA  . SER A 1 129 ? 11.526  -9.164  19.144  1.00 35.76 ? 1107 SER A CA  1 
ATOM   1205 C C   . SER A 1 129 ? 12.409  -7.914  19.160  1.00 42.73 ? 1107 SER A C   1 
ATOM   1206 O O   . SER A 1 129 ? 13.444  -7.975  19.854  1.00 45.14 ? 1107 SER A O   1 
ATOM   1207 C CB  . SER A 1 129 ? 12.329  -10.346 18.599  1.00 33.58 ? 1107 SER A CB  1 
ATOM   1208 O OG  . SER A 1 129 ? 13.146  -9.920  17.482  1.00 33.45 ? 1107 SER A OG  1 
ATOM   1209 N N   . ARG A 1 130 ? 12.130  -6.877  18.367  1.00 40.86 ? 1108 ARG A N   1 
ATOM   1210 C CA  . ARG A 1 130 ? 13.100  -5.763  18.197  1.00 45.38 ? 1108 ARG A CA  1 
ATOM   1211 C C   . ARG A 1 130 ? 12.833  -4.714  19.281  1.00 54.35 ? 1108 ARG A C   1 
ATOM   1212 O O   . ARG A 1 130 ? 11.771  -4.744  19.958  1.00 50.08 ? 1108 ARG A O   1 
ATOM   1213 C CB  . ARG A 1 130 ? 13.069  -5.194  16.774  1.00 46.12 ? 1108 ARG A CB  1 
ATOM   1214 C CG  . ARG A 1 130 ? 13.448  -6.258  15.755  1.00 49.58 ? 1108 ARG A CG  1 
ATOM   1215 C CD  . ARG A 1 130 ? 14.464  -5.866  14.721  1.00 52.17 ? 1108 ARG A CD  1 
ATOM   1216 N NE  . ARG A 1 130 ? 15.259  -7.014  14.254  1.00 47.70 ? 1108 ARG A NE  1 
ATOM   1217 C CZ  . ARG A 1 130 ? 15.917  -7.052  13.089  1.00 48.08 ? 1108 ARG A CZ  1 
ATOM   1218 N NH1 . ARG A 1 130 ? 15.885  -6.006  12.270  1.00 62.54 ? 1108 ARG A NH1 1 
ATOM   1219 N NH2 . ARG A 1 130 ? 16.630  -8.111  12.748  1.00 38.39 ? 1108 ARG A NH2 1 
ATOM   1220 O OXT . ARG A 1 130 ? 13.737  -3.865  19.462  1.00 54.64 ? 1108 ARG A OXT 1 
HETATM 1221 C C10 . RGM B 2 .   ? -7.033  14.748  -8.853  0.78 26.67 ? 1201 RGM A C10 1 
HETATM 1222 C C13 . RGM B 2 .   ? -6.770  16.840  -10.446 0.78 28.61 ? 1201 RGM A C13 1 
HETATM 1223 C C15 . RGM B 2 .   ? -8.959  17.244  -10.768 0.78 28.51 ? 1201 RGM A C15 1 
HETATM 1224 C C17 . RGM B 2 .   ? -8.399  11.344  -5.406  0.78 20.01 ? 1201 RGM A C17 1 
HETATM 1225 C C01 . RGM B 2 .   ? -9.141  13.296  -10.151 0.78 28.93 ? 1201 RGM A C01 1 
HETATM 1226 C C03 . RGM B 2 .   ? -9.942  15.259  -9.249  0.78 27.20 ? 1201 RGM A C03 1 
HETATM 1227 C C04 . RGM B 2 .   ? -9.977  15.428  -7.910  0.78 27.82 ? 1201 RGM A C04 1 
HETATM 1228 C C05 . RGM B 2 .   ? -8.978  14.695  -7.300  0.78 26.14 ? 1201 RGM A C05 1 
HETATM 1229 C C06 . RGM B 2 .   ? -9.558  13.546  -6.244  0.78 23.33 ? 1201 RGM A C06 1 
HETATM 1230 C C08 . RGM B 2 .   ? -7.701  12.593  -7.563  0.78 23.97 ? 1201 RGM A C08 1 
HETATM 1231 C C09 . RGM B 2 .   ? -8.236  13.937  -8.258  0.78 25.59 ? 1201 RGM A C09 1 
HETATM 1232 C C12 . RGM B 2 .   ? -7.484  15.897  -9.722  0.78 26.98 ? 1201 RGM A C12 1 
HETATM 1233 C C16 . RGM B 2 .   ? -8.886  16.131  -9.925  0.78 27.97 ? 1201 RGM A C16 1 
HETATM 1234 C C18 . RGM B 2 .   ? -7.282  10.349  -5.719  0.78 18.41 ? 1201 RGM A C18 1 
HETATM 1235 N N02 . RGM B 2 .   ? -9.338  13.737  -9.237  0.78 27.35 ? 1201 RGM A N02 1 
HETATM 1236 N N07 . RGM B 2 .   ? -8.557  12.430  -6.320  0.78 22.13 ? 1201 RGM A N07 1 
HETATM 1237 N N14 . RGM B 2 .   ? -7.693  17.631  -11.066 0.78 29.00 ? 1201 RGM A N14 1 
HETATM 1238 O O11 . RGM B 2 .   ? -5.884  14.477  -8.646  0.78 27.66 ? 1201 RGM A O11 1 
HETATM 1239 O O19 . RGM B 2 .   ? -9.113  11.253  -4.452  0.78 18.41 ? 1201 RGM A O19 1 
HETATM 1240 S S   . SO4 C 3 .   ? -29.468 8.038   -6.949  1.00 27.66 ? 1202 SO4 A S   1 
HETATM 1241 O O1  . SO4 C 3 .   ? -30.460 8.835   -7.482  1.00 28.07 ? 1202 SO4 A O1  1 
HETATM 1242 O O2  . SO4 C 3 .   ? -28.327 8.929   -6.689  1.00 25.78 ? 1202 SO4 A O2  1 
HETATM 1243 O O3  . SO4 C 3 .   ? -29.951 7.219   -5.917  1.00 25.08 ? 1202 SO4 A O3  1 
HETATM 1244 O O4  . SO4 C 3 .   ? -28.969 7.117   -8.002  1.00 35.19 ? 1202 SO4 A O4  1 
HETATM 1245 S S   . SO4 D 3 .   ? 6.072   7.023   9.221   0.50 37.38 ? 1203 SO4 A S   1 
HETATM 1246 O O1  . SO4 D 3 .   ? 5.951   7.276   10.645  0.50 38.16 ? 1203 SO4 A O1  1 
HETATM 1247 O O2  . SO4 D 3 .   ? 4.814   7.355   8.580   0.50 35.15 ? 1203 SO4 A O2  1 
HETATM 1248 O O3  . SO4 D 3 .   ? 6.382   5.615   8.981   0.50 38.07 ? 1203 SO4 A O3  1 
HETATM 1249 O O4  . SO4 D 3 .   ? 7.140   7.826   8.663   0.50 35.11 ? 1203 SO4 A O4  1 
HETATM 1250 C C1  . EDO E 4 .   ? 6.141   -14.351 0.164   1.00 30.35 ? 1204 EDO A C1  1 
HETATM 1251 O O1  . EDO E 4 .   ? 5.904   -15.703 0.614   1.00 24.21 ? 1204 EDO A O1  1 
HETATM 1252 C C2  . EDO E 4 .   ? 7.623   -13.975 0.240   1.00 21.07 ? 1204 EDO A C2  1 
HETATM 1253 O O2  . EDO E 4 .   ? 8.361   -14.488 -0.846  1.00 21.82 ? 1204 EDO A O2  1 
HETATM 1254 C C1  . EDO F 4 .   ? 3.637   -19.121 -2.587  1.00 46.68 ? 1205 EDO A C1  1 
HETATM 1255 O O1  . EDO F 4 .   ? 4.141   -20.444 -2.607  1.00 52.36 ? 1205 EDO A O1  1 
HETATM 1256 C C2  . EDO F 4 .   ? 2.869   -18.823 -1.354  1.00 52.77 ? 1205 EDO A C2  1 
HETATM 1257 O O2  . EDO F 4 .   ? 1.598   -19.456 -1.308  1.00 55.60 ? 1205 EDO A O2  1 
HETATM 1258 C C1  . EDO G 4 .   ? 7.906   8.540   1.074   1.00 28.51 ? 1206 EDO A C1  1 
HETATM 1259 O O1  . EDO G 4 .   ? 6.770   8.868   1.869   1.00 29.69 ? 1206 EDO A O1  1 
HETATM 1260 C C2  . EDO G 4 .   ? 9.207   9.192   1.528   1.00 27.68 ? 1206 EDO A C2  1 
HETATM 1261 O O2  . EDO G 4 .   ? 9.097   10.563  1.303   1.00 30.59 ? 1206 EDO A O2  1 
HETATM 1262 C C1  . EDO H 4 .   ? -13.900 13.548  -9.308  0.78 56.29 ? 1207 EDO A C1  1 
HETATM 1263 O O1  . EDO H 4 .   ? -13.793 13.700  -10.708 0.78 58.76 ? 1207 EDO A O1  1 
HETATM 1264 C C2  . EDO H 4 .   ? -13.260 12.304  -8.827  0.78 56.53 ? 1207 EDO A C2  1 
HETATM 1265 O O2  . EDO H 4 .   ? -11.867 12.260  -9.070  0.78 53.51 ? 1207 EDO A O2  1 
HETATM 1266 O O   . HOH I 5 .   ? -13.504 19.874  -0.345  1.00 45.64 ? 1301 HOH A O   1 
HETATM 1267 O O   . HOH I 5 .   ? -30.989 7.952   -9.220  1.00 55.97 ? 1302 HOH A O   1 
HETATM 1268 O O   . HOH I 5 .   ? -22.187 13.360  -0.730  1.00 46.44 ? 1303 HOH A O   1 
HETATM 1269 O O   . HOH I 5 .   ? -5.231  -2.273  7.088   1.00 36.10 ? 1304 HOH A O   1 
HETATM 1270 O O   . HOH I 5 .   ? 19.550  -7.924  -5.828  1.00 30.11 ? 1305 HOH A O   1 
HETATM 1271 O O   . HOH I 5 .   ? 16.593  -4.992  7.030   1.00 48.46 ? 1306 HOH A O   1 
HETATM 1272 O O   . HOH I 5 .   ? 19.495  -5.876  3.245   1.00 53.41 ? 1307 HOH A O   1 
HETATM 1273 O O   . HOH I 5 .   ? -1.875  -14.525 -8.426  1.00 33.58 ? 1308 HOH A O   1 
HETATM 1274 O O   . HOH I 5 .   ? -13.341 6.136   4.126   1.00 40.84 ? 1309 HOH A O   1 
HETATM 1275 O O   . HOH I 5 .   ? 18.331  -15.618 13.059  1.00 48.31 ? 1310 HOH A O   1 
HETATM 1276 O O   . HOH I 5 .   ? 14.294  -12.198 16.525  1.00 33.05 ? 1311 HOH A O   1 
HETATM 1277 O O   . HOH I 5 .   ? 6.287   -12.828 18.933  1.00 35.15 ? 1312 HOH A O   1 
HETATM 1278 O O   . HOH I 5 .   ? 2.456   9.508   5.992   1.00 21.05 ? 1313 HOH A O   1 
HETATM 1279 O O   . HOH I 5 .   ? 5.760   -6.894  -10.936 1.00 44.60 ? 1314 HOH A O   1 
HETATM 1280 O O   . HOH I 5 .   ? -3.832  8.111   9.045   1.00 29.90 ? 1315 HOH A O   1 
HETATM 1281 O O   . HOH I 5 .   ? -17.394 15.311  -4.358  1.00 26.61 ? 1316 HOH A O   1 
HETATM 1282 O O   . HOH I 5 .   ? -7.989  10.359  -2.319  1.00 16.58 ? 1317 HOH A O   1 
HETATM 1283 O O   . HOH I 5 .   ? -3.645  15.709  -9.056  1.00 30.45 ? 1318 HOH A O   1 
HETATM 1284 O O   . HOH I 5 .   ? -16.646 12.437  3.120   1.00 33.32 ? 1319 HOH A O   1 
HETATM 1285 O O   . HOH I 5 .   ? 12.643  0.950   -6.082  1.00 37.24 ? 1320 HOH A O   1 
HETATM 1286 O O   . HOH I 5 .   ? 9.244   -12.578 18.737  1.00 27.72 ? 1321 HOH A O   1 
HETATM 1287 O O   . HOH I 5 .   ? 7.994   -2.262  13.205  1.00 60.63 ? 1322 HOH A O   1 
HETATM 1288 O O   . HOH I 5 .   ? -6.529  5.156   -16.930 1.00 38.69 ? 1323 HOH A O   1 
HETATM 1289 O O   . HOH I 5 .   ? 4.594   -7.885  14.799  1.00 41.11 ? 1324 HOH A O   1 
HETATM 1290 O O   . HOH I 5 .   ? 13.159  4.663   -3.812  1.00 24.64 ? 1325 HOH A O   1 
HETATM 1291 O O   . HOH I 5 .   ? 1.730   7.763   -13.298 1.00 41.59 ? 1326 HOH A O   1 
HETATM 1292 O O   . HOH I 5 .   ? 18.822  -11.481 -0.079  0.50 33.79 ? 1327 HOH A O   1 
HETATM 1293 O O   . HOH I 5 .   ? -15.427 -4.208  -3.652  1.00 50.83 ? 1328 HOH A O   1 
HETATM 1294 O O   . HOH I 5 .   ? 7.527   -1.583  -7.852  1.00 46.90 ? 1329 HOH A O   1 
HETATM 1295 O O   . HOH I 5 .   ? 21.878  -6.429  -1.930  1.00 49.00 ? 1330 HOH A O   1 
HETATM 1296 O O   . HOH I 5 .   ? 6.843   10.350  7.862   1.00 18.25 ? 1331 HOH A O   1 
HETATM 1297 O O   . HOH I 5 .   ? -3.990  8.449   -3.783  1.00 19.68 ? 1332 HOH A O   1 
HETATM 1298 O O   . HOH I 5 .   ? -13.410 -4.705  -6.381  1.00 42.41 ? 1333 HOH A O   1 
HETATM 1299 O O   . HOH I 5 .   ? -4.235  10.200  -0.979  1.00 16.37 ? 1334 HOH A O   1 
HETATM 1300 O O   . HOH I 5 .   ? 2.683   -5.940  11.702  1.00 30.63 ? 1335 HOH A O   1 
HETATM 1301 O O   . HOH I 5 .   ? -2.879  16.828  4.664   1.00 30.62 ? 1336 HOH A O   1 
HETATM 1302 O O   . HOH I 5 .   ? -8.093  -6.982  -10.572 1.00 26.93 ? 1337 HOH A O   1 
HETATM 1303 O O   . HOH I 5 .   ? 1.453   5.694   6.625   1.00 21.04 ? 1338 HOH A O   1 
HETATM 1304 O O   . HOH I 5 .   ? -19.395 13.521  -12.407 1.00 39.45 ? 1339 HOH A O   1 
HETATM 1305 O O   . HOH I 5 .   ? 1.497   11.259  3.903   1.00 25.44 ? 1340 HOH A O   1 
HETATM 1306 O O   . HOH I 5 .   ? -9.812  -9.474  -2.425  1.00 23.15 ? 1341 HOH A O   1 
HETATM 1307 O O   . HOH I 5 .   ? -5.212  2.292   6.914   1.00 19.54 ? 1342 HOH A O   1 
HETATM 1308 O O   . HOH I 5 .   ? 1.748   14.798  -8.229  1.00 37.88 ? 1343 HOH A O   1 
HETATM 1309 O O   . HOH I 5 .   ? 1.856   1.284   7.623   1.00 33.98 ? 1344 HOH A O   1 
HETATM 1310 O O   . HOH I 5 .   ? -20.401 7.926   -0.226  1.00 33.68 ? 1345 HOH A O   1 
HETATM 1311 O O   . HOH I 5 .   ? -1.085  -5.361  -13.795 1.00 25.10 ? 1346 HOH A O   1 
HETATM 1312 O O   . HOH I 5 .   ? 0.237   11.052  -1.530  1.00 19.24 ? 1347 HOH A O   1 
HETATM 1313 O O   . HOH I 5 .   ? -14.630 14.744  -5.926  1.00 26.54 ? 1348 HOH A O   1 
HETATM 1314 O O   . HOH I 5 .   ? 3.612   -16.714 18.137  1.00 30.49 ? 1349 HOH A O   1 
HETATM 1315 O O   . HOH I 5 .   ? 13.458  -16.190 5.562   1.00 28.24 ? 1350 HOH A O   1 
HETATM 1316 O O   . HOH I 5 .   ? -17.830 7.510   0.678   1.00 27.04 ? 1351 HOH A O   1 
HETATM 1317 O O   . HOH I 5 .   ? -22.941 14.782  -6.989  1.00 44.17 ? 1352 HOH A O   1 
HETATM 1318 O O   . HOH I 5 .   ? 15.744  -9.103  15.949  1.00 49.17 ? 1353 HOH A O   1 
HETATM 1319 O O   . HOH I 5 .   ? -29.044 5.011   -4.578  1.00 56.55 ? 1354 HOH A O   1 
HETATM 1320 O O   . HOH I 5 .   ? -4.528  19.321  7.004   1.00 47.39 ? 1355 HOH A O   1 
HETATM 1321 O O   . HOH I 5 .   ? 12.509  6.679   8.285   1.00 42.47 ? 1356 HOH A O   1 
HETATM 1322 O O   . HOH I 5 .   ? 5.293   -15.461 -3.971  1.00 20.97 ? 1357 HOH A O   1 
HETATM 1323 O O   . HOH I 5 .   ? 13.661  4.639   7.468   1.00 44.08 ? 1358 HOH A O   1 
HETATM 1324 O O   . HOH I 5 .   ? -8.814  7.934   5.146   1.00 20.74 ? 1359 HOH A O   1 
HETATM 1325 O O   . HOH I 5 .   ? 5.438   -10.681 -5.660  1.00 29.06 ? 1360 HOH A O   1 
HETATM 1326 O O   . HOH I 5 .   ? -19.542 6.554   -12.940 1.00 23.83 ? 1361 HOH A O   1 
HETATM 1327 O O   . HOH I 5 .   ? 4.709   3.535   8.033   1.00 32.86 ? 1362 HOH A O   1 
HETATM 1328 O O   . HOH I 5 .   ? -1.729  13.020  -9.156  1.00 40.65 ? 1363 HOH A O   1 
HETATM 1329 O O   . HOH I 5 .   ? -13.425 9.686   -11.781 1.00 31.93 ? 1364 HOH A O   1 
HETATM 1330 O O   . HOH I 5 .   ? 7.708   -14.095 -3.514  1.00 15.28 ? 1365 HOH A O   1 
HETATM 1331 O O   . HOH I 5 .   ? -25.571 13.151  -10.555 1.00 26.12 ? 1366 HOH A O   1 
HETATM 1332 O O   . HOH I 5 .   ? 9.965   -17.827 0.948   1.00 18.53 ? 1367 HOH A O   1 
HETATM 1333 O O   . HOH I 5 .   ? -7.582  3.431   6.162   1.00 21.93 ? 1368 HOH A O   1 
HETATM 1334 O O   . HOH I 5 .   ? -6.768  -2.702  -16.545 1.00 45.77 ? 1369 HOH A O   1 
HETATM 1335 O O   . HOH I 5 .   ? 10.186  -16.844 16.465  1.00 19.98 ? 1370 HOH A O   1 
HETATM 1336 O O   . HOH I 5 .   ? 8.111   9.479   -2.985  1.00 31.37 ? 1371 HOH A O   1 
HETATM 1337 O O   . HOH I 5 .   ? -11.363 16.205  7.210   1.00 39.04 ? 1372 HOH A O   1 
HETATM 1338 O O   . HOH I 5 .   ? 0.452   -15.224 8.825   1.00 36.28 ? 1373 HOH A O   1 
HETATM 1339 O O   . HOH I 5 .   ? 17.297  -6.366  5.296   1.00 25.14 ? 1374 HOH A O   1 
HETATM 1340 O O   . HOH I 5 .   ? 10.710  -6.874  -6.870  1.00 11.65 ? 1375 HOH A O   1 
HETATM 1341 O O   . HOH I 5 .   ? 2.508   3.473   -13.856 1.00 32.67 ? 1376 HOH A O   1 
HETATM 1342 O O   . HOH I 5 .   ? 6.119   10.206  -4.058  1.00 40.33 ? 1377 HOH A O   1 
HETATM 1343 O O   . HOH I 5 .   ? -6.777  -14.727 -3.840  1.00 31.98 ? 1378 HOH A O   1 
HETATM 1344 O O   . HOH I 5 .   ? -6.557  8.054   -2.773  1.00 16.33 ? 1379 HOH A O   1 
HETATM 1345 O O   . HOH I 5 .   ? 1.054   15.808  1.571   1.00 47.15 ? 1380 HOH A O   1 
HETATM 1346 O O   . HOH I 5 .   ? -23.611 7.323   -4.428  1.00 27.85 ? 1381 HOH A O   1 
HETATM 1347 O O   . HOH I 5 .   ? -1.722  2.968   -14.061 1.00 19.77 ? 1382 HOH A O   1 
HETATM 1348 O O   . HOH I 5 .   ? 4.629   5.816   12.676  1.00 39.93 ? 1383 HOH A O   1 
HETATM 1349 O O   . HOH I 5 .   ? -3.424  9.889   -5.906  1.00 21.37 ? 1384 HOH A O   1 
HETATM 1350 O O   . HOH I 5 .   ? 0.221   -19.963 3.212   1.00 30.26 ? 1385 HOH A O   1 
HETATM 1351 O O   . HOH I 5 .   ? -11.177 5.679   7.662   1.00 52.88 ? 1386 HOH A O   1 
HETATM 1352 O O   . HOH I 5 .   ? 1.916   -19.411 10.812  1.00 32.07 ? 1387 HOH A O   1 
HETATM 1353 O O   . HOH I 5 .   ? 8.818   6.235   -5.994  1.00 26.77 ? 1388 HOH A O   1 
HETATM 1354 O O   . HOH I 5 .   ? -0.170  1.406   -17.775 1.00 50.37 ? 1389 HOH A O   1 
HETATM 1355 O O   . HOH I 5 .   ? -5.459  -11.346 1.696   1.00 30.84 ? 1390 HOH A O   1 
HETATM 1356 O O   . HOH I 5 .   ? -14.768 -2.335  -7.403  1.00 22.28 ? 1391 HOH A O   1 
HETATM 1357 O O   . HOH I 5 .   ? -6.116  10.678  5.690   1.00 16.51 ? 1392 HOH A O   1 
HETATM 1358 O O   . HOH I 5 .   ? 0.844   -13.898 10.513  1.00 42.32 ? 1393 HOH A O   1 
HETATM 1359 O O   . HOH I 5 .   ? -10.889 18.847  7.493   1.00 32.94 ? 1394 HOH A O   1 
HETATM 1360 O O   . HOH I 5 .   ? -23.698 8.441   -11.136 1.00 20.29 ? 1395 HOH A O   1 
HETATM 1361 O O   . HOH I 5 .   ? -4.168  11.756  -9.072  0.78 38.62 ? 1396 HOH A O   1 
HETATM 1362 O O   . HOH I 5 .   ? 7.329   -18.107 -0.072  1.00 34.09 ? 1397 HOH A O   1 
HETATM 1363 O O   . HOH I 5 .   ? -2.302  16.870  7.724   1.00 26.01 ? 1398 HOH A O   1 
HETATM 1364 O O   . HOH I 5 .   ? 8.942   1.516   10.242  1.00 36.99 ? 1399 HOH A O   1 
HETATM 1365 O O   . HOH I 5 .   ? 13.646  -0.729  9.377   1.00 48.76 ? 1400 HOH A O   1 
HETATM 1366 O O   . HOH I 5 .   ? -1.932  12.337  -2.523  0.51 14.94 ? 1401 HOH A O   1 
HETATM 1367 O O   . HOH I 5 .   ? -8.753  -3.465  6.351   1.00 49.70 ? 1402 HOH A O   1 
HETATM 1368 O O   . HOH I 5 .   ? -11.414 -6.318  -10.418 1.00 41.83 ? 1403 HOH A O   1 
HETATM 1369 O O   . HOH I 5 .   ? -3.279  -4.237  7.717   1.00 30.08 ? 1404 HOH A O   1 
HETATM 1370 O O   . HOH I 5 .   ? -4.097  20.155  -1.394  1.00 29.53 ? 1405 HOH A O   1 
HETATM 1371 O O   . HOH I 5 .   ? -1.712  -10.261 -11.136 1.00 41.12 ? 1406 HOH A O   1 
HETATM 1372 O O   . HOH I 5 .   ? 4.291   -22.976 4.561   1.00 38.26 ? 1407 HOH A O   1 
HETATM 1373 O O   . HOH I 5 .   ? -19.044 2.946   -7.140  1.00 34.40 ? 1408 HOH A O   1 
HETATM 1374 O O   . HOH I 5 .   ? -9.780  0.837   3.155   1.00 28.03 ? 1409 HOH A O   1 
HETATM 1375 O O   . HOH I 5 .   ? -7.179  5.815   -12.891 1.00 19.29 ? 1410 HOH A O   1 
HETATM 1376 O O   . HOH I 5 .   ? -23.416 9.316   -2.626  1.00 33.35 ? 1411 HOH A O   1 
HETATM 1377 O O   . HOH I 5 .   ? 7.211   8.137   4.654   1.00 26.81 ? 1412 HOH A O   1 
HETATM 1378 O O   . HOH I 5 .   ? 5.909   -20.740 -0.128  1.00 34.01 ? 1413 HOH A O   1 
HETATM 1379 O O   . HOH I 5 .   ? -1.189  3.334   7.372   1.00 32.98 ? 1414 HOH A O   1 
HETATM 1380 O O   . HOH I 5 .   ? 17.159  1.323   -0.548  1.00 32.52 ? 1415 HOH A O   1 
HETATM 1381 O O   . HOH I 5 .   ? 20.201  -8.064  12.271  1.00 51.95 ? 1416 HOH A O   1 
HETATM 1382 O O   . HOH I 5 .   ? -14.944 16.444  -3.610  1.00 37.24 ? 1417 HOH A O   1 
HETATM 1383 O O   . HOH I 5 .   ? 3.394   4.678   -9.108  1.00 30.16 ? 1418 HOH A O   1 
HETATM 1384 O O   . HOH I 5 .   ? 10.116  -1.808  3.678   1.00 14.28 ? 1419 HOH A O   1 
HETATM 1385 O O   . HOH I 5 .   ? 10.488  5.552   10.223  1.00 45.31 ? 1420 HOH A O   1 
HETATM 1386 O O   . HOH I 5 .   ? 11.097  -17.158 -2.634  1.00 13.56 ? 1421 HOH A O   1 
HETATM 1387 O O   . HOH I 5 .   ? -4.170  -2.345  -17.662 1.00 30.15 ? 1422 HOH A O   1 
HETATM 1388 O O   . HOH I 5 .   ? 3.809   -24.040 10.085  0.78 42.73 ? 1423 HOH A O   1 
HETATM 1389 O O   . HOH I 5 .   ? -6.876  20.030  -12.679 0.78 45.70 ? 1424 HOH A O   1 
HETATM 1390 O O   . HOH I 5 .   ? -5.624  19.643  10.769  1.00 34.51 ? 1425 HOH A O   1 
HETATM 1391 O O   . HOH I 5 .   ? 5.011   1.209   8.606   1.00 28.10 ? 1426 HOH A O   1 
HETATM 1392 O O   . HOH I 5 .   ? 13.161  5.730   -1.104  1.00 22.60 ? 1427 HOH A O   1 
HETATM 1393 O O   . HOH I 5 .   ? 17.104  2.410   3.385   1.00 35.97 ? 1428 HOH A O   1 
HETATM 1394 O O   . HOH I 5 .   ? 16.922  -1.292  8.326   1.00 54.73 ? 1429 HOH A O   1 
HETATM 1395 O O   . HOH I 5 .   ? 12.498  -3.662  5.443   1.00 18.26 ? 1430 HOH A O   1 
HETATM 1396 O O   . HOH I 5 .   ? -11.013 8.039   -11.386 1.00 25.95 ? 1431 HOH A O   1 
HETATM 1397 O O   . HOH I 5 .   ? -12.822 -2.880  -12.069 1.00 19.32 ? 1432 HOH A O   1 
HETATM 1398 O O   . HOH I 5 .   ? 19.092  -2.223  1.799   1.00 44.70 ? 1433 HOH A O   1 
HETATM 1399 O O   . HOH I 5 .   ? 24.375  -13.226 11.925  1.00 51.11 ? 1434 HOH A O   1 
HETATM 1400 O O   . HOH I 5 .   ? -8.215  12.287  6.551   1.00 22.00 ? 1435 HOH A O   1 
HETATM 1401 O O   . HOH I 5 .   ? -16.503 -2.388  -0.910  1.00 53.96 ? 1436 HOH A O   1 
HETATM 1402 O O   . HOH I 5 .   ? 18.046  -13.506 16.444  1.00 44.78 ? 1437 HOH A O   1 
HETATM 1403 O O   . HOH I 5 .   ? -6.654  -14.585 -6.710  1.00 56.79 ? 1438 HOH A O   1 
HETATM 1404 O O   . HOH I 5 .   ? -0.427  -8.947  -12.381 1.00 30.53 ? 1439 HOH A O   1 
HETATM 1405 O O   . HOH I 5 .   ? -1.791  10.013  -9.902  1.00 42.04 ? 1440 HOH A O   1 
HETATM 1406 O O   . HOH I 5 .   ? -4.614  -6.039  6.744   1.00 37.54 ? 1441 HOH A O   1 
HETATM 1407 O O   . HOH I 5 .   ? -3.415  -5.256  -11.263 1.00 32.57 ? 1442 HOH A O   1 
HETATM 1408 O O   . HOH I 5 .   ? -29.512 10.909  -4.617  1.00 34.54 ? 1443 HOH A O   1 
HETATM 1409 O O   . HOH I 5 .   ? 15.032  -15.450 9.868   1.00 28.47 ? 1444 HOH A O   1 
HETATM 1410 O O   . HOH I 5 .   ? 9.615   11.332  -1.658  1.00 34.25 ? 1445 HOH A O   1 
HETATM 1411 O O   . HOH I 5 .   ? -10.629 -7.329  0.061   1.00 47.53 ? 1446 HOH A O   1 
HETATM 1412 O O   . HOH I 5 .   ? -9.769  -3.794  3.814   1.00 40.96 ? 1447 HOH A O   1 
HETATM 1413 O O   . HOH I 5 .   ? -5.161  9.583   -14.213 1.00 42.41 ? 1448 HOH A O   1 
HETATM 1414 O O   . HOH I 5 .   ? 4.726   2.875   -7.901  1.00 37.16 ? 1449 HOH A O   1 
HETATM 1415 O O   . HOH I 5 .   ? 23.431  -12.773 2.868   1.00 59.72 ? 1450 HOH A O   1 
HETATM 1416 O O   . HOH I 5 .   ? -1.167  -15.333 14.179  1.00 57.87 ? 1451 HOH A O   1 
HETATM 1417 O O   . HOH I 5 .   ? 14.234  -3.463  13.285  1.00 48.43 ? 1452 HOH A O   1 
HETATM 1418 O O   . HOH I 5 .   ? -1.335  5.270   8.968   1.00 51.92 ? 1453 HOH A O   1 
HETATM 1419 O O   . HOH I 5 .   ? -11.098 7.560   -17.214 1.00 38.74 ? 1454 HOH A O   1 
HETATM 1420 O O   . HOH I 5 .   ? -1.491  -14.903 3.079   1.00 49.38 ? 1455 HOH A O   1 
HETATM 1421 O O   . HOH I 5 .   ? -24.685 13.478  -3.626  1.00 19.69 ? 1456 HOH A O   1 
HETATM 1422 O O   . HOH I 5 .   ? -5.001  -12.616 -7.540  1.00 51.07 ? 1457 HOH A O   1 
HETATM 1423 O O   . HOH I 5 .   ? -0.646  10.374  -12.945 1.00 61.90 ? 1458 HOH A O   1 
HETATM 1424 O O   . HOH I 5 .   ? 10.234  8.288   10.821  1.00 37.81 ? 1459 HOH A O   1 
HETATM 1425 O O   . HOH I 5 .   ? 16.063  -16.799 6.461   1.00 43.12 ? 1460 HOH A O   1 
HETATM 1426 O O   . HOH I 5 .   ? -18.023 3.092   -2.114  1.00 42.41 ? 1461 HOH A O   1 
HETATM 1427 O O   . HOH I 5 .   ? -11.086 -6.239  -7.896  1.00 43.35 ? 1462 HOH A O   1 
HETATM 1428 O O   . HOH I 5 .   ? -2.111  -15.572 -10.806 1.00 37.85 ? 1463 HOH A O   1 
HETATM 1429 O O   . HOH I 5 .   ? 9.437   -5.272  -8.832  1.00 25.36 ? 1464 HOH A O   1 
HETATM 1430 O O   . HOH I 5 .   ? -21.362 15.484  -11.850 1.00 56.98 ? 1465 HOH A O   1 
HETATM 1431 O O   . HOH I 5 .   ? 15.682  4.768   -0.378  1.00 23.57 ? 1466 HOH A O   1 
HETATM 1432 O O   . HOH I 5 .   ? -20.993 3.691   -2.262  1.00 66.10 ? 1467 HOH A O   1 
HETATM 1433 O O   . HOH I 5 .   ? 14.444  -3.652  7.617   1.00 28.28 ? 1468 HOH A O   1 
HETATM 1434 O O   . HOH I 5 .   ? -6.064  -0.082  8.117   1.00 29.01 ? 1469 HOH A O   1 
HETATM 1435 O O   . HOH I 5 .   ? -7.429  7.698   -15.063 1.00 43.55 ? 1470 HOH A O   1 
HETATM 1436 O O   . HOH I 5 .   ? -11.369 -7.589  -12.115 1.00 62.32 ? 1471 HOH A O   1 
HETATM 1437 O O   . HOH I 5 .   ? -17.748 1.582   -4.969  1.00 40.22 ? 1472 HOH A O   1 
HETATM 1438 O O   . HOH I 5 .   ? 11.547  5.711   -5.658  1.00 37.43 ? 1473 HOH A O   1 
HETATM 1439 O O   . HOH I 5 .   ? -5.309  12.868  -11.944 1.00 52.88 ? 1474 HOH A O   1 
HETATM 1440 O O   . HOH I 5 .   ? -11.350 -6.494  -14.402 1.00 44.52 ? 1475 HOH A O   1 
HETATM 1441 O O   . HOH I 5 .   ? -10.114 -8.747  -6.974  1.00 35.45 ? 1476 HOH A O   1 
HETATM 1442 O O   . HOH I 5 .   ? -8.960  -11.816 -1.282  1.00 30.06 ? 1477 HOH A O   1 
HETATM 1443 O O   . HOH I 5 .   ? 7.747   4.723   -8.446  1.00 51.91 ? 1478 HOH A O   1 
HETATM 1444 O O   . HOH I 5 .   ? -17.861 8.743   3.095   1.00 55.02 ? 1479 HOH A O   1 
HETATM 1445 O O   . HOH I 5 .   ? -6.151  -17.560 -3.048  1.00 44.52 ? 1480 HOH A O   1 
HETATM 1446 O O   . HOH I 5 .   ? -1.951  -4.509  -16.340 1.00 49.68 ? 1481 HOH A O   1 
HETATM 1447 O O   . HOH I 5 .   ? -3.991  -13.312 2.980   1.00 60.60 ? 1482 HOH A O   1 
HETATM 1448 O O   . HOH I 5 .   ? -14.003 -4.287  -10.097 1.00 28.66 ? 1483 HOH A O   1 
HETATM 1449 O O   . HOH I 5 .   ? -11.987 1.594   2.622   1.00 38.13 ? 1484 HOH A O   1 
HETATM 1450 O O   . HOH I 5 .   ? -21.667 14.109  1.593   1.00 48.98 ? 1485 HOH A O   1 
HETATM 1451 O O   . HOH I 5 .   ? -16.920 -3.004  -6.011  1.00 61.53 ? 1486 HOH A O   1 
HETATM 1452 O O   . HOH I 5 .   ? -11.482 -10.153 -4.337  1.00 39.25 ? 1487 HOH A O   1 
HETATM 1453 O O   . HOH I 5 .   ? -10.375 -6.212  1.900   1.00 69.14 ? 1488 HOH A O   1 
HETATM 1454 O O   . HOH I 5 .   ? -9.040  12.682  8.727   1.00 70.12 ? 1489 HOH A O   1 
HETATM 1455 O O   . HOH I 5 .   ? -7.690  5.558   8.227   1.00 45.70 ? 1490 HOH A O   1 
HETATM 1456 O O   . HOH I 5 .   ? -3.737  4.060   8.365   1.00 44.45 ? 1491 HOH A O   1 
HETATM 1457 O O   . HOH I 5 .   ? -8.492  3.668   -18.531 1.00 44.30 ? 1492 HOH A O   1 
HETATM 1458 O O   . HOH I 5 .   ? -9.389  10.091  -12.780 0.78 34.36 ? 1493 HOH A O   1 
HETATM 1459 O O   . HOH I 5 .   ? 6.657   0.148   -10.335 1.00 49.57 ? 1494 HOH A O   1 
HETATM 1460 O O   . HOH I 5 .   ? -8.234  15.300  -14.413 0.78 60.54 ? 1495 HOH A O   1 
HETATM 1461 O O   . HOH I 5 .   ? -5.822  -8.164  -11.692 1.00 48.19 ? 1496 HOH A O   1 
HETATM 1462 O O   . HOH I 5 .   ? 7.991   -11.833 -5.257  1.00 17.06 ? 1497 HOH A O   1 
HETATM 1463 O O   . HOH I 5 .   ? -8.712  -9.789  -7.986  1.00 52.74 ? 1498 HOH A O   1 
HETATM 1464 O O   . HOH I 5 .   ? 20.242  -3.383  3.785   1.00 54.73 ? 1499 HOH A O   1 
HETATM 1465 O O   . HOH I 5 .   ? -8.692  -0.680  -17.856 1.00 51.42 ? 1500 HOH A O   1 
HETATM 1466 O O   . HOH I 5 .   ? -18.052 4.650   0.457   1.00 41.56 ? 1501 HOH A O   1 
HETATM 1467 O O   . HOH I 5 .   ? -8.196  -11.871 1.600   1.00 39.94 ? 1502 HOH A O   1 
HETATM 1468 O O   . HOH I 5 .   ? -9.656  1.344   6.194   1.00 47.34 ? 1503 HOH A O   1 
HETATM 1469 O O   . HOH I 5 .   ? -5.834  9.535   8.185   1.00 25.81 ? 1504 HOH A O   1 
HETATM 1470 O O   . HOH I 5 .   ? -7.989  7.664   7.722   1.00 29.77 ? 1505 HOH A O   1 
HETATM 1471 O O   . HOH I 5 .   ? -13.487 16.582  -7.328  0.78 43.50 ? 1506 HOH A O   1 
HETATM 1472 O O   . HOH I 5 .   ? 12.179  3.400   -7.785  1.00 51.31 ? 1507 HOH A O   1 
HETATM 1473 O O   . HOH I 5 .   ? 17.459  5.233   1.521   1.00 28.76 ? 1508 HOH A O   1 
HETATM 1474 O O   . HOH I 5 .   ? 16.266  5.805   6.831   1.00 45.15 ? 1509 HOH A O   1 
HETATM 1475 O O   . HOH I 5 .   ? -1.312  3.586   -16.520 1.00 34.60 ? 1510 HOH A O   1 
HETATM 1476 O O   . HOH I 5 .   ? -4.954  5.887   9.178   1.00 47.60 ? 1511 HOH A O   1 
HETATM 1477 O O   . HOH I 5 .   ? -9.152  -13.880 -3.041  1.00 34.34 ? 1512 HOH A O   1 
HETATM 1478 O O   . HOH I 5 .   ? 3.886   4.810   -11.766 1.00 39.95 ? 1513 HOH A O   1 
HETATM 1479 O O   . HOH I 5 .   ? -0.782  -14.423 5.846   1.00 38.97 ? 1514 HOH A O   1 
HETATM 1480 O O   . HOH I 5 .   ? 7.483   -22.741 -0.583  1.00 52.00 ? 1515 HOH A O   1 
HETATM 1481 O O   . HOH I 5 .   ? -12.235 3.138   6.797   1.00 52.91 ? 1516 HOH A O   1 
HETATM 1482 O O   . HOH I 5 .   ? -5.848  -10.922 -8.746  1.00 50.80 ? 1517 HOH A O   1 
HETATM 1483 O O   . HOH I 5 .   ? -22.211 6.272   -11.870 1.00 24.57 ? 1518 HOH A O   1 
HETATM 1484 O O   . HOH I 5 .   ? 10.153  -0.624  -7.358  1.00 39.83 ? 1519 HOH A O   1 
HETATM 1485 O O   . HOH I 5 .   ? -13.062 3.284   4.326   1.00 50.53 ? 1520 HOH A O   1 
HETATM 1486 O O   . HOH I 5 .   ? -3.276  -7.723  -11.073 1.00 37.62 ? 1521 HOH A O   1 
HETATM 1487 O O   . HOH I 5 .   ? 12.287  -2.625  14.534  1.00 54.92 ? 1522 HOH A O   1 
HETATM 1488 O O   . HOH I 5 .   ? -17.286 1.349   -0.632  1.00 59.62 ? 1523 HOH A O   1 
HETATM 1489 O O   . HOH I 5 .   ? -6.726  11.188  10.271  1.00 37.49 ? 1524 HOH A O   1 
HETATM 1490 O O   . HOH I 5 .   ? -10.916 -12.657 -5.054  1.00 46.01 ? 1525 HOH A O   1 
HETATM 1491 O O   . HOH I 5 .   ? -9.499  -12.935 -7.257  1.00 52.93 ? 1526 HOH A O   1 
HETATM 1492 O O   . HOH I 5 .   ? 9.170   2.789   -9.075  1.00 58.28 ? 1527 HOH A O   1 
# 
